data_2DUT
#
_entry.id   2DUT
#
_cell.length_a   182.559
_cell.length_b   182.559
_cell.length_c   96.723
_cell.angle_alpha   90.00
_cell.angle_beta   90.00
_cell.angle_gamma   120.00
#
_symmetry.space_group_name_H-M   'P 32'
#
loop_
_entity.id
_entity.type
_entity.pdbx_description
1 polymer 'Heterochromatin-associated protein MENT'
2 water water
#
_entity_poly.entity_id   1
_entity_poly.type   'polypeptide(L)'
_entity_poly.pdbx_seq_one_letter_code
;MGGSHHHHHHGMASMTGGQQMGRDLYDDDDKDRWGSELEISMEQVSASIGNFTVDLFNKLNETNRDKNIFFSPWSISSAL
ALTYLAAKGSTAREMAEVLHFEQAENIHSGFKELLTAFNKPRNNYSLRSANRIYVEKTYALLPTYLQLSKKYYKAEPQKV
NFKTAPEQSRKEINTWVEKQTESKIKNLLSSDDVKATTRLILVNAIYFKAEWEVKFQAEKTSIQPFRLSKNKSKPVKMMY
MRDTFPVLIMEKMNFKMIELPYVKRELSMFILLPDDIKDGTTGLEQLERELTYERLSEWADSKMMTETLVDLHLPKFSLE
DRIDLRDTLRNMGMTTAFTTNADFRGMTDKKDLAISKVIHQSFVAVDEKGTEAAAATAVIISFTTSVINHVLKFKVDHPF
HFFIRHNKSKTILFFGRFCCPVE
;
_entity_poly.pdbx_strand_id   A,B,C,D
#
# COMPACT_ATOMS: atom_id res chain seq x y z
N MET A 42 24.58 -7.95 -34.99
CA MET A 42 24.21 -9.31 -34.54
C MET A 42 24.06 -9.39 -33.02
N GLU A 43 24.93 -8.70 -32.29
CA GLU A 43 24.91 -8.70 -30.83
C GLU A 43 23.86 -7.79 -30.20
N GLN A 44 23.08 -7.12 -31.06
CA GLN A 44 22.04 -6.20 -30.59
C GLN A 44 20.68 -6.88 -30.64
N VAL A 45 20.48 -7.68 -31.70
CA VAL A 45 19.24 -8.39 -31.91
C VAL A 45 19.11 -9.56 -30.95
N SER A 46 20.22 -10.28 -30.79
CA SER A 46 20.25 -11.44 -29.91
C SER A 46 19.81 -11.10 -28.50
N ALA A 47 20.03 -9.85 -28.10
CA ALA A 47 19.62 -9.42 -26.78
C ALA A 47 18.12 -9.17 -26.84
N SER A 48 17.66 -8.60 -27.95
CA SER A 48 16.25 -8.34 -28.13
C SER A 48 15.51 -9.63 -27.91
N ILE A 49 15.83 -10.62 -28.72
CA ILE A 49 15.19 -11.90 -28.57
C ILE A 49 15.32 -12.28 -27.11
N GLY A 50 16.56 -12.36 -26.65
CA GLY A 50 16.83 -12.70 -25.26
C GLY A 50 15.82 -12.17 -24.27
N ASN A 51 15.45 -10.91 -24.44
CA ASN A 51 14.48 -10.34 -23.54
C ASN A 51 13.09 -10.79 -23.95
N PHE A 52 12.74 -10.61 -25.22
CA PHE A 52 11.43 -11.02 -25.65
C PHE A 52 11.12 -12.38 -25.13
N THR A 53 12.12 -13.26 -25.12
CA THR A 53 11.98 -14.64 -24.66
C THR A 53 11.54 -14.69 -23.22
N VAL A 54 12.37 -14.18 -22.32
CA VAL A 54 12.01 -14.22 -20.90
C VAL A 54 10.62 -13.67 -20.67
N ASP A 55 10.28 -12.61 -21.39
CA ASP A 55 8.96 -12.01 -21.22
C ASP A 55 7.86 -12.93 -21.72
N LEU A 56 7.94 -13.27 -22.99
CA LEU A 56 6.96 -14.17 -23.57
C LEU A 56 6.76 -15.30 -22.57
N PHE A 57 7.86 -15.86 -22.10
CA PHE A 57 7.80 -16.94 -21.15
C PHE A 57 6.93 -16.59 -19.98
N ASN A 58 7.37 -15.63 -19.16
CA ASN A 58 6.57 -15.25 -18.00
C ASN A 58 5.09 -15.20 -18.38
N LYS A 59 4.70 -14.38 -19.34
CA LYS A 59 3.29 -14.31 -19.74
C LYS A 59 2.69 -15.70 -19.83
N LEU A 60 3.08 -16.44 -20.85
CA LEU A 60 2.56 -17.80 -21.05
C LEU A 60 2.41 -18.52 -19.71
N ASN A 61 3.39 -18.30 -18.85
CA ASN A 61 3.42 -18.91 -17.53
C ASN A 61 2.19 -18.53 -16.73
N GLU A 62 1.99 -17.24 -16.55
CA GLU A 62 0.88 -16.71 -15.77
C GLU A 62 -0.40 -17.50 -15.99
N THR A 63 -0.76 -17.77 -17.24
CA THR A 63 -1.97 -18.53 -17.53
C THR A 63 -1.83 -19.96 -17.03
N ASN A 64 -0.76 -20.61 -17.46
CA ASN A 64 -0.48 -21.99 -17.11
C ASN A 64 0.59 -22.13 -16.05
N ARG A 65 0.32 -21.64 -14.83
CA ARG A 65 1.30 -21.73 -13.76
C ARG A 65 1.58 -23.21 -13.49
N ASP A 66 0.83 -24.08 -14.16
CA ASP A 66 0.94 -25.53 -14.00
C ASP A 66 1.15 -26.38 -15.27
N LYS A 67 1.77 -25.80 -16.29
CA LYS A 67 2.04 -26.52 -17.53
C LYS A 67 3.55 -26.47 -17.88
N ASN A 68 3.92 -27.22 -18.91
CA ASN A 68 5.31 -27.25 -19.37
C ASN A 68 5.41 -26.24 -20.50
N ILE A 69 6.08 -25.12 -20.24
CA ILE A 69 6.20 -24.09 -21.23
C ILE A 69 7.32 -24.37 -22.22
N PHE A 70 7.01 -24.18 -23.51
CA PHE A 70 7.96 -24.39 -24.59
C PHE A 70 7.64 -23.57 -25.85
N PHE A 71 8.67 -23.01 -26.48
CA PHE A 71 8.48 -22.20 -27.70
C PHE A 71 9.82 -21.79 -28.30
N SER A 72 9.81 -21.29 -29.53
CA SER A 72 11.04 -20.85 -30.18
C SER A 72 11.05 -19.34 -30.19
N PRO A 73 11.57 -18.73 -29.14
CA PRO A 73 11.57 -17.27 -29.12
C PRO A 73 12.13 -16.72 -30.42
N TRP A 74 13.11 -17.42 -30.99
CA TRP A 74 13.72 -16.98 -32.24
C TRP A 74 12.78 -17.10 -33.42
N SER A 75 11.91 -18.09 -33.39
CA SER A 75 11.01 -18.29 -34.51
C SER A 75 9.82 -17.39 -34.42
N ILE A 76 9.76 -16.56 -33.40
CA ILE A 76 8.63 -15.66 -33.27
C ILE A 76 9.00 -14.21 -33.52
N SER A 77 10.13 -13.77 -32.94
CA SER A 77 10.57 -12.40 -33.14
C SER A 77 10.79 -12.32 -34.64
N SER A 78 11.49 -13.33 -35.14
CA SER A 78 11.80 -13.45 -36.56
C SER A 78 10.55 -13.31 -37.42
N ALA A 79 9.52 -14.09 -37.08
CA ALA A 79 8.28 -14.07 -37.84
C ALA A 79 7.53 -12.77 -37.61
N LEU A 80 7.63 -12.22 -36.40
CA LEU A 80 6.95 -10.98 -36.08
C LEU A 80 7.70 -9.81 -36.70
N ALA A 81 8.99 -10.00 -36.95
CA ALA A 81 9.80 -8.96 -37.58
C ALA A 81 9.16 -8.59 -38.92
N LEU A 82 8.72 -9.60 -39.68
CA LEU A 82 8.06 -9.40 -40.97
C LEU A 82 6.98 -8.35 -40.93
N THR A 83 5.88 -8.65 -40.24
CA THR A 83 4.79 -7.69 -40.14
C THR A 83 5.43 -6.38 -39.72
N TYR A 84 6.29 -6.44 -38.72
CA TYR A 84 6.98 -5.28 -38.20
C TYR A 84 7.61 -4.44 -39.29
N LEU A 85 8.22 -5.10 -40.25
CA LEU A 85 8.85 -4.46 -41.40
C LEU A 85 7.73 -3.98 -42.33
N ALA A 86 6.56 -3.69 -41.74
CA ALA A 86 5.40 -3.23 -42.48
C ALA A 86 4.47 -2.58 -41.50
N ALA A 87 4.99 -2.33 -40.29
CA ALA A 87 4.23 -1.71 -39.21
C ALA A 87 4.76 -0.30 -38.95
N LYS A 88 4.01 0.70 -39.40
CA LYS A 88 4.42 2.10 -39.25
C LYS A 88 3.63 2.82 -38.15
N GLY A 89 4.11 4.00 -37.76
CA GLY A 89 3.43 4.78 -36.74
C GLY A 89 3.41 4.26 -35.32
N SER A 90 2.19 3.99 -34.82
CA SER A 90 2.02 3.50 -33.46
C SER A 90 1.95 2.00 -33.37
N THR A 91 1.54 1.35 -34.44
CA THR A 91 1.48 -0.10 -34.43
C THR A 91 2.91 -0.57 -34.20
N ALA A 92 3.86 0.15 -34.78
CA ALA A 92 5.26 -0.19 -34.64
C ALA A 92 5.77 0.13 -33.26
N ARG A 93 5.65 1.39 -32.84
CA ARG A 93 6.13 1.81 -31.53
C ARG A 93 5.80 0.81 -30.43
N GLU A 94 4.69 0.07 -30.61
CA GLU A 94 4.27 -0.94 -29.65
C GLU A 94 4.97 -2.27 -29.92
N MET A 95 4.94 -2.72 -31.19
CA MET A 95 5.58 -3.97 -31.58
C MET A 95 7.04 -3.92 -31.13
N ALA A 96 7.68 -2.78 -31.35
CA ALA A 96 9.07 -2.59 -30.95
C ALA A 96 9.22 -2.84 -29.46
N GLU A 97 8.35 -2.21 -28.67
CA GLU A 97 8.38 -2.38 -27.23
C GLU A 97 8.30 -3.87 -26.87
N VAL A 98 7.34 -4.58 -27.47
CA VAL A 98 7.12 -6.00 -27.19
C VAL A 98 8.28 -6.92 -27.56
N LEU A 99 8.68 -6.89 -28.81
CA LEU A 99 9.80 -7.70 -29.27
C LEU A 99 11.11 -7.15 -28.70
N HIS A 100 11.04 -5.98 -28.07
CA HIS A 100 12.21 -5.31 -27.51
C HIS A 100 13.12 -4.72 -28.55
N PHE A 101 12.62 -3.80 -29.35
CA PHE A 101 13.46 -3.23 -30.38
C PHE A 101 14.00 -1.88 -29.95
N ILE A 107 19.97 -1.55 -38.35
CA ILE A 107 19.34 -2.28 -37.24
C ILE A 107 18.71 -3.61 -37.72
N HIS A 108 17.84 -3.51 -38.72
CA HIS A 108 17.09 -4.63 -39.30
C HIS A 108 17.85 -5.80 -39.96
N SER A 109 19.15 -5.63 -40.21
CA SER A 109 19.97 -6.68 -40.84
C SER A 109 20.41 -7.73 -39.83
N GLY A 110 20.01 -7.52 -38.58
CA GLY A 110 20.36 -8.47 -37.53
C GLY A 110 19.73 -9.82 -37.83
N PHE A 111 18.66 -9.80 -38.61
CA PHE A 111 17.98 -11.04 -38.98
C PHE A 111 18.63 -11.62 -40.21
N LYS A 112 18.94 -10.80 -41.20
CA LYS A 112 19.60 -11.30 -42.39
C LYS A 112 20.90 -11.97 -41.92
N GLU A 113 21.67 -11.23 -41.12
CA GLU A 113 22.94 -11.72 -40.58
C GLU A 113 22.79 -13.04 -39.82
N LEU A 114 21.78 -13.14 -38.95
CA LEU A 114 21.58 -14.37 -38.20
C LEU A 114 20.87 -15.41 -39.04
N LEU A 115 19.96 -14.94 -39.88
CA LEU A 115 19.21 -15.85 -40.73
C LEU A 115 20.09 -16.72 -41.60
N THR A 116 21.11 -16.13 -42.22
CA THR A 116 22.01 -16.91 -43.05
C THR A 116 22.87 -17.75 -42.11
N ALA A 117 23.54 -17.08 -41.17
CA ALA A 117 24.40 -17.77 -40.22
C ALA A 117 23.88 -19.18 -39.98
N PHE A 118 22.63 -19.26 -39.51
CA PHE A 118 21.97 -20.52 -39.21
C PHE A 118 21.66 -21.38 -40.40
N ASN A 119 20.78 -20.87 -41.25
CA ASN A 119 20.34 -21.57 -42.45
C ASN A 119 21.45 -21.81 -43.47
N LYS A 120 22.38 -20.86 -43.58
CA LYS A 120 23.50 -21.02 -44.51
C LYS A 120 24.17 -22.33 -44.08
N PRO A 121 25.39 -22.28 -43.54
CA PRO A 121 25.63 -23.70 -43.28
C PRO A 121 25.47 -23.98 -41.78
N ARG A 122 26.50 -23.59 -41.03
CA ARG A 122 26.50 -23.84 -39.60
C ARG A 122 25.98 -25.26 -39.64
N ASN A 123 26.62 -26.07 -40.49
CA ASN A 123 26.24 -27.46 -40.65
C ASN A 123 26.27 -28.11 -39.29
N ASN A 124 25.79 -29.35 -39.20
CA ASN A 124 25.79 -30.09 -37.93
C ASN A 124 24.51 -29.88 -37.11
N TYR A 125 23.54 -29.20 -37.72
CA TYR A 125 22.25 -28.96 -37.10
C TYR A 125 21.38 -28.40 -38.20
N SER A 126 20.14 -28.83 -38.24
CA SER A 126 19.22 -28.35 -39.26
C SER A 126 18.22 -27.42 -38.63
N LEU A 127 18.15 -26.18 -39.08
CA LEU A 127 17.20 -25.23 -38.50
C LEU A 127 16.18 -24.72 -39.52
N ARG A 128 15.47 -25.65 -40.14
CA ARG A 128 14.45 -25.33 -41.13
C ARG A 128 13.32 -24.68 -40.38
N SER A 129 12.89 -23.55 -40.93
CA SER A 129 11.83 -22.75 -40.33
C SER A 129 10.85 -22.35 -41.43
N ALA A 130 9.66 -21.90 -41.05
CA ALA A 130 8.69 -21.47 -42.06
C ALA A 130 7.89 -20.28 -41.55
N ASN A 131 8.31 -19.07 -41.93
CA ASN A 131 7.62 -17.84 -41.52
C ASN A 131 7.16 -17.15 -42.80
N ARG A 132 5.88 -16.79 -42.87
CA ARG A 132 5.32 -16.16 -44.07
C ARG A 132 4.11 -15.26 -43.75
N ILE A 133 3.67 -14.47 -44.72
CA ILE A 133 2.52 -13.61 -44.47
C ILE A 133 1.48 -13.90 -45.54
N TYR A 134 0.30 -14.34 -45.12
CA TYR A 134 -0.75 -14.62 -46.10
C TYR A 134 -1.87 -13.58 -46.01
N VAL A 135 -2.09 -12.87 -47.10
CA VAL A 135 -3.12 -11.82 -47.17
C VAL A 135 -4.19 -12.19 -48.20
N GLU A 136 -5.34 -11.50 -48.21
CA GLU A 136 -6.33 -11.86 -49.23
C GLU A 136 -5.91 -11.31 -50.58
N LYS A 137 -6.39 -11.97 -51.64
CA LYS A 137 -6.07 -11.62 -53.02
C LYS A 137 -6.38 -10.16 -53.29
N THR A 138 -7.36 -9.64 -52.54
CA THR A 138 -7.83 -8.26 -52.64
C THR A 138 -6.85 -7.15 -52.23
N TYR A 139 -6.30 -7.25 -51.04
CA TYR A 139 -5.37 -6.23 -50.55
C TYR A 139 -4.20 -5.92 -51.47
N ALA A 140 -3.61 -4.73 -51.30
CA ALA A 140 -2.52 -4.25 -52.14
C ALA A 140 -1.10 -4.21 -51.54
N LEU A 141 -0.15 -4.89 -52.19
CA LEU A 141 1.22 -4.93 -51.71
C LEU A 141 2.14 -3.85 -52.33
N LEU A 142 2.71 -3.01 -51.46
CA LEU A 142 3.60 -1.92 -51.87
C LEU A 142 5.04 -2.41 -52.01
N PRO A 143 5.44 -2.80 -53.24
CA PRO A 143 6.76 -3.31 -53.60
C PRO A 143 7.92 -3.15 -52.61
N THR A 144 8.16 -1.94 -52.13
CA THR A 144 9.27 -1.73 -51.22
C THR A 144 9.28 -2.83 -50.17
N TYR A 145 8.10 -3.16 -49.63
CA TYR A 145 8.03 -4.21 -48.62
C TYR A 145 8.58 -5.51 -49.23
N LEU A 146 8.12 -5.83 -50.43
CA LEU A 146 8.56 -7.04 -51.12
C LEU A 146 10.06 -7.03 -51.34
N GLN A 147 10.58 -5.86 -51.70
CA GLN A 147 12.00 -5.73 -51.95
C GLN A 147 12.74 -6.06 -50.66
N LEU A 148 12.22 -5.57 -49.55
CA LEU A 148 12.84 -5.76 -48.26
C LEU A 148 12.68 -7.14 -47.64
N SER A 149 11.47 -7.69 -47.70
CA SER A 149 11.26 -9.00 -47.13
C SER A 149 12.15 -9.97 -47.88
N LYS A 150 12.09 -9.91 -49.21
CA LYS A 150 12.90 -10.78 -50.03
C LYS A 150 14.37 -10.56 -49.67
N LYS A 151 14.73 -9.29 -49.50
CA LYS A 151 16.10 -8.93 -49.15
C LYS A 151 16.62 -9.55 -47.85
N TYR A 152 15.95 -9.30 -46.74
CA TYR A 152 16.41 -9.85 -45.47
C TYR A 152 15.92 -11.24 -45.14
N TYR A 153 14.64 -11.45 -45.41
CA TYR A 153 14.00 -12.69 -45.04
C TYR A 153 13.77 -13.77 -46.07
N LYS A 154 14.52 -13.77 -47.16
CA LYS A 154 14.36 -14.79 -48.18
C LYS A 154 12.94 -15.36 -48.07
N ALA A 155 11.95 -14.47 -48.04
CA ALA A 155 10.56 -14.86 -47.94
C ALA A 155 9.67 -13.76 -48.53
N GLU A 156 8.65 -14.19 -49.25
CA GLU A 156 7.72 -13.29 -49.91
C GLU A 156 6.29 -13.50 -49.42
N PRO A 157 5.56 -12.41 -49.13
CA PRO A 157 4.17 -12.52 -48.67
C PRO A 157 3.35 -13.06 -49.82
N GLN A 158 2.55 -14.08 -49.58
CA GLN A 158 1.76 -14.65 -50.65
C GLN A 158 0.33 -14.17 -50.52
N LYS A 159 -0.20 -13.59 -51.59
CA LYS A 159 -1.57 -13.09 -51.58
C LYS A 159 -2.48 -14.27 -51.86
N VAL A 160 -3.39 -14.57 -50.93
CA VAL A 160 -4.31 -15.69 -51.14
C VAL A 160 -5.79 -15.28 -51.09
N ASN A 161 -6.66 -16.19 -51.52
CA ASN A 161 -8.09 -15.90 -51.52
C ASN A 161 -8.86 -16.40 -50.31
N PHE A 162 -8.95 -15.56 -49.29
CA PHE A 162 -9.67 -15.90 -48.08
C PHE A 162 -11.15 -15.61 -48.32
N LYS A 163 -11.40 -14.61 -49.17
CA LYS A 163 -12.74 -14.13 -49.53
C LYS A 163 -13.79 -15.19 -49.86
N THR A 164 -13.41 -16.19 -50.64
CA THR A 164 -14.36 -17.25 -50.99
C THR A 164 -13.75 -18.65 -51.11
N ALA A 165 -12.53 -18.81 -50.59
CA ALA A 165 -11.82 -20.09 -50.59
C ALA A 165 -11.09 -20.19 -49.26
N PRO A 166 -11.80 -19.91 -48.16
CA PRO A 166 -11.21 -19.96 -46.84
C PRO A 166 -10.67 -21.36 -46.53
N GLU A 167 -11.57 -22.35 -46.56
CA GLU A 167 -11.21 -23.73 -46.30
C GLU A 167 -10.12 -24.25 -47.24
N GLN A 168 -9.98 -23.63 -48.41
CA GLN A 168 -8.94 -24.04 -49.36
C GLN A 168 -7.63 -23.33 -49.05
N SER A 169 -7.69 -22.01 -49.04
CA SER A 169 -6.52 -21.23 -48.74
C SER A 169 -5.81 -21.95 -47.61
N ARG A 170 -6.55 -22.24 -46.56
CA ARG A 170 -6.00 -22.96 -45.42
C ARG A 170 -5.17 -24.17 -45.84
N LYS A 171 -5.81 -25.11 -46.53
CA LYS A 171 -5.08 -26.30 -46.96
C LYS A 171 -3.76 -25.86 -47.59
N GLU A 172 -3.82 -24.83 -48.43
CA GLU A 172 -2.62 -24.33 -49.11
C GLU A 172 -1.56 -23.98 -48.09
N ILE A 173 -1.96 -23.27 -47.04
CA ILE A 173 -1.07 -22.86 -45.96
C ILE A 173 -0.53 -24.07 -45.24
N ASN A 174 -1.43 -24.84 -44.64
CA ASN A 174 -1.04 -26.04 -43.91
C ASN A 174 -0.13 -26.93 -44.72
N THR A 175 -0.09 -26.72 -46.04
CA THR A 175 0.77 -27.54 -46.87
C THR A 175 2.16 -26.93 -46.94
N TRP A 176 2.23 -25.61 -47.15
CA TRP A 176 3.51 -24.92 -47.21
C TRP A 176 4.28 -25.24 -45.94
N VAL A 177 3.56 -25.20 -44.83
CA VAL A 177 4.14 -25.49 -43.53
C VAL A 177 4.73 -26.89 -43.61
N GLU A 178 3.89 -27.84 -43.97
CA GLU A 178 4.33 -29.22 -44.07
C GLU A 178 5.58 -29.38 -44.92
N LYS A 179 5.65 -28.68 -46.05
CA LYS A 179 6.80 -28.78 -46.95
C LYS A 179 8.05 -28.15 -46.35
N GLN A 180 7.89 -26.98 -45.74
CA GLN A 180 9.01 -26.26 -45.13
C GLN A 180 9.56 -26.85 -43.82
N THR A 181 8.81 -27.74 -43.19
CA THR A 181 9.25 -28.32 -41.92
C THR A 181 9.72 -29.76 -42.01
N GLU A 182 9.86 -30.25 -43.23
CA GLU A 182 10.28 -31.63 -43.46
C GLU A 182 9.16 -32.61 -43.11
N SER A 183 7.94 -32.12 -43.31
CA SER A 183 6.73 -32.91 -43.08
C SER A 183 6.44 -33.31 -41.64
N LYS A 184 7.03 -32.59 -40.67
CA LYS A 184 6.81 -32.92 -39.27
C LYS A 184 5.69 -32.12 -38.60
N ILE A 185 5.24 -31.03 -39.22
CA ILE A 185 4.15 -30.23 -38.67
C ILE A 185 2.93 -30.42 -39.58
N LYS A 186 1.92 -31.15 -39.10
CA LYS A 186 0.75 -31.40 -39.93
C LYS A 186 -0.16 -30.21 -40.18
N ASN A 187 -1.43 -30.39 -39.85
CA ASN A 187 -2.44 -29.37 -40.07
C ASN A 187 -2.36 -28.20 -39.08
N LEU A 188 -1.48 -27.26 -39.40
CA LEU A 188 -1.26 -26.09 -38.55
C LEU A 188 -2.52 -25.28 -38.30
N LEU A 189 -3.32 -25.09 -39.35
CA LEU A 189 -4.54 -24.32 -39.20
C LEU A 189 -5.81 -25.16 -39.23
N SER A 190 -6.72 -24.85 -38.31
CA SER A 190 -7.97 -25.57 -38.20
C SER A 190 -9.09 -24.79 -38.87
N SER A 191 -10.12 -25.51 -39.30
CA SER A 191 -11.27 -24.93 -39.98
C SER A 191 -11.73 -23.64 -39.32
N ASP A 192 -11.42 -23.52 -38.04
CA ASP A 192 -11.80 -22.37 -37.26
C ASP A 192 -10.77 -21.25 -37.33
N ASP A 193 -9.60 -21.57 -37.87
CA ASP A 193 -8.50 -20.62 -37.98
C ASP A 193 -8.49 -19.84 -39.28
N VAL A 194 -9.28 -20.31 -40.25
CA VAL A 194 -9.35 -19.65 -41.54
C VAL A 194 -10.83 -19.42 -41.91
N LYS A 195 -11.18 -18.15 -42.14
CA LYS A 195 -12.55 -17.79 -42.50
C LYS A 195 -12.56 -16.70 -43.58
N ALA A 196 -13.75 -16.34 -44.04
CA ALA A 196 -13.90 -15.30 -45.04
C ALA A 196 -13.68 -13.98 -44.32
N THR A 197 -13.75 -14.02 -42.99
CA THR A 197 -13.54 -12.84 -42.17
C THR A 197 -12.04 -12.62 -42.02
N THR A 198 -11.26 -13.66 -42.34
CA THR A 198 -9.81 -13.62 -42.26
C THR A 198 -9.19 -12.60 -43.20
N ARG A 199 -8.15 -11.93 -42.72
CA ARG A 199 -7.50 -10.90 -43.49
C ARG A 199 -6.01 -11.21 -43.64
N LEU A 200 -5.23 -11.03 -42.57
CA LEU A 200 -3.81 -11.29 -42.63
C LEU A 200 -3.42 -12.40 -41.68
N ILE A 201 -2.93 -13.50 -42.21
CA ILE A 201 -2.49 -14.60 -41.34
C ILE A 201 -0.98 -14.79 -41.36
N LEU A 202 -0.35 -14.58 -40.21
CA LEU A 202 1.09 -14.76 -40.10
C LEU A 202 1.32 -16.12 -39.40
N VAL A 203 1.85 -17.12 -40.11
CA VAL A 203 2.08 -18.42 -39.49
C VAL A 203 3.57 -18.59 -39.18
N ASN A 204 3.93 -19.25 -38.10
CA ASN A 204 5.35 -19.38 -37.86
C ASN A 204 5.68 -20.64 -37.14
N ALA A 205 6.31 -21.53 -37.87
CA ALA A 205 6.69 -22.80 -37.33
C ALA A 205 8.20 -22.93 -37.44
N ILE A 206 8.71 -24.12 -37.11
CA ILE A 206 10.15 -24.32 -37.19
C ILE A 206 10.52 -25.76 -36.89
N TYR A 207 11.29 -26.38 -37.78
CA TYR A 207 11.75 -27.76 -37.58
C TYR A 207 13.11 -27.59 -36.88
N PHE A 208 13.79 -28.70 -36.58
CA PHE A 208 15.09 -28.64 -35.92
C PHE A 208 15.67 -29.99 -35.55
N LYS A 209 16.83 -30.32 -36.15
CA LYS A 209 17.51 -31.59 -35.92
C LYS A 209 18.94 -31.30 -35.50
N ALA A 210 19.42 -32.06 -34.52
CA ALA A 210 20.80 -31.90 -34.05
C ALA A 210 21.19 -33.13 -33.23
N GLU A 211 22.29 -33.78 -33.62
CA GLU A 211 22.77 -34.95 -32.91
C GLU A 211 23.56 -34.38 -31.76
N TRP A 212 23.55 -35.02 -30.61
CA TRP A 212 24.31 -34.48 -29.50
C TRP A 212 25.76 -34.63 -29.88
N GLU A 213 26.62 -34.01 -29.08
CA GLU A 213 28.04 -34.21 -29.26
C GLU A 213 28.17 -35.18 -28.10
N VAL A 214 28.52 -36.43 -28.39
CA VAL A 214 28.63 -37.46 -27.37
C VAL A 214 27.26 -38.02 -27.01
N LYS A 215 26.74 -38.92 -27.85
CA LYS A 215 25.44 -39.57 -27.66
C LYS A 215 25.41 -40.52 -26.46
N PHE A 216 24.24 -40.68 -25.83
CA PHE A 216 24.08 -41.58 -24.68
C PHE A 216 23.94 -43.01 -25.18
N GLN A 217 24.13 -43.99 -24.28
CA GLN A 217 23.99 -45.39 -24.65
C GLN A 217 22.60 -45.82 -24.21
N ALA A 218 21.80 -46.34 -25.13
CA ALA A 218 20.44 -46.77 -24.80
C ALA A 218 20.40 -47.93 -23.81
N GLU A 219 21.47 -48.70 -23.79
CA GLU A 219 21.57 -49.83 -22.91
C GLU A 219 21.55 -49.33 -21.49
N LYS A 220 21.83 -48.04 -21.33
CA LYS A 220 21.89 -47.44 -20.01
C LYS A 220 20.64 -46.70 -19.56
N THR A 221 19.68 -46.51 -20.46
CA THR A 221 18.48 -45.81 -20.08
C THR A 221 17.56 -46.72 -19.28
N SER A 222 17.34 -46.39 -18.02
CA SER A 222 16.47 -47.15 -17.13
C SER A 222 15.23 -46.33 -16.76
N ILE A 223 14.13 -46.99 -16.46
CA ILE A 223 12.91 -46.28 -16.10
C ILE A 223 12.99 -45.83 -14.66
N GLN A 224 13.24 -44.54 -14.46
CA GLN A 224 13.34 -44.01 -13.11
C GLN A 224 12.16 -43.11 -12.76
N PRO A 225 12.14 -42.60 -11.52
CA PRO A 225 11.01 -41.75 -11.16
C PRO A 225 11.37 -40.26 -11.28
N PHE A 226 10.51 -39.50 -11.94
CA PHE A 226 10.75 -38.07 -12.05
C PHE A 226 10.00 -37.41 -10.91
N ARG A 227 10.66 -37.21 -9.79
CA ARG A 227 10.01 -36.60 -8.65
C ARG A 227 9.35 -35.26 -9.01
N LEU A 228 8.10 -35.06 -8.60
CA LEU A 228 7.41 -33.79 -8.84
C LEU A 228 7.42 -33.03 -7.56
N LYS A 230 7.13 -33.63 -2.87
CA LYS A 230 7.01 -34.38 -1.64
C LYS A 230 5.77 -35.26 -1.65
N ASN A 231 4.94 -35.13 -2.68
CA ASN A 231 3.71 -35.93 -2.72
C ASN A 231 3.43 -36.59 -4.07
N LYS A 232 4.05 -36.07 -5.12
CA LYS A 232 3.83 -36.60 -6.45
C LYS A 232 5.13 -37.15 -7.03
N SER A 233 4.97 -37.96 -8.08
CA SER A 233 6.09 -38.59 -8.78
C SER A 233 5.57 -39.55 -9.85
N LYS A 234 6.24 -39.57 -10.99
CA LYS A 234 5.86 -40.45 -12.08
C LYS A 234 7.18 -40.88 -12.70
N PRO A 235 7.18 -41.99 -13.44
CA PRO A 235 8.37 -42.54 -14.10
C PRO A 235 8.73 -41.96 -15.47
N VAL A 236 10.01 -42.14 -15.84
CA VAL A 236 10.53 -41.64 -17.11
C VAL A 236 11.78 -42.43 -17.55
N LYS A 237 11.92 -42.67 -18.85
CA LYS A 237 13.11 -43.35 -19.35
C LYS A 237 14.21 -42.35 -19.06
N MET A 238 15.09 -42.65 -18.11
CA MET A 238 16.14 -41.73 -17.71
C MET A 238 17.51 -42.03 -18.32
N MET A 239 17.92 -41.27 -19.34
CA MET A 239 19.21 -41.54 -19.97
C MET A 239 20.34 -41.32 -18.98
N TYR A 240 21.54 -41.76 -19.36
CA TYR A 240 22.69 -41.64 -18.48
C TYR A 240 24.07 -41.79 -19.14
N MET A 241 25.04 -41.11 -18.54
CA MET A 241 26.41 -41.16 -19.00
C MET A 241 27.27 -40.39 -18.03
N ARG A 242 28.56 -40.71 -18.08
CA ARG A 242 29.54 -40.03 -17.25
C ARG A 242 30.48 -39.34 -18.24
N ASP A 243 30.62 -38.03 -18.12
CA ASP A 243 31.51 -37.35 -19.02
C ASP A 243 31.80 -35.96 -18.47
N THR A 244 32.39 -35.12 -19.31
CA THR A 244 32.76 -33.77 -18.90
C THR A 244 31.89 -32.73 -19.58
N PHE A 245 31.34 -31.82 -18.80
CA PHE A 245 30.50 -30.77 -19.35
C PHE A 245 30.70 -29.48 -18.60
N PRO A 246 30.47 -28.36 -19.27
CA PRO A 246 30.68 -27.14 -18.50
C PRO A 246 29.54 -27.16 -17.52
N VAL A 247 29.85 -26.91 -16.26
CA VAL A 247 28.84 -26.89 -15.24
C VAL A 247 29.00 -25.59 -14.50
N LEU A 248 27.92 -25.17 -13.85
CA LEU A 248 27.99 -23.94 -13.09
C LEU A 248 27.23 -24.17 -11.83
N ILE A 249 27.95 -24.13 -10.72
CA ILE A 249 27.34 -24.36 -9.45
C ILE A 249 27.28 -23.06 -8.71
N MET A 250 26.35 -22.98 -7.76
CA MET A 250 26.18 -21.79 -6.94
C MET A 250 25.05 -21.93 -5.94
N GLU A 251 25.43 -21.92 -4.67
CA GLU A 251 24.49 -22.04 -3.57
C GLU A 251 23.80 -20.70 -3.41
N LYS A 252 24.42 -19.67 -3.97
CA LYS A 252 23.87 -18.33 -3.92
C LYS A 252 22.38 -18.42 -4.29
N MET A 253 22.09 -18.70 -5.55
CA MET A 253 20.71 -18.83 -6.01
C MET A 253 20.23 -20.26 -6.00
N ASN A 254 20.96 -21.10 -5.26
CA ASN A 254 20.64 -22.52 -5.11
C ASN A 254 20.19 -23.22 -6.39
N PHE A 255 21.12 -23.35 -7.35
CA PHE A 255 20.85 -24.01 -8.63
C PHE A 255 22.15 -24.23 -9.41
N LYS A 256 22.25 -25.39 -10.06
CA LYS A 256 23.44 -25.76 -10.83
C LYS A 256 23.10 -25.70 -12.33
N MET A 257 24.05 -25.34 -13.16
CA MET A 257 23.78 -25.26 -14.58
C MET A 257 24.71 -26.12 -15.38
N ILE A 258 24.19 -26.78 -16.40
CA ILE A 258 25.01 -27.62 -17.22
C ILE A 258 24.76 -27.33 -18.65
N GLU A 259 25.81 -27.44 -19.45
CA GLU A 259 25.74 -27.19 -20.86
C GLU A 259 25.99 -28.49 -21.58
N LEU A 260 24.97 -28.99 -22.25
CA LEU A 260 25.10 -30.22 -22.99
C LEU A 260 25.15 -29.72 -24.43
N PRO A 261 26.34 -29.67 -25.01
CA PRO A 261 26.65 -29.21 -26.37
C PRO A 261 26.25 -30.13 -27.49
N TYR A 262 25.74 -29.55 -28.57
CA TYR A 262 25.37 -30.34 -29.74
C TYR A 262 26.66 -30.47 -30.53
N VAL A 263 26.62 -31.22 -31.63
CA VAL A 263 27.82 -31.45 -32.42
C VAL A 263 28.70 -30.22 -32.53
N LYS A 264 30.00 -30.44 -32.64
CA LYS A 264 30.99 -29.34 -32.73
C LYS A 264 30.67 -28.13 -31.84
N ARG A 265 29.80 -28.34 -30.84
CA ARG A 265 29.41 -27.31 -29.89
C ARG A 265 28.87 -25.99 -30.49
N GLU A 266 28.32 -26.04 -31.70
CA GLU A 266 27.79 -24.84 -32.36
C GLU A 266 26.58 -24.35 -31.59
N LEU A 267 25.65 -25.28 -31.36
CA LEU A 267 24.43 -25.05 -30.60
C LEU A 267 24.51 -25.98 -29.36
N SER A 268 24.04 -25.50 -28.22
CA SER A 268 24.08 -26.28 -27.00
C SER A 268 22.78 -26.16 -26.21
N MET A 269 22.48 -27.16 -25.37
CA MET A 269 21.28 -27.10 -24.56
C MET A 269 21.72 -26.84 -23.14
N PHE A 270 21.06 -25.92 -22.45
CA PHE A 270 21.43 -25.63 -21.07
C PHE A 270 20.34 -25.99 -20.10
N ILE A 271 20.71 -26.68 -19.04
CA ILE A 271 19.71 -27.06 -18.10
C ILE A 271 19.90 -26.46 -16.74
N LEU A 272 19.09 -25.46 -16.45
CA LEU A 272 19.16 -24.88 -15.11
C LEU A 272 18.31 -25.82 -14.26
N LEU A 273 18.97 -26.47 -13.32
CA LEU A 273 18.31 -27.41 -12.44
C LEU A 273 18.43 -26.91 -11.00
N PRO A 274 17.28 -26.70 -10.34
CA PRO A 274 17.32 -26.22 -8.95
C PRO A 274 17.91 -27.30 -8.08
N ASP A 275 18.89 -26.94 -7.26
CA ASP A 275 19.53 -27.90 -6.37
C ASP A 275 18.56 -28.94 -5.79
N ASP A 276 17.34 -28.52 -5.42
CA ASP A 276 16.34 -29.45 -4.88
C ASP A 276 14.96 -28.83 -4.63
N THR A 282 6.89 -27.09 -7.56
CA THR A 282 7.84 -27.60 -8.52
C THR A 282 9.25 -27.29 -8.02
N GLY A 283 9.33 -26.26 -7.18
CA GLY A 283 10.61 -25.84 -6.63
C GLY A 283 11.34 -24.89 -7.57
N LEU A 284 10.70 -24.66 -8.71
CA LEU A 284 11.19 -23.78 -9.77
C LEU A 284 10.75 -22.31 -9.60
N GLU A 285 9.57 -22.12 -9.01
CA GLU A 285 8.97 -20.81 -8.80
C GLU A 285 9.95 -19.69 -8.40
N GLN A 286 10.81 -19.98 -7.43
CA GLN A 286 11.79 -19.00 -6.95
C GLN A 286 12.87 -18.74 -7.99
N LEU A 287 13.33 -19.80 -8.66
CA LEU A 287 14.36 -19.65 -9.67
C LEU A 287 13.85 -18.91 -10.89
N GLU A 288 12.55 -19.03 -11.19
CA GLU A 288 12.00 -18.35 -12.37
C GLU A 288 11.75 -16.87 -12.15
N ARG A 289 11.62 -16.50 -10.89
CA ARG A 289 11.38 -15.13 -10.50
C ARG A 289 12.68 -14.37 -10.83
N GLU A 290 13.79 -14.86 -10.28
CA GLU A 290 15.12 -14.28 -10.47
C GLU A 290 15.59 -14.27 -11.93
N LEU A 291 14.91 -15.06 -12.75
CA LEU A 291 15.21 -15.21 -14.17
C LEU A 291 15.21 -13.89 -14.94
N THR A 292 16.30 -13.63 -15.65
CA THR A 292 16.48 -12.42 -16.46
C THR A 292 17.30 -12.80 -17.69
N TYR A 293 17.36 -11.95 -18.71
CA TYR A 293 18.20 -12.33 -19.84
C TYR A 293 19.60 -11.94 -19.46
N GLU A 294 19.70 -11.00 -18.52
CA GLU A 294 20.99 -10.53 -18.02
C GLU A 294 21.67 -11.69 -17.33
N ARG A 295 21.03 -12.15 -16.26
CA ARG A 295 21.57 -13.27 -15.48
C ARG A 295 21.87 -14.50 -16.33
N LEU A 296 21.00 -14.83 -17.27
CA LEU A 296 21.26 -15.98 -18.12
C LEU A 296 22.53 -15.78 -18.92
N SER A 297 22.66 -14.61 -19.54
CA SER A 297 23.84 -14.32 -20.35
C SER A 297 25.11 -14.25 -19.50
N GLU A 298 25.04 -13.63 -18.32
CA GLU A 298 26.23 -13.57 -17.47
C GLU A 298 26.66 -14.98 -17.10
N TRP A 299 25.69 -15.89 -16.95
CA TRP A 299 25.95 -17.28 -16.58
C TRP A 299 26.51 -18.16 -17.66
N ALA A 300 25.70 -18.46 -18.66
CA ALA A 300 26.17 -19.31 -19.73
C ALA A 300 27.53 -18.79 -20.23
N ASP A 301 27.66 -17.47 -20.30
CA ASP A 301 28.93 -16.88 -20.77
C ASP A 301 29.94 -16.75 -19.63
N SER A 302 29.49 -16.98 -18.40
CA SER A 302 30.35 -16.86 -17.24
C SER A 302 31.60 -17.70 -17.24
N LYS A 303 32.69 -17.03 -16.92
CA LYS A 303 34.00 -17.65 -16.82
C LYS A 303 34.05 -18.45 -15.52
N MET A 304 32.89 -18.62 -14.88
CA MET A 304 32.79 -19.38 -13.63
C MET A 304 32.12 -20.74 -13.89
N MET A 305 31.62 -20.92 -15.13
CA MET A 305 30.97 -22.17 -15.53
C MET A 305 32.00 -23.03 -16.23
N THR A 306 32.53 -24.04 -15.54
CA THR A 306 33.58 -24.87 -16.13
C THR A 306 33.47 -26.38 -16.16
N GLU A 307 34.17 -26.97 -17.13
CA GLU A 307 34.21 -28.41 -17.37
C GLU A 307 34.34 -29.19 -16.07
N THR A 308 33.56 -30.26 -15.96
CA THR A 308 33.59 -31.06 -14.76
C THR A 308 33.14 -32.45 -15.07
N LEU A 309 33.78 -33.45 -14.46
CA LEU A 309 33.36 -34.82 -14.70
C LEU A 309 31.99 -34.89 -14.02
N VAL A 310 31.00 -35.45 -14.72
CA VAL A 310 29.65 -35.51 -14.18
C VAL A 310 28.89 -36.81 -14.51
N ASP A 311 28.14 -37.32 -13.52
CA ASP A 311 27.31 -38.53 -13.68
C ASP A 311 25.96 -37.98 -14.08
N LEU A 312 25.71 -37.97 -15.39
CA LEU A 312 24.51 -37.36 -15.91
C LEU A 312 23.26 -38.19 -16.09
N HIS A 313 22.17 -37.74 -15.49
CA HIS A 313 20.89 -38.40 -15.63
C HIS A 313 19.92 -37.41 -16.31
N LEU A 314 19.62 -37.64 -17.59
CA LEU A 314 18.75 -36.72 -18.33
C LEU A 314 17.50 -37.41 -18.83
N PRO A 315 16.34 -37.06 -18.27
CA PRO A 315 15.10 -37.70 -18.70
C PRO A 315 14.90 -37.59 -20.18
N LYS A 316 14.83 -38.75 -20.84
CA LYS A 316 14.59 -38.82 -22.27
C LYS A 316 13.21 -38.20 -22.42
N PHE A 317 13.15 -36.92 -22.77
CA PHE A 317 11.85 -36.25 -22.84
C PHE A 317 11.39 -35.70 -24.17
N SER A 318 10.21 -35.13 -24.18
CA SER A 318 9.70 -34.63 -25.44
C SER A 318 8.51 -33.67 -25.30
N LEU A 319 8.65 -32.47 -25.90
CA LEU A 319 7.65 -31.40 -25.87
C LEU A 319 7.35 -30.88 -27.26
N GLU A 320 6.09 -30.53 -27.51
CA GLU A 320 5.62 -29.96 -28.78
C GLU A 320 4.59 -28.93 -28.40
N ASP A 321 4.59 -27.79 -29.06
CA ASP A 321 3.60 -26.79 -28.67
C ASP A 321 3.13 -25.98 -29.84
N ARG A 322 1.85 -25.61 -29.78
CA ARG A 322 1.24 -24.80 -30.82
C ARG A 322 0.69 -23.66 -30.04
N ILE A 323 0.84 -22.45 -30.55
CA ILE A 323 0.38 -21.30 -29.83
C ILE A 323 -0.28 -20.26 -30.69
N ASP A 324 -1.52 -19.92 -30.37
CA ASP A 324 -2.19 -18.87 -31.09
C ASP A 324 -1.85 -17.62 -30.28
N LEU A 325 -0.82 -16.92 -30.72
CA LEU A 325 -0.32 -15.75 -30.01
C LEU A 325 -1.18 -14.51 -29.89
N ARG A 326 -2.28 -14.43 -30.61
CA ARG A 326 -3.10 -13.22 -30.55
C ARG A 326 -3.32 -12.64 -29.14
N ASP A 327 -4.01 -13.39 -28.28
CA ASP A 327 -4.29 -12.89 -26.95
C ASP A 327 -3.01 -12.58 -26.21
N THR A 328 -2.02 -13.45 -26.38
CA THR A 328 -0.72 -13.31 -25.71
C THR A 328 -0.04 -12.00 -26.06
N LEU A 329 0.12 -11.75 -27.36
CA LEU A 329 0.78 -10.54 -27.81
C LEU A 329 -0.01 -9.28 -27.50
N ARG A 330 -1.34 -9.37 -27.56
CA ARG A 330 -2.19 -8.23 -27.27
C ARG A 330 -1.88 -7.73 -25.89
N ASN A 331 -1.86 -8.70 -25.01
CA ASN A 331 -1.63 -8.54 -23.60
C ASN A 331 -0.24 -8.08 -23.22
N MET A 332 0.75 -8.40 -24.06
CA MET A 332 2.14 -8.01 -23.82
C MET A 332 2.40 -6.58 -24.28
N GLY A 333 1.44 -6.01 -24.99
CA GLY A 333 1.64 -4.65 -25.44
C GLY A 333 1.41 -4.46 -26.91
N MET A 334 1.07 -5.55 -27.60
CA MET A 334 0.79 -5.48 -29.04
C MET A 334 -0.73 -5.62 -29.16
N THR A 335 -1.37 -4.51 -29.45
CA THR A 335 -2.82 -4.46 -29.52
C THR A 335 -3.36 -3.89 -30.81
N THR A 336 -2.81 -2.76 -31.19
CA THR A 336 -3.24 -2.06 -32.38
C THR A 336 -3.08 -2.82 -33.70
N ALA A 337 -2.08 -3.70 -33.77
CA ALA A 337 -1.86 -4.45 -35.00
C ALA A 337 -3.00 -5.41 -35.30
N PHE A 338 -3.95 -5.50 -34.38
CA PHE A 338 -5.06 -6.41 -34.59
C PHE A 338 -6.38 -5.66 -34.83
N THR A 339 -6.40 -4.36 -34.52
CA THR A 339 -7.61 -3.58 -34.74
C THR A 339 -7.65 -3.34 -36.24
N THR A 340 -8.83 -3.07 -36.80
CA THR A 340 -8.95 -2.80 -38.23
C THR A 340 -8.17 -1.52 -38.57
N ASN A 341 -7.79 -0.81 -37.51
CA ASN A 341 -7.07 0.44 -37.60
C ASN A 341 -5.57 0.19 -37.34
N ALA A 342 -5.04 -0.73 -38.12
CA ALA A 342 -3.64 -1.14 -38.09
C ALA A 342 -2.91 -0.30 -39.09
N ASP A 343 -1.72 0.14 -38.70
CA ASP A 343 -0.87 0.99 -39.52
C ASP A 343 0.08 0.16 -40.38
N PHE A 344 -0.41 -0.94 -40.94
CA PHE A 344 0.44 -1.79 -41.76
C PHE A 344 0.65 -1.21 -43.12
N ARG A 345 0.54 0.12 -43.22
CA ARG A 345 0.71 0.82 -44.48
C ARG A 345 2.12 0.59 -45.02
N GLY A 346 2.91 -0.15 -44.25
CA GLY A 346 4.26 -0.45 -44.67
C GLY A 346 4.22 -1.42 -45.83
N MET A 347 3.17 -2.25 -45.90
CA MET A 347 3.07 -3.21 -46.98
C MET A 347 1.83 -3.03 -47.86
N THR A 348 0.77 -2.47 -47.28
CA THR A 348 -0.46 -2.24 -48.03
C THR A 348 -0.94 -0.80 -47.86
N ASP A 349 -2.08 -0.48 -48.48
CA ASP A 349 -2.62 0.87 -48.41
C ASP A 349 -4.07 0.84 -47.97
N LEU A 353 -6.83 -3.40 -42.95
CA LEU A 353 -6.04 -4.63 -42.78
C LEU A 353 -5.32 -4.67 -41.44
N ALA A 354 -5.39 -5.81 -40.78
CA ALA A 354 -4.77 -5.99 -39.49
C ALA A 354 -4.44 -7.46 -39.36
N ILE A 355 -3.55 -7.80 -38.45
CA ILE A 355 -3.23 -9.21 -38.30
C ILE A 355 -4.46 -9.82 -37.66
N SER A 356 -4.97 -10.89 -38.26
CA SER A 356 -6.15 -11.53 -37.70
C SER A 356 -5.76 -12.74 -36.85
N LYS A 357 -4.58 -13.30 -37.09
CA LYS A 357 -4.10 -14.45 -36.33
C LYS A 357 -2.57 -14.53 -36.42
N VAL A 358 -1.99 -15.43 -35.62
CA VAL A 358 -0.56 -15.69 -35.59
C VAL A 358 -0.42 -17.05 -34.96
N ILE A 359 -0.20 -18.06 -35.79
CA ILE A 359 -0.07 -19.42 -35.31
C ILE A 359 1.38 -19.86 -35.33
N HIS A 360 1.94 -20.14 -34.16
CA HIS A 360 3.32 -20.60 -34.09
C HIS A 360 3.33 -22.05 -33.64
N GLN A 361 4.36 -22.80 -33.98
CA GLN A 361 4.43 -24.17 -33.53
C GLN A 361 5.82 -24.84 -33.55
N SER A 362 6.41 -25.02 -32.38
CA SER A 362 7.71 -25.67 -32.29
C SER A 362 7.59 -26.95 -31.45
N PHE A 363 8.66 -27.74 -31.44
CA PHE A 363 8.66 -28.98 -30.69
C PHE A 363 10.08 -29.40 -30.41
N VAL A 364 10.26 -30.38 -29.56
CA VAL A 364 11.60 -30.86 -29.24
C VAL A 364 11.49 -32.27 -28.71
N ALA A 365 12.52 -33.07 -28.91
CA ALA A 365 12.45 -34.42 -28.41
C ALA A 365 13.82 -34.92 -28.01
N VAL A 366 14.26 -34.55 -26.81
CA VAL A 366 15.54 -34.98 -26.30
C VAL A 366 15.57 -36.50 -26.24
N ASP A 367 16.67 -37.08 -26.72
CA ASP A 367 16.85 -38.53 -26.73
C ASP A 367 18.34 -38.83 -26.64
N GLU A 368 18.73 -40.10 -26.82
CA GLU A 368 20.15 -40.44 -26.77
C GLU A 368 20.87 -39.83 -27.97
N LYS A 369 20.20 -38.95 -28.71
CA LYS A 369 20.86 -38.35 -29.86
C LYS A 369 20.64 -36.85 -29.93
N GLY A 370 19.86 -36.29 -29.01
CA GLY A 370 19.64 -34.86 -29.04
C GLY A 370 18.21 -34.51 -29.35
N THR A 371 17.87 -34.45 -30.62
CA THR A 371 16.49 -34.16 -30.99
C THR A 371 16.25 -34.77 -32.35
N GLU A 372 14.98 -34.98 -32.70
CA GLU A 372 14.59 -35.58 -33.98
C GLU A 372 15.78 -35.85 -34.91
N ALA A 373 16.66 -36.77 -34.54
CA ALA A 373 17.83 -37.03 -35.35
C ALA A 373 17.83 -38.30 -36.17
N ALA A 374 18.38 -38.18 -37.37
CA ALA A 374 18.52 -39.30 -38.29
C ALA A 374 19.74 -39.99 -37.65
N ALA A 375 19.53 -41.13 -37.00
CA ALA A 375 20.64 -41.81 -36.32
C ALA A 375 21.20 -43.06 -36.97
N ALA A 376 22.32 -43.53 -36.40
CA ALA A 376 23.03 -44.71 -36.87
C ALA A 376 24.37 -44.58 -36.19
N THR A 377 24.39 -44.93 -34.92
CA THR A 377 25.61 -44.85 -34.14
C THR A 377 26.42 -46.16 -34.25
N ALA A 378 26.40 -46.76 -35.43
CA ALA A 378 27.10 -48.02 -35.76
C ALA A 378 28.07 -48.58 -34.72
N VAL A 379 29.24 -47.96 -34.61
CA VAL A 379 30.27 -48.40 -33.68
C VAL A 379 30.24 -47.70 -32.31
N ILE A 380 29.83 -48.42 -31.27
CA ILE A 380 29.81 -47.87 -29.93
C ILE A 380 30.91 -48.57 -29.15
N ILE A 381 31.88 -47.82 -28.68
CA ILE A 381 32.98 -48.43 -27.96
C ILE A 381 33.38 -47.57 -26.77
N SER A 382 32.73 -47.80 -25.64
CA SER A 382 33.03 -47.04 -24.43
C SER A 382 34.19 -47.66 -23.63
N PHE A 383 34.98 -46.83 -22.95
CA PHE A 383 36.07 -47.36 -22.14
C PHE A 383 35.95 -46.95 -20.70
N THR A 384 35.07 -47.64 -20.00
CA THR A 384 34.89 -47.37 -18.58
C THR A 384 36.22 -47.64 -17.93
N THR A 385 36.87 -46.60 -17.41
CA THR A 385 38.18 -46.81 -16.78
C THR A 385 38.23 -46.15 -15.38
N SER A 386 39.34 -46.14 -14.64
CA SER A 386 39.17 -45.71 -13.27
C SER A 386 39.78 -44.65 -12.33
N VAL A 387 38.81 -44.08 -11.60
CA VAL A 387 38.96 -43.17 -10.48
C VAL A 387 39.40 -41.70 -10.59
N HIS A 390 36.32 -37.95 -8.75
CA HIS A 390 35.10 -37.95 -7.91
C HIS A 390 34.19 -37.28 -8.93
N VAL A 391 32.88 -37.47 -8.70
CA VAL A 391 31.79 -37.01 -9.53
C VAL A 391 30.80 -35.94 -9.04
N LEU A 392 30.33 -35.08 -9.95
CA LEU A 392 29.33 -34.08 -9.59
C LEU A 392 28.10 -34.76 -10.14
N LYS A 393 27.31 -35.28 -9.21
CA LYS A 393 26.10 -35.97 -9.57
C LYS A 393 25.17 -34.90 -10.04
N PHE A 394 24.86 -34.93 -11.32
CA PHE A 394 23.94 -33.97 -11.90
C PHE A 394 22.69 -34.72 -12.38
N LYS A 395 21.90 -35.17 -11.43
CA LYS A 395 20.68 -35.91 -11.75
C LYS A 395 19.63 -34.89 -12.09
N VAL A 396 19.00 -35.06 -13.24
CA VAL A 396 17.93 -34.18 -13.66
C VAL A 396 16.67 -34.98 -13.46
N ASP A 397 16.24 -35.11 -12.22
CA ASP A 397 15.03 -35.88 -11.92
C ASP A 397 13.88 -35.04 -11.33
N HIS A 398 13.95 -33.73 -11.51
CA HIS A 398 12.89 -32.86 -11.02
C HIS A 398 12.72 -31.62 -11.90
N PRO A 399 11.56 -30.93 -11.78
CA PRO A 399 11.32 -29.73 -12.60
C PRO A 399 12.60 -28.96 -12.89
N PHE A 400 12.79 -28.61 -14.17
CA PHE A 400 13.96 -27.86 -14.59
C PHE A 400 13.64 -26.89 -15.73
N HIS A 401 14.62 -26.06 -16.05
CA HIS A 401 14.50 -25.12 -17.14
C HIS A 401 15.44 -25.61 -18.19
N PHE A 402 15.15 -25.37 -19.44
CA PHE A 402 16.07 -25.81 -20.45
C PHE A 402 15.87 -25.01 -21.72
N PHE A 403 16.98 -24.54 -22.30
CA PHE A 403 16.93 -23.80 -23.56
C PHE A 403 18.06 -24.24 -24.48
N ILE A 404 17.92 -23.92 -25.76
CA ILE A 404 18.92 -24.30 -26.73
C ILE A 404 19.42 -23.03 -27.37
N ARG A 405 20.73 -22.89 -27.49
CA ARG A 405 21.32 -21.67 -28.01
C ARG A 405 22.39 -21.81 -29.07
N HIS A 406 22.49 -20.81 -29.95
CA HIS A 406 23.52 -20.80 -30.99
C HIS A 406 24.71 -20.06 -30.37
N ASN A 407 25.39 -20.77 -29.47
CA ASN A 407 26.53 -20.28 -28.73
C ASN A 407 27.38 -19.22 -29.41
N LYS A 408 27.64 -19.41 -30.70
CA LYS A 408 28.41 -18.43 -31.45
C LYS A 408 27.82 -17.03 -31.24
N SER A 409 26.51 -16.90 -31.48
CA SER A 409 25.81 -15.63 -31.37
C SER A 409 24.92 -15.46 -30.13
N LYS A 410 24.86 -16.46 -29.25
CA LYS A 410 24.03 -16.39 -28.03
C LYS A 410 22.51 -16.27 -28.26
N THR A 411 22.09 -16.45 -29.50
CA THR A 411 20.69 -16.37 -29.82
C THR A 411 19.99 -17.58 -29.20
N ILE A 412 19.01 -17.35 -28.34
CA ILE A 412 18.27 -18.46 -27.75
C ILE A 412 17.27 -18.86 -28.83
N LEU A 413 17.30 -20.11 -29.27
CA LEU A 413 16.38 -20.54 -30.31
C LEU A 413 15.16 -21.22 -29.74
N PHE A 414 15.36 -21.99 -28.68
CA PHE A 414 14.25 -22.67 -28.03
C PHE A 414 14.40 -22.42 -26.55
N PHE A 415 13.29 -22.42 -25.84
CA PHE A 415 13.33 -22.16 -24.40
C PHE A 415 12.16 -22.85 -23.76
N GLY A 416 12.38 -23.41 -22.58
CA GLY A 416 11.29 -24.08 -21.92
C GLY A 416 11.46 -24.46 -20.47
N ARG A 417 10.41 -25.06 -19.96
CA ARG A 417 10.39 -25.50 -18.60
C ARG A 417 9.84 -26.90 -18.64
N PHE A 418 10.51 -27.84 -18.00
CA PHE A 418 9.98 -29.19 -17.95
C PHE A 418 9.71 -29.48 -16.50
N CYS A 419 8.52 -30.00 -16.23
CA CYS A 419 8.12 -30.31 -14.86
C CYS A 419 6.89 -31.22 -14.79
N CYS A 420 6.39 -31.66 -15.94
CA CYS A 420 5.20 -32.52 -15.98
C CYS A 420 5.18 -33.62 -17.05
N PRO A 421 5.39 -34.88 -16.65
CA PRO A 421 5.38 -36.03 -17.58
C PRO A 421 3.91 -36.40 -17.65
N VAL A 422 3.12 -35.64 -16.88
CA VAL A 422 1.68 -35.81 -16.76
C VAL A 422 1.00 -35.98 -18.11
N GLU A 423 0.41 -37.15 -18.34
CA GLU A 423 -0.25 -37.37 -19.62
C GLU A 423 -1.76 -37.14 -19.51
N MET B 42 -38.11 45.42 19.41
CA MET B 42 -38.25 44.41 18.35
C MET B 42 -37.99 44.99 16.95
N GLU B 43 -38.45 46.22 16.72
CA GLU B 43 -38.28 46.90 15.43
C GLU B 43 -36.90 47.51 15.21
N GLN B 44 -36.02 47.34 16.19
CA GLN B 44 -34.67 47.88 16.12
C GLN B 44 -33.69 46.78 15.71
N VAL B 45 -33.92 45.58 16.23
CA VAL B 45 -33.07 44.44 15.95
C VAL B 45 -33.31 43.91 14.56
N SER B 46 -34.59 43.84 14.19
CA SER B 46 -34.99 43.34 12.88
C SER B 46 -34.30 44.11 11.76
N ALA B 47 -33.97 45.36 12.02
CA ALA B 47 -33.30 46.17 11.02
C ALA B 47 -31.84 45.75 11.04
N SER B 48 -31.32 45.51 12.23
CA SER B 48 -29.92 45.09 12.37
C SER B 48 -29.73 43.88 11.49
N ILE B 49 -30.49 42.83 11.78
CA ILE B 49 -30.39 41.63 10.98
C ILE B 49 -30.51 42.07 9.54
N GLY B 50 -31.62 42.71 9.22
CA GLY B 50 -31.87 43.19 7.87
C GLY B 50 -30.63 43.68 7.15
N ASN B 51 -29.82 44.46 7.85
CA ASN B 51 -28.62 44.96 7.22
C ASN B 51 -27.55 43.88 7.24
N PHE B 52 -27.30 43.29 8.39
CA PHE B 52 -26.30 42.26 8.44
C PHE B 52 -26.49 41.29 7.31
N THR B 53 -27.75 40.99 7.02
CA THR B 53 -28.11 40.06 5.94
C THR B 53 -27.58 40.51 4.61
N VAL B 54 -28.05 41.66 4.14
CA VAL B 54 -27.59 42.15 2.84
C VAL B 54 -26.08 42.16 2.77
N ASP B 55 -25.42 42.54 3.85
CA ASP B 55 -23.97 42.58 3.85
C ASP B 55 -23.37 41.19 3.75
N LEU B 56 -23.71 40.35 4.71
CA LEU B 56 -23.21 38.99 4.70
C LEU B 56 -23.37 38.48 3.27
N PHE B 57 -24.56 38.68 2.71
CA PHE B 57 -24.81 38.25 1.36
C PHE B 57 -23.75 38.74 0.41
N ASN B 58 -23.70 40.05 0.19
CA ASN B 58 -22.71 40.59 -0.73
C ASN B 58 -21.37 39.87 -0.53
N LYS B 59 -20.79 39.93 0.67
CA LYS B 59 -19.52 39.25 0.90
C LYS B 59 -19.52 37.87 0.27
N LEU B 60 -20.27 36.94 0.86
CA LEU B 60 -20.33 35.58 0.34
C LEU B 60 -20.34 35.57 -1.19
N ASN B 61 -21.05 36.53 -1.74
CA ASN B 61 -21.20 36.67 -3.18
C ASN B 61 -19.84 36.87 -3.83
N GLU B 62 -19.14 37.91 -3.39
CA GLU B 62 -17.84 38.26 -3.95
C GLU B 62 -16.99 37.04 -4.25
N THR B 63 -16.90 36.10 -3.31
CA THR B 63 -16.11 34.89 -3.55
C THR B 63 -16.74 34.05 -4.65
N ASN B 64 -18.02 33.74 -4.46
CA ASN B 64 -18.77 32.91 -5.39
C ASN B 64 -19.69 33.72 -6.27
N ARG B 65 -19.15 34.57 -7.13
CA ARG B 65 -19.96 35.38 -8.02
C ARG B 65 -20.76 34.44 -8.93
N ASP B 66 -20.48 33.14 -8.82
CA ASP B 66 -21.12 32.10 -9.62
C ASP B 66 -21.78 30.92 -8.89
N LYS B 67 -22.23 31.15 -7.65
CA LYS B 67 -22.89 30.10 -6.88
C LYS B 67 -24.27 30.56 -6.40
N ASN B 68 -25.01 29.63 -5.81
CA ASN B 68 -26.35 29.92 -5.28
C ASN B 68 -26.16 30.24 -3.81
N ILE B 69 -26.31 31.51 -3.45
CA ILE B 69 -26.13 31.91 -2.07
C ILE B 69 -27.36 31.66 -1.22
N PHE B 70 -27.13 31.09 -0.03
CA PHE B 70 -28.20 30.78 0.91
C PHE B 70 -27.71 30.72 2.37
N PHE B 71 -28.50 31.27 3.30
CA PHE B 71 -28.13 31.26 4.71
C PHE B 71 -29.27 31.84 5.57
N SER B 72 -29.20 31.65 6.89
CA SER B 72 -30.21 32.17 7.78
C SER B 72 -29.63 33.37 8.50
N PRO B 73 -29.77 34.55 7.91
CA PRO B 73 -29.20 35.71 8.59
C PRO B 73 -29.63 35.76 10.04
N TRP B 74 -30.87 35.32 10.31
CA TRP B 74 -31.37 35.32 11.67
C TRP B 74 -30.69 34.31 12.56
N SER B 75 -30.28 33.19 11.98
CA SER B 75 -29.63 32.17 12.77
C SER B 75 -28.19 32.45 13.01
N ILE B 76 -27.71 33.58 12.49
CA ILE B 76 -26.31 33.91 12.68
C ILE B 76 -26.12 35.09 13.62
N SER B 77 -26.91 36.15 13.43
CA SER B 77 -26.80 37.31 14.30
C SER B 77 -27.13 36.77 15.67
N SER B 78 -28.22 36.00 15.70
CA SER B 78 -28.69 35.36 16.93
C SER B 78 -27.59 34.58 17.62
N ALA B 79 -26.91 33.71 16.87
CA ALA B 79 -25.83 32.90 17.41
C ALA B 79 -24.62 33.75 17.74
N LEU B 80 -24.39 34.79 16.94
CA LEU B 80 -23.25 35.66 17.18
C LEU B 80 -23.54 36.60 18.34
N ALA B 81 -24.82 36.82 18.61
CA ALA B 81 -25.23 37.67 19.72
C ALA B 81 -24.62 37.09 21.01
N LEU B 82 -24.70 35.76 21.16
CA LEU B 82 -24.16 35.06 22.33
C LEU B 82 -22.74 35.50 22.66
N THR B 83 -21.78 35.15 21.81
CA THR B 83 -20.41 35.53 22.06
C THR B 83 -20.43 37.02 22.38
N TYR B 84 -21.15 37.78 21.55
CA TYR B 84 -21.27 39.20 21.71
C TYR B 84 -21.64 39.61 23.12
N LEU B 85 -22.56 38.87 23.71
CA LEU B 85 -22.99 39.10 25.08
C LEU B 85 -21.88 38.60 26.02
N ALA B 86 -20.65 38.65 25.51
CA ALA B 86 -19.48 38.23 26.27
C ALA B 86 -18.27 38.83 25.61
N ALA B 87 -18.52 39.80 24.73
CA ALA B 87 -17.48 40.51 23.98
C ALA B 87 -17.39 41.95 24.48
N LYS B 88 -16.36 42.24 25.27
CA LYS B 88 -16.18 43.57 25.83
C LYS B 88 -15.06 44.36 25.11
N GLY B 89 -15.01 45.67 25.37
CA GLY B 89 -13.97 46.50 24.78
C GLY B 89 -14.01 46.74 23.29
N SER B 90 -12.96 46.29 22.60
CA SER B 90 -12.85 46.48 21.16
C SER B 90 -13.37 45.30 20.36
N THR B 91 -13.34 44.12 20.96
CA THR B 91 -13.84 42.95 20.27
C THR B 91 -15.32 43.25 19.99
N ALA B 92 -15.97 43.91 20.95
CA ALA B 92 -17.37 44.25 20.79
C ALA B 92 -17.58 45.35 19.78
N ARG B 93 -16.93 46.49 20.00
CA ARG B 93 -17.07 47.63 19.09
C ARG B 93 -17.04 47.22 17.61
N GLU B 94 -16.34 46.12 17.33
CA GLU B 94 -16.24 45.61 15.95
C GLU B 94 -17.43 44.68 15.64
N MET B 95 -17.70 43.73 16.54
CA MET B 95 -18.81 42.81 16.38
C MET B 95 -20.09 43.61 16.14
N ALA B 96 -20.26 44.68 16.93
CA ALA B 96 -21.41 45.54 16.82
C ALA B 96 -21.49 46.10 15.40
N GLU B 97 -20.37 46.63 14.92
CA GLU B 97 -20.33 47.19 13.58
C GLU B 97 -20.78 46.15 12.55
N VAL B 98 -20.24 44.93 12.65
CA VAL B 98 -20.56 43.83 11.73
C VAL B 98 -22.02 43.39 11.73
N LEU B 99 -22.51 42.98 12.88
CA LEU B 99 -23.89 42.56 13.01
C LEU B 99 -24.83 43.77 12.92
N HIS B 100 -24.24 44.97 12.90
CA HIS B 100 -25.00 46.23 12.83
C HIS B 100 -25.71 46.54 14.11
N PHE B 101 -24.98 46.71 15.20
CA PHE B 101 -25.62 47.01 16.45
C PHE B 101 -25.55 48.50 16.76
N ILE B 107 -31.75 47.13 24.90
CA ILE B 107 -31.35 46.83 23.51
C ILE B 107 -31.34 45.31 23.25
N HIS B 108 -30.59 44.59 24.08
CA HIS B 108 -30.41 43.13 24.00
C HIS B 108 -31.62 42.19 24.09
N SER B 109 -32.77 42.70 24.53
CA SER B 109 -33.98 41.90 24.67
C SER B 109 -34.69 41.71 23.34
N GLY B 110 -34.12 42.30 22.30
CA GLY B 110 -34.70 42.18 20.98
C GLY B 110 -34.68 40.73 20.54
N PHE B 111 -33.77 39.95 21.13
CA PHE B 111 -33.67 38.54 20.80
C PHE B 111 -34.61 37.75 21.68
N LYS B 112 -34.68 38.06 22.96
CA LYS B 112 -35.60 37.35 23.84
C LYS B 112 -37.00 37.55 23.25
N GLU B 113 -37.34 38.81 22.96
CA GLU B 113 -38.64 39.17 22.39
C GLU B 113 -38.93 38.42 21.08
N LEU B 114 -37.97 38.36 20.17
CA LEU B 114 -38.17 37.65 18.91
C LEU B 114 -38.01 36.16 19.10
N LEU B 115 -37.09 35.78 19.97
CA LEU B 115 -36.83 34.37 20.21
C LEU B 115 -38.07 33.62 20.66
N THR B 116 -38.83 34.20 21.58
CA THR B 116 -40.04 33.53 22.03
C THR B 116 -41.07 33.64 20.91
N ALA B 117 -41.32 34.87 20.46
CA ALA B 117 -42.28 35.10 19.38
C ALA B 117 -42.32 33.89 18.47
N PHE B 118 -41.17 33.57 17.88
CA PHE B 118 -41.02 32.45 16.96
C PHE B 118 -41.18 31.07 17.57
N ASN B 119 -40.27 30.75 18.47
CA ASN B 119 -40.26 29.47 19.16
C ASN B 119 -41.47 29.23 20.04
N LYS B 120 -41.97 30.28 20.68
CA LYS B 120 -43.15 30.16 21.54
C LYS B 120 -44.23 29.58 20.62
N PRO B 121 -45.28 30.35 20.29
CA PRO B 121 -46.02 29.44 19.41
C PRO B 121 -45.83 29.85 17.96
N ARG B 122 -46.54 30.92 17.58
CA ARG B 122 -46.49 31.39 16.22
C ARG B 122 -46.58 30.03 15.52
N ASN B 123 -47.57 29.25 15.95
CA ASN B 123 -47.77 27.91 15.41
C ASN B 123 -47.91 28.05 13.91
N ASN B 124 -47.94 26.92 13.21
CA ASN B 124 -48.09 26.92 11.75
C ASN B 124 -46.76 26.97 11.00
N TYR B 125 -45.68 26.86 11.75
CA TYR B 125 -44.33 26.85 11.19
C TYR B 125 -43.43 26.44 12.33
N SER B 126 -42.45 25.59 12.04
CA SER B 126 -41.55 25.13 13.07
C SER B 126 -40.19 25.78 12.84
N LEU B 127 -39.70 26.53 13.82
CA LEU B 127 -38.41 27.19 13.66
C LEU B 127 -37.38 26.72 14.68
N ARG B 128 -37.15 25.41 14.72
CA ARG B 128 -36.20 24.81 15.64
C ARG B 128 -34.82 25.25 15.18
N SER B 129 -34.04 25.71 16.14
CA SER B 129 -32.70 26.22 15.89
C SER B 129 -31.76 25.65 16.94
N ALA B 130 -30.47 25.72 16.70
CA ALA B 130 -29.51 25.21 17.68
C ALA B 130 -28.26 26.09 17.72
N ASN B 131 -28.21 27.03 18.66
CA ASN B 131 -27.07 27.93 18.82
C ASN B 131 -26.51 27.71 20.20
N ARG B 132 -25.20 27.46 20.32
CA ARG B 132 -24.58 27.18 21.60
C ARG B 132 -23.09 27.58 21.62
N ILE B 133 -22.47 27.57 22.79
CA ILE B 133 -21.06 27.93 22.88
C ILE B 133 -20.33 26.80 23.56
N TYR B 134 -19.38 26.17 22.87
CA TYR B 134 -18.62 25.10 23.49
C TYR B 134 -17.18 25.53 23.78
N VAL B 135 -16.82 25.50 25.06
CA VAL B 135 -15.48 25.90 25.50
C VAL B 135 -14.73 24.71 26.14
N GLU B 136 -13.42 24.81 26.35
CA GLU B 136 -12.75 23.65 26.97
C GLU B 136 -13.07 23.62 28.46
N LYS B 137 -12.99 22.42 29.02
CA LYS B 137 -13.29 22.18 30.44
C LYS B 137 -12.45 23.09 31.32
N THR B 138 -11.29 23.47 30.81
CA THR B 138 -10.33 24.34 31.50
C THR B 138 -10.76 25.79 31.76
N TYR B 139 -11.18 26.49 30.72
CA TYR B 139 -11.58 27.88 30.86
C TYR B 139 -12.63 28.16 31.93
N ALA B 140 -12.69 29.41 32.40
CA ALA B 140 -13.60 29.82 33.48
C ALA B 140 -14.82 30.68 33.10
N LEU B 141 -16.01 30.21 33.45
CA LEU B 141 -17.24 30.95 33.16
C LEU B 141 -17.73 31.85 34.29
N LEU B 142 -17.84 33.15 33.98
CA LEU B 142 -18.27 34.17 34.94
C LEU B 142 -19.80 34.27 34.98
N PRO B 143 -20.44 33.54 35.91
CA PRO B 143 -21.89 33.48 36.12
C PRO B 143 -22.78 34.52 35.45
N THR B 144 -22.48 35.80 35.63
CA THR B 144 -23.32 36.83 35.02
C THR B 144 -23.66 36.44 33.60
N TYR B 145 -22.66 35.98 32.85
CA TYR B 145 -22.88 35.58 31.46
C TYR B 145 -23.95 34.49 31.44
N LEU B 146 -23.78 33.49 32.29
CA LEU B 146 -24.73 32.38 32.38
C LEU B 146 -26.11 32.87 32.74
N GLN B 147 -26.17 33.83 33.65
CA GLN B 147 -27.45 34.37 34.07
C GLN B 147 -28.14 34.99 32.86
N LEU B 148 -27.35 35.70 32.07
CA LEU B 148 -27.86 36.40 30.90
C LEU B 148 -28.17 35.52 29.70
N SER B 149 -27.29 34.60 29.37
CA SER B 149 -27.55 33.73 28.23
C SER B 149 -28.81 32.95 28.53
N LYS B 150 -28.88 32.37 29.72
CA LYS B 150 -30.05 31.60 30.11
C LYS B 150 -31.26 32.51 30.05
N LYS B 151 -31.08 33.74 30.52
CA LYS B 151 -32.16 34.73 30.53
C LYS B 151 -32.75 35.04 29.15
N TYR B 152 -31.93 35.50 28.23
CA TYR B 152 -32.43 35.84 26.89
C TYR B 152 -32.48 34.69 25.91
N TYR B 153 -31.42 33.91 25.92
CA TYR B 153 -31.28 32.85 24.95
C TYR B 153 -31.59 31.42 25.32
N LYS B 154 -32.39 31.20 26.36
CA LYS B 154 -32.74 29.84 26.76
C LYS B 154 -31.64 28.89 26.26
N ALA B 155 -30.40 29.24 26.55
CA ALA B 155 -29.26 28.44 26.13
C ALA B 155 -28.08 28.68 27.08
N GLU B 156 -27.38 27.61 27.41
CA GLU B 156 -26.24 27.66 28.32
C GLU B 156 -24.97 27.15 27.64
N PRO B 157 -23.86 27.88 27.81
CA PRO B 157 -22.57 27.47 27.22
C PRO B 157 -22.15 26.18 27.90
N GLN B 158 -21.79 25.17 27.13
CA GLN B 158 -21.39 23.91 27.73
C GLN B 158 -19.88 23.82 27.70
N LYS B 159 -19.28 23.56 28.84
CA LYS B 159 -17.83 23.43 28.94
C LYS B 159 -17.48 22.01 28.54
N VAL B 160 -16.68 21.84 27.50
CA VAL B 160 -16.28 20.50 27.06
C VAL B 160 -14.77 20.28 27.06
N ASN B 161 -14.36 19.02 26.92
CA ASN B 161 -12.94 18.69 26.92
C ASN B 161 -12.31 18.57 25.54
N PHE B 162 -11.79 19.69 25.03
CA PHE B 162 -11.14 19.70 23.73
C PHE B 162 -9.69 19.24 23.93
N LYS B 163 -9.17 19.53 25.12
CA LYS B 163 -7.80 19.23 25.53
C LYS B 163 -7.28 17.83 25.21
N THR B 164 -8.09 16.81 25.47
CA THR B 164 -7.66 15.44 25.19
C THR B 164 -8.78 14.52 24.69
N ALA B 165 -9.91 15.11 24.29
CA ALA B 165 -11.05 14.36 23.76
C ALA B 165 -11.62 15.19 22.62
N PRO B 166 -10.75 15.64 21.71
CA PRO B 166 -11.18 16.45 20.59
C PRO B 166 -12.18 15.69 19.71
N GLU B 167 -11.75 14.56 19.20
CA GLU B 167 -12.59 13.72 18.34
C GLU B 167 -13.89 13.28 19.04
N GLN B 168 -13.89 13.28 20.37
CA GLN B 168 -15.09 12.92 21.12
C GLN B 168 -15.99 14.12 21.31
N SER B 169 -15.42 15.16 21.91
CA SER B 169 -16.16 16.38 22.13
C SER B 169 -16.98 16.61 20.88
N ARG B 170 -16.30 16.58 19.73
CA ARG B 170 -16.96 16.76 18.45
C ARG B 170 -18.24 15.92 18.36
N LYS B 171 -18.09 14.60 18.44
CA LYS B 171 -19.26 13.74 18.35
C LYS B 171 -20.37 14.30 19.23
N GLU B 172 -20.01 14.71 20.45
CA GLU B 172 -20.98 15.26 21.40
C GLU B 172 -21.72 16.42 20.76
N ILE B 173 -20.95 17.31 20.15
CA ILE B 173 -21.50 18.50 19.48
C ILE B 173 -22.40 18.09 18.33
N ASN B 174 -21.81 17.40 17.35
CA ASN B 174 -22.55 16.94 16.19
C ASN B 174 -23.82 16.21 16.58
N THR B 175 -23.91 15.78 17.83
CA THR B 175 -25.09 15.07 18.28
C THR B 175 -26.14 16.06 18.77
N TRP B 176 -25.72 17.03 19.56
CA TRP B 176 -26.62 18.07 20.07
C TRP B 176 -27.33 18.69 18.88
N VAL B 177 -26.53 18.96 17.85
CA VAL B 177 -27.05 19.57 16.64
C VAL B 177 -28.14 18.64 16.12
N GLU B 178 -27.78 17.39 15.90
CA GLU B 178 -28.72 16.41 15.39
C GLU B 178 -30.02 16.39 16.18
N LYS B 179 -29.92 16.43 17.51
CA LYS B 179 -31.11 16.39 18.37
C LYS B 179 -31.96 17.66 18.26
N GLN B 180 -31.29 18.80 18.25
CA GLN B 180 -31.98 20.08 18.17
C GLN B 180 -32.57 20.45 16.80
N THR B 181 -32.17 19.75 15.76
CA THR B 181 -32.65 20.05 14.40
C THR B 181 -33.67 19.06 13.87
N GLU B 182 -34.11 18.14 14.72
CA GLU B 182 -35.06 17.10 14.31
C GLU B 182 -34.36 16.06 13.45
N SER B 183 -33.08 15.87 13.72
CA SER B 183 -32.25 14.89 13.03
C SER B 183 -32.00 15.13 11.54
N LYS B 184 -32.16 16.38 11.10
CA LYS B 184 -31.94 16.69 9.68
C LYS B 184 -30.53 17.20 9.36
N ILE B 185 -29.77 17.61 10.36
CA ILE B 185 -28.40 18.09 10.15
C ILE B 185 -27.44 17.03 10.74
N LYS B 186 -26.76 16.28 9.88
CA LYS B 186 -25.87 15.24 10.37
C LYS B 186 -24.59 15.71 11.06
N ASN B 187 -23.47 15.23 10.56
CA ASN B 187 -22.16 15.55 11.11
C ASN B 187 -21.69 16.98 10.82
N LEU B 188 -22.16 17.92 11.62
CA LEU B 188 -21.83 19.33 11.44
C LEU B 188 -20.34 19.60 11.48
N LEU B 189 -19.64 18.94 12.40
CA LEU B 189 -18.20 19.16 12.51
C LEU B 189 -17.36 17.98 12.02
N SER B 190 -16.32 18.30 11.26
CA SER B 190 -15.44 17.30 10.71
C SER B 190 -14.18 17.17 11.54
N SER B 191 -13.57 16.00 11.49
CA SER B 191 -12.35 15.69 12.23
C SER B 191 -11.37 16.85 12.21
N ASP B 192 -11.48 17.66 11.18
CA ASP B 192 -10.59 18.81 10.99
C ASP B 192 -11.12 20.05 11.67
N ASP B 193 -12.37 19.99 12.12
CA ASP B 193 -13.02 21.13 12.77
C ASP B 193 -12.85 21.13 14.28
N VAL B 194 -12.42 20.01 14.83
CA VAL B 194 -12.22 19.90 16.27
C VAL B 194 -10.82 19.34 16.55
N LYS B 195 -10.02 20.10 17.31
CA LYS B 195 -8.67 19.70 17.67
C LYS B 195 -8.36 20.05 19.12
N ALA B 196 -7.17 19.65 19.57
CA ALA B 196 -6.72 19.95 20.92
C ALA B 196 -6.35 21.43 20.93
N THR B 197 -6.17 21.99 19.74
CA THR B 197 -5.81 23.38 19.59
C THR B 197 -7.09 24.21 19.71
N THR B 198 -8.23 23.54 19.59
CA THR B 198 -9.54 24.18 19.68
C THR B 198 -9.81 24.79 21.05
N ARG B 199 -10.45 25.94 21.03
CA ARG B 199 -10.73 26.66 22.26
C ARG B 199 -12.23 26.92 22.41
N LEU B 200 -12.75 27.86 21.63
CA LEU B 200 -14.18 28.18 21.70
C LEU B 200 -14.86 27.90 20.39
N ILE B 201 -15.79 26.95 20.38
CA ILE B 201 -16.53 26.67 19.15
C ILE B 201 -17.99 27.09 19.24
N LEU B 202 -18.36 28.04 18.39
CA LEU B 202 -19.75 28.50 18.33
C LEU B 202 -20.41 27.85 17.11
N VAL B 203 -21.36 26.93 17.33
CA VAL B 203 -22.02 26.27 16.19
C VAL B 203 -23.41 26.85 15.99
N ASN B 204 -23.89 26.98 14.78
CA ASN B 204 -25.22 27.54 14.65
C ASN B 204 -25.94 27.01 13.46
N ALA B 205 -26.92 26.20 13.75
CA ALA B 205 -27.71 25.59 12.71
C ALA B 205 -29.16 26.03 12.89
N ILE B 206 -30.05 25.42 12.11
CA ILE B 206 -31.45 25.78 12.22
C ILE B 206 -32.32 24.93 11.32
N TYR B 207 -33.37 24.32 11.90
CA TYR B 207 -34.30 23.50 11.12
C TYR B 207 -35.40 24.48 10.71
N PHE B 208 -36.42 24.01 10.01
CA PHE B 208 -37.54 24.87 9.59
C PHE B 208 -38.55 24.19 8.68
N LYS B 209 -39.80 24.10 9.18
CA LYS B 209 -40.89 23.47 8.45
C LYS B 209 -42.05 24.45 8.36
N ALA B 210 -42.68 24.49 7.19
CA ALA B 210 -43.84 25.37 6.99
C ALA B 210 -44.59 24.93 5.73
N GLU B 211 -45.88 24.67 5.89
CA GLU B 211 -46.71 24.25 4.76
C GLU B 211 -47.09 25.55 4.10
N TRP B 212 -47.22 25.56 2.79
CA TRP B 212 -47.59 26.81 2.14
C TRP B 212 -49.01 27.08 2.54
N GLU B 213 -49.48 28.28 2.22
CA GLU B 213 -50.87 28.58 2.43
C GLU B 213 -51.25 28.41 0.97
N VAL B 214 -52.08 27.42 0.68
CA VAL B 214 -52.48 27.11 -0.69
C VAL B 214 -51.40 26.30 -1.42
N LYS B 215 -51.37 25.00 -1.15
CA LYS B 215 -50.40 24.07 -1.74
C LYS B 215 -50.62 23.87 -3.25
N PHE B 216 -49.55 23.58 -3.99
CA PHE B 216 -49.63 23.34 -5.43
C PHE B 216 -50.11 21.92 -5.68
N GLN B 217 -50.57 21.63 -6.91
CA GLN B 217 -51.02 20.30 -7.25
C GLN B 217 -49.88 19.62 -7.98
N ALA B 218 -49.44 18.46 -7.50
CA ALA B 218 -48.32 17.75 -8.13
C ALA B 218 -48.63 17.28 -9.54
N GLU B 219 -49.91 17.09 -9.81
CA GLU B 219 -50.34 16.64 -11.12
C GLU B 219 -49.99 17.70 -12.12
N LYS B 220 -49.74 18.91 -11.63
CA LYS B 220 -49.43 20.02 -12.51
C LYS B 220 -47.95 20.34 -12.67
N THR B 221 -47.10 19.69 -11.89
CA THR B 221 -45.68 19.97 -12.03
C THR B 221 -45.11 19.25 -13.24
N SER B 222 -44.64 20.03 -14.21
CA SER B 222 -44.04 19.49 -15.43
C SER B 222 -42.56 19.85 -15.50
N ILE B 223 -41.78 19.03 -16.19
CA ILE B 223 -40.35 19.28 -16.30
C ILE B 223 -40.10 20.36 -17.33
N GLN B 224 -39.81 21.57 -16.88
CA GLN B 224 -39.56 22.66 -17.80
C GLN B 224 -38.09 23.08 -17.83
N PRO B 225 -37.75 24.05 -18.67
CA PRO B 225 -36.35 24.46 -18.70
C PRO B 225 -36.11 25.73 -17.86
N PHE B 226 -35.10 25.70 -17.01
CA PHE B 226 -34.78 26.87 -16.21
C PHE B 226 -33.71 27.63 -16.99
N ARG B 227 -34.14 28.58 -17.81
CA ARG B 227 -33.18 29.34 -18.60
C ARG B 227 -32.10 29.98 -17.72
N LEU B 228 -30.83 29.85 -18.11
CA LEU B 228 -29.74 30.47 -17.37
C LEU B 228 -29.32 31.69 -18.14
N LYS B 230 -28.80 33.28 -22.57
CA LYS B 230 -28.86 33.23 -24.01
C LYS B 230 -28.06 32.03 -24.53
N ASN B 231 -27.35 31.33 -23.65
CA ASN B 231 -26.56 30.20 -24.12
C ASN B 231 -26.68 28.94 -23.28
N LYS B 232 -27.15 29.10 -22.04
CA LYS B 232 -27.30 27.97 -21.15
C LYS B 232 -28.76 27.76 -20.76
N SER B 233 -29.04 26.58 -20.24
CA SER B 233 -30.37 26.18 -19.81
C SER B 233 -30.38 24.71 -19.37
N LYS B 234 -31.12 24.42 -18.31
CA LYS B 234 -31.22 23.07 -17.81
C LYS B 234 -32.67 22.95 -17.33
N PRO B 235 -33.17 21.71 -17.19
CA PRO B 235 -34.53 21.43 -16.75
C PRO B 235 -34.79 21.40 -15.24
N VAL B 236 -36.06 21.57 -14.87
CA VAL B 236 -36.48 21.58 -13.48
C VAL B 236 -37.97 21.23 -13.33
N LYS B 237 -38.32 20.48 -12.28
CA LYS B 237 -39.73 20.17 -12.05
C LYS B 237 -40.33 21.54 -11.72
N MET B 238 -41.13 22.08 -12.62
CA MET B 238 -41.72 23.41 -12.42
C MET B 238 -43.14 23.42 -11.89
N MET B 239 -43.33 23.69 -10.60
CA MET B 239 -44.68 23.69 -10.04
C MET B 239 -45.53 24.76 -10.70
N TYR B 240 -46.84 24.70 -10.44
CA TYR B 240 -47.75 25.65 -11.05
C TYR B 240 -49.14 25.76 -10.40
N MET B 241 -49.70 26.96 -10.51
CA MET B 241 -51.03 27.23 -9.99
C MET B 241 -51.43 28.63 -10.40
N ARG B 242 -52.72 28.87 -10.38
CA ARG B 242 -53.29 30.17 -10.69
C ARG B 242 -53.97 30.62 -9.40
N ASP B 243 -53.58 31.76 -8.88
CA ASP B 243 -54.23 32.23 -7.68
C ASP B 243 -53.90 33.71 -7.48
N THR B 244 -54.20 34.21 -6.30
CA THR B 244 -53.97 35.61 -5.99
C THR B 244 -52.84 35.77 -4.99
N PHE B 245 -51.91 36.66 -5.31
CA PHE B 245 -50.79 36.91 -4.41
C PHE B 245 -50.40 38.36 -4.45
N PRO B 246 -49.82 38.85 -3.36
CA PRO B 246 -49.46 40.25 -3.43
C PRO B 246 -48.32 40.26 -4.43
N VAL B 247 -48.39 41.16 -5.39
CA VAL B 247 -47.34 41.27 -6.38
C VAL B 247 -46.90 42.71 -6.40
N LEU B 248 -45.69 42.93 -6.87
CA LEU B 248 -45.21 44.29 -6.96
C LEU B 248 -44.47 44.40 -8.26
N ILE B 249 -45.00 45.22 -9.13
CA ILE B 249 -44.39 45.40 -10.42
C ILE B 249 -43.76 46.76 -10.47
N MET B 250 -42.79 46.91 -11.35
CA MET B 250 -42.09 48.17 -11.54
C MET B 250 -41.00 48.08 -12.59
N GLU B 251 -41.22 48.84 -13.66
CA GLU B 251 -40.30 48.90 -14.79
C GLU B 251 -39.12 49.77 -14.37
N LYS B 252 -39.35 50.57 -13.32
CA LYS B 252 -38.32 51.44 -12.79
C LYS B 252 -37.04 50.62 -12.67
N MET B 253 -37.00 49.69 -11.72
CA MET B 253 -35.82 48.84 -11.51
C MET B 253 -35.94 47.52 -12.25
N ASN B 254 -36.86 47.48 -13.21
CA ASN B 254 -37.11 46.30 -14.04
C ASN B 254 -37.10 44.97 -13.29
N PHE B 255 -38.09 44.78 -12.42
CA PHE B 255 -38.23 43.55 -11.62
C PHE B 255 -39.59 43.51 -10.91
N LYS B 256 -40.21 42.32 -10.87
CA LYS B 256 -41.51 42.14 -10.25
C LYS B 256 -41.33 41.34 -8.95
N MET B 257 -42.15 41.62 -7.95
CA MET B 257 -42.01 40.92 -6.70
C MET B 257 -43.29 40.21 -6.31
N ILE B 258 -43.16 39.01 -5.76
CA ILE B 258 -44.32 38.27 -5.36
C ILE B 258 -44.12 37.74 -3.98
N GLU B 259 -45.21 37.69 -3.24
CA GLU B 259 -45.19 37.20 -1.89
C GLU B 259 -46.00 35.92 -1.84
N LEU B 260 -45.32 34.82 -1.58
CA LEU B 260 -46.00 33.55 -1.49
C LEU B 260 -45.99 33.29 0.00
N PRO B 261 -47.13 33.53 0.66
CA PRO B 261 -47.37 33.37 2.09
C PRO B 261 -47.47 31.96 2.61
N TYR B 262 -46.89 31.71 3.78
CA TYR B 262 -46.98 30.40 4.40
C TYR B 262 -48.30 30.42 5.16
N VAL B 263 -48.65 29.30 5.76
CA VAL B 263 -49.93 29.21 6.48
C VAL B 263 -50.26 30.47 7.24
N LYS B 264 -51.55 30.77 7.36
CA LYS B 264 -52.04 31.98 8.05
C LYS B 264 -51.18 33.22 7.80
N ARG B 265 -50.38 33.18 6.74
CA ARG B 265 -49.51 34.30 6.35
C ARG B 265 -48.58 34.86 7.44
N GLU B 266 -48.21 34.04 8.43
CA GLU B 266 -47.33 34.47 9.52
C GLU B 266 -45.94 34.75 8.94
N LEU B 267 -45.44 33.76 8.21
CA LEU B 267 -44.15 33.83 7.54
C LEU B 267 -44.45 33.70 6.02
N SER B 268 -43.73 34.43 5.19
CA SER B 268 -43.93 34.40 3.75
C SER B 268 -42.61 34.37 2.99
N MET B 269 -42.65 33.85 1.77
CA MET B 269 -41.45 33.81 0.96
C MET B 269 -41.60 34.85 -0.13
N PHE B 270 -40.57 35.65 -0.37
CA PHE B 270 -40.66 36.66 -1.41
C PHE B 270 -39.69 36.41 -2.54
N ILE B 271 -40.21 36.51 -3.74
CA ILE B 271 -39.33 36.26 -4.85
C ILE B 271 -39.14 37.44 -5.75
N LEU B 272 -37.98 38.07 -5.63
CA LEU B 272 -37.69 39.17 -6.51
C LEU B 272 -37.18 38.50 -7.79
N LEU B 273 -37.94 38.67 -8.85
CA LEU B 273 -37.62 38.08 -10.13
C LEU B 273 -37.38 39.20 -11.15
N PRO B 274 -36.18 39.24 -11.74
CA PRO B 274 -35.89 40.28 -12.73
C PRO B 274 -36.75 40.06 -13.95
N ASP B 275 -37.43 41.11 -14.40
CA ASP B 275 -38.30 41.01 -15.56
C ASP B 275 -37.77 40.08 -16.66
N ASP B 276 -36.44 40.11 -16.91
CA ASP B 276 -35.82 39.24 -17.92
C ASP B 276 -34.30 39.31 -17.99
N THR B 282 -26.53 36.20 -15.41
CA THR B 282 -27.70 35.70 -14.71
C THR B 282 -28.81 36.73 -14.87
N GLY B 283 -28.41 37.98 -15.11
CA GLY B 283 -29.36 39.06 -15.26
C GLY B 283 -29.75 39.66 -13.91
N LEU B 284 -29.19 39.06 -12.88
CA LEU B 284 -29.41 39.45 -11.49
C LEU B 284 -28.42 40.53 -11.00
N GLU B 285 -27.20 40.50 -11.54
CA GLU B 285 -26.12 41.41 -11.17
C GLU B 285 -26.55 42.86 -10.90
N GLN B 286 -27.35 43.43 -11.80
CA GLN B 286 -27.82 44.80 -11.66
C GLN B 286 -28.82 44.93 -10.52
N LEU B 287 -29.72 43.96 -10.39
CA LEU B 287 -30.71 44.01 -9.32
C LEU B 287 -30.07 43.82 -7.96
N GLU B 288 -28.97 43.09 -7.88
CA GLU B 288 -28.32 42.86 -6.58
C GLU B 288 -27.48 44.04 -6.10
N ARG B 289 -27.10 44.88 -7.05
CA ARG B 289 -26.31 46.05 -6.78
C ARG B 289 -27.24 47.00 -6.00
N GLU B 290 -28.39 47.30 -6.60
CA GLU B 290 -29.40 48.21 -6.03
C GLU B 290 -29.99 47.70 -4.70
N LEU B 291 -29.74 46.43 -4.42
CA LEU B 291 -30.22 45.76 -3.21
C LEU B 291 -29.78 46.45 -1.92
N THR B 292 -30.76 46.74 -1.06
CA THR B 292 -30.53 47.40 0.23
C THR B 292 -31.55 46.83 1.22
N TYR B 293 -31.39 47.05 2.52
CA TYR B 293 -32.43 46.55 3.41
C TYR B 293 -33.52 47.59 3.41
N GLU B 294 -33.15 48.80 3.03
CA GLU B 294 -34.10 49.91 2.95
C GLU B 294 -35.10 49.58 1.86
N ARG B 295 -34.59 49.47 0.64
CA ARG B 295 -35.43 49.16 -0.50
C ARG B 295 -36.26 47.89 -0.32
N LEU B 296 -35.68 46.85 0.27
CA LEU B 296 -36.47 45.64 0.51
C LEU B 296 -37.63 45.92 1.44
N SER B 297 -37.36 46.61 2.54
CA SER B 297 -38.41 46.93 3.50
C SER B 297 -39.47 47.87 2.92
N GLU B 298 -39.04 48.88 2.17
CA GLU B 298 -40.02 49.79 1.57
C GLU B 298 -40.93 49.01 0.62
N TRP B 299 -40.37 47.98 -0.03
CA TRP B 299 -41.11 47.16 -0.99
C TRP B 299 -42.07 46.17 -0.39
N ALA B 300 -41.55 45.15 0.27
CA ALA B 300 -42.43 44.15 0.85
C ALA B 300 -43.51 44.86 1.66
N ASP B 301 -43.14 45.93 2.37
CA ASP B 301 -44.11 46.67 3.18
C ASP B 301 -44.87 47.70 2.34
N SER B 302 -44.42 47.91 1.12
CA SER B 302 -45.05 48.88 0.24
C SER B 302 -46.50 48.70 -0.04
N LYS B 303 -47.22 49.80 0.11
CA LYS B 303 -48.65 49.87 -0.13
C LYS B 303 -48.87 49.86 -1.65
N MET B 304 -47.81 49.57 -2.41
CA MET B 304 -47.88 49.52 -3.87
C MET B 304 -47.83 48.06 -4.35
N MET B 305 -47.57 47.15 -3.40
CA MET B 305 -47.50 45.71 -3.69
C MET B 305 -48.85 45.10 -3.37
N THR B 306 -49.65 44.82 -4.40
CA THR B 306 -50.99 44.29 -4.16
C THR B 306 -51.48 43.03 -4.86
N GLU B 307 -52.45 42.39 -4.21
CA GLU B 307 -53.08 41.16 -4.67
C GLU B 307 -53.37 41.18 -6.16
N THR B 308 -53.05 40.09 -6.84
CA THR B 308 -53.26 40.03 -8.27
C THR B 308 -53.43 38.60 -8.69
N LEU B 309 -54.34 38.34 -9.63
CA LEU B 309 -54.50 36.97 -10.10
C LEU B 309 -53.20 36.71 -10.87
N VAL B 310 -52.58 35.55 -10.61
CA VAL B 310 -51.32 35.23 -11.25
C VAL B 310 -51.16 33.75 -11.65
N ASP B 311 -50.57 33.52 -12.82
CA ASP B 311 -50.30 32.17 -13.34
C ASP B 311 -48.88 31.89 -12.86
N LEU B 312 -48.79 31.19 -11.74
CA LEU B 312 -47.49 30.96 -11.13
C LEU B 312 -46.70 29.74 -11.47
N HIS B 313 -45.47 29.95 -11.91
CA HIS B 313 -44.56 28.86 -12.22
C HIS B 313 -43.36 28.95 -11.25
N LEU B 314 -43.30 28.06 -10.26
CA LEU B 314 -42.22 28.10 -9.28
C LEU B 314 -41.40 26.84 -9.28
N PRO B 315 -40.14 26.93 -9.73
CA PRO B 315 -39.29 25.74 -9.77
C PRO B 315 -39.22 25.05 -8.45
N LYS B 316 -39.68 23.80 -8.42
CA LYS B 316 -39.63 22.98 -7.22
C LYS B 316 -38.14 22.87 -6.94
N PHE B 317 -37.61 23.70 -6.03
CA PHE B 317 -36.18 23.69 -5.78
C PHE B 317 -35.69 23.33 -4.41
N SER B 318 -34.38 23.32 -4.25
CA SER B 318 -33.84 22.93 -2.97
C SER B 318 -32.36 23.30 -2.76
N LEU B 319 -32.09 24.02 -1.66
CA LEU B 319 -30.76 24.49 -1.28
C LEU B 319 -30.43 24.14 0.15
N GLU B 320 -29.15 23.82 0.41
CA GLU B 320 -28.63 23.48 1.75
C GLU B 320 -27.26 24.08 1.79
N ASP B 321 -26.88 24.69 2.90
CA ASP B 321 -25.55 25.27 2.93
C ASP B 321 -24.92 25.19 4.29
N ARG B 322 -23.60 25.01 4.29
CA ARG B 322 -22.83 24.93 5.51
C ARG B 322 -21.81 25.99 5.31
N ILE B 323 -21.54 26.77 6.34
CA ILE B 323 -20.58 27.85 6.19
C ILE B 323 -19.67 28.01 7.37
N ASP B 324 -18.36 27.96 7.12
CA ASP B 324 -17.42 28.19 8.19
C ASP B 324 -17.16 29.68 8.09
N LEU B 325 -17.88 30.44 8.91
CA LEU B 325 -17.81 31.89 8.87
C LEU B 325 -16.54 32.61 9.27
N ARG B 326 -15.56 31.90 9.83
CA ARG B 326 -14.34 32.57 10.26
C ARG B 326 -13.77 33.60 9.28
N ASP B 327 -13.34 33.15 8.10
CA ASP B 327 -12.76 34.06 7.13
C ASP B 327 -13.74 35.15 6.76
N THR B 328 -14.99 34.76 6.60
CA THR B 328 -16.06 35.69 6.21
C THR B 328 -16.21 36.84 7.21
N LEU B 329 -16.41 36.49 8.47
CA LEU B 329 -16.58 37.49 9.50
C LEU B 329 -15.33 38.33 9.74
N ARG B 330 -14.15 37.71 9.61
CA ARG B 330 -12.90 38.43 9.81
C ARG B 330 -12.86 39.59 8.88
N ASN B 331 -13.17 39.24 7.64
CA ASN B 331 -13.17 40.11 6.50
C ASN B 331 -14.23 41.19 6.53
N MET B 332 -15.34 40.92 7.20
CA MET B 332 -16.44 41.89 7.32
C MET B 332 -16.17 42.91 8.42
N GLY B 333 -15.14 42.67 9.21
CA GLY B 333 -14.84 43.61 10.26
C GLY B 333 -14.71 42.98 11.62
N MET B 334 -14.88 41.66 11.68
CA MET B 334 -14.76 40.94 12.95
C MET B 334 -13.43 40.19 12.84
N THR B 335 -12.43 40.67 13.55
CA THR B 335 -11.10 40.12 13.49
C THR B 335 -10.51 39.76 14.84
N THR B 336 -10.61 40.69 15.76
CA THR B 336 -10.07 40.53 17.08
C THR B 336 -10.65 39.37 17.90
N ALA B 337 -11.91 39.02 17.65
CA ALA B 337 -12.54 37.94 18.41
C ALA B 337 -11.89 36.59 18.10
N PHE B 338 -10.97 36.58 17.15
CA PHE B 338 -10.32 35.34 16.80
C PHE B 338 -8.85 35.30 17.22
N THR B 339 -8.28 36.47 17.56
CA THR B 339 -6.90 36.52 18.00
C THR B 339 -6.92 36.00 19.42
N THR B 340 -5.78 35.50 19.92
CA THR B 340 -5.72 34.99 21.30
C THR B 340 -5.98 36.15 22.27
N ASN B 341 -5.94 37.35 21.71
CA ASN B 341 -6.14 38.59 22.45
C ASN B 341 -7.57 39.09 22.25
N ALA B 342 -8.50 38.20 22.56
CA ALA B 342 -9.94 38.43 22.47
C ALA B 342 -10.39 38.91 23.84
N ASP B 343 -11.26 39.91 23.81
CA ASP B 343 -11.79 40.52 25.01
C ASP B 343 -13.08 39.83 25.47
N PHE B 344 -13.11 38.51 25.40
CA PHE B 344 -14.29 37.78 25.81
C PHE B 344 -14.40 37.69 27.30
N ARG B 345 -13.80 38.65 27.99
CA ARG B 345 -13.82 38.67 29.45
C ARG B 345 -15.25 38.78 29.96
N GLY B 346 -16.18 38.87 29.01
CA GLY B 346 -17.57 38.96 29.38
C GLY B 346 -18.04 37.62 29.94
N MET B 347 -17.40 36.54 29.50
CA MET B 347 -17.78 35.23 30.00
C MET B 347 -16.67 34.48 30.72
N THR B 348 -15.43 34.79 30.38
CA THR B 348 -14.28 34.14 31.01
C THR B 348 -13.27 35.17 31.49
N ASP B 349 -12.17 34.70 32.07
CA ASP B 349 -11.13 35.60 32.59
C ASP B 349 -9.77 35.21 32.04
N LEU B 353 -8.39 33.12 25.38
CA LEU B 353 -9.56 32.54 24.73
C LEU B 353 -10.10 33.41 23.61
N ALA B 354 -10.40 32.79 22.49
CA ALA B 354 -10.92 33.48 21.33
C ALA B 354 -11.78 32.51 20.56
N ILE B 355 -12.64 33.00 19.68
CA ILE B 355 -13.45 32.09 18.92
C ILE B 355 -12.50 31.42 17.96
N SER B 356 -12.51 30.10 17.93
CA SER B 356 -11.62 29.39 17.02
C SER B 356 -12.35 28.99 15.75
N LYS B 357 -13.68 28.88 15.82
CA LYS B 357 -14.49 28.51 14.66
C LYS B 357 -15.93 29.01 14.85
N VAL B 358 -16.73 28.88 13.79
CA VAL B 358 -18.14 29.25 13.79
C VAL B 358 -18.74 28.51 12.60
N ILE B 359 -19.40 27.40 12.89
CA ILE B 359 -20.00 26.60 11.84
C ILE B 359 -21.51 26.81 11.80
N HIS B 360 -22.01 27.35 10.70
CA HIS B 360 -23.44 27.55 10.56
C HIS B 360 -23.96 26.61 9.49
N GLN B 361 -25.25 26.27 9.54
CA GLN B 361 -25.79 25.40 8.50
C GLN B 361 -27.31 25.40 8.36
N SER B 362 -27.81 26.03 7.31
CA SER B 362 -29.24 26.06 7.04
C SER B 362 -29.55 25.39 5.71
N PHE B 363 -30.82 25.18 5.43
CA PHE B 363 -31.24 24.56 4.18
C PHE B 363 -32.68 24.90 3.89
N VAL B 364 -33.13 24.60 2.69
CA VAL B 364 -34.52 24.88 2.33
C VAL B 364 -34.89 23.96 1.19
N ALA B 365 -36.17 23.63 1.11
CA ALA B 365 -36.59 22.76 0.02
C ALA B 365 -38.00 23.09 -0.43
N VAL B 366 -38.13 24.12 -1.26
CA VAL B 366 -39.43 24.51 -1.79
C VAL B 366 -40.03 23.34 -2.55
N ASP B 367 -41.32 23.08 -2.29
CA ASP B 367 -42.03 21.99 -2.94
C ASP B 367 -43.51 22.37 -3.01
N GLU B 368 -44.39 21.44 -3.40
CA GLU B 368 -45.81 21.75 -3.46
C GLU B 368 -46.35 21.95 -2.06
N LYS B 369 -45.47 22.04 -1.06
CA LYS B 369 -45.95 22.22 0.30
C LYS B 369 -45.18 23.30 1.04
N GLY B 370 -44.17 23.88 0.41
CA GLY B 370 -43.40 24.92 1.09
C GLY B 370 -42.00 24.49 1.38
N THR B 371 -41.78 23.81 2.49
CA THR B 371 -40.45 23.34 2.81
C THR B 371 -40.60 22.11 3.70
N GLU B 372 -39.56 21.30 3.78
CA GLU B 372 -39.55 20.07 4.57
C GLU B 372 -40.84 19.88 5.39
N ALA B 373 -41.97 19.67 4.72
CA ALA B 373 -43.25 19.53 5.42
C ALA B 373 -43.81 18.14 5.56
N ALA B 374 -44.39 17.89 6.73
CA ALA B 374 -45.05 16.62 7.02
C ALA B 374 -46.36 16.85 6.26
N ALA B 375 -46.55 16.18 5.13
CA ALA B 375 -47.76 16.38 4.32
C ALA B 375 -48.82 15.29 4.36
N ALA B 376 -49.97 15.63 3.76
CA ALA B 376 -51.12 14.75 3.69
C ALA B 376 -52.24 15.68 3.29
N THR B 377 -52.26 16.01 2.01
CA THR B 377 -53.27 16.91 1.50
C THR B 377 -54.53 16.14 1.05
N ALA B 378 -54.86 15.09 1.81
CA ALA B 378 -56.02 14.22 1.58
C ALA B 378 -57.02 14.63 0.50
N VAL B 379 -57.85 15.62 0.81
CA VAL B 379 -58.86 16.12 -0.11
C VAL B 379 -58.43 17.30 -0.99
N ILE B 380 -58.23 17.05 -2.28
CA ILE B 380 -57.85 18.12 -3.20
C ILE B 380 -59.05 18.35 -4.10
N ILE B 381 -59.61 19.54 -4.06
CA ILE B 381 -60.77 19.81 -4.88
C ILE B 381 -60.69 21.21 -5.48
N SER B 382 -60.06 21.30 -6.64
CA SER B 382 -59.93 22.59 -7.32
C SER B 382 -61.15 22.92 -8.20
N PHE B 383 -61.48 24.21 -8.33
CA PHE B 383 -62.61 24.59 -9.17
C PHE B 383 -62.18 25.54 -10.24
N THR B 384 -61.57 24.99 -11.28
CA THR B 384 -61.16 25.78 -12.41
C THR B 384 -62.43 26.40 -12.98
N THR B 385 -62.56 27.72 -12.89
CA THR B 385 -63.77 28.35 -13.40
C THR B 385 -63.42 29.55 -14.32
N SER B 386 -64.37 30.33 -14.84
CA SER B 386 -63.91 31.26 -15.87
C SER B 386 -63.94 32.77 -16.14
N VAL B 387 -62.78 33.19 -16.62
CA VAL B 387 -62.44 34.49 -17.15
C VAL B 387 -62.28 35.77 -16.32
N HIS B 390 -57.82 38.43 -16.49
CA HIS B 390 -56.62 38.34 -17.35
C HIS B 390 -55.63 38.05 -16.23
N VAL B 391 -54.49 37.50 -16.66
CA VAL B 391 -53.38 37.05 -15.82
C VAL B 391 -52.01 37.74 -15.85
N LEU B 392 -51.34 37.82 -14.71
CA LEU B 392 -50.00 38.39 -14.64
C LEU B 392 -49.19 37.12 -14.61
N LYS B 393 -48.59 36.83 -15.75
CA LYS B 393 -47.78 35.65 -15.88
C LYS B 393 -46.55 35.92 -15.06
N PHE B 394 -46.41 35.17 -13.98
CA PHE B 394 -45.26 35.31 -13.11
C PHE B 394 -44.46 34.01 -13.16
N LYS B 395 -43.80 33.78 -14.30
CA LYS B 395 -43.00 32.58 -14.47
C LYS B 395 -41.68 32.82 -13.81
N VAL B 396 -41.29 31.89 -12.93
CA VAL B 396 -40.02 32.00 -12.27
C VAL B 396 -39.14 30.96 -12.93
N ASP B 397 -38.68 31.27 -14.14
CA ASP B 397 -37.83 30.33 -14.88
C ASP B 397 -36.41 30.83 -15.12
N HIS B 398 -35.97 31.82 -14.34
CA HIS B 398 -34.62 32.32 -14.47
C HIS B 398 -34.07 32.83 -13.13
N PRO B 399 -32.73 32.98 -13.03
CA PRO B 399 -32.13 33.45 -11.79
C PRO B 399 -33.03 34.42 -11.03
N PHE B 400 -33.20 34.17 -9.72
CA PHE B 400 -34.02 35.04 -8.89
C PHE B 400 -33.47 35.15 -7.48
N HIS B 401 -34.08 36.03 -6.70
CA HIS B 401 -33.71 36.22 -5.31
C HIS B 401 -34.88 35.71 -4.53
N PHE B 402 -34.63 35.20 -3.34
CA PHE B 402 -35.76 34.73 -2.57
C PHE B 402 -35.39 34.70 -1.09
N PHE B 403 -36.29 35.23 -0.26
CA PHE B 403 -36.09 35.21 1.18
C PHE B 403 -37.38 34.87 1.91
N ILE B 404 -37.25 34.46 3.15
CA ILE B 404 -38.41 34.11 3.94
C ILE B 404 -38.44 35.01 5.14
N ARG B 405 -39.61 35.57 5.44
CA ARG B 405 -39.73 36.52 6.54
C ARG B 405 -40.87 36.34 7.51
N HIS B 406 -40.67 36.75 8.76
CA HIS B 406 -41.71 36.67 9.78
C HIS B 406 -42.45 38.00 9.69
N ASN B 407 -43.26 38.13 8.64
CA ASN B 407 -44.05 39.32 8.34
C ASN B 407 -44.48 40.15 9.51
N LYS B 408 -44.92 39.50 10.58
CA LYS B 408 -45.32 40.24 11.78
C LYS B 408 -44.22 41.22 12.18
N SER B 409 -43.00 40.70 12.33
CA SER B 409 -41.84 41.48 12.75
C SER B 409 -40.84 41.86 11.67
N LYS B 410 -41.09 41.45 10.42
CA LYS B 410 -40.17 41.75 9.29
C LYS B 410 -38.75 41.16 9.39
N THR B 411 -38.56 40.27 10.36
CA THR B 411 -37.28 39.64 10.52
C THR B 411 -37.06 38.70 9.36
N ILE B 412 -35.97 38.91 8.62
CA ILE B 412 -35.66 38.02 7.50
C ILE B 412 -35.01 36.80 8.16
N LEU B 413 -35.57 35.61 7.96
CA LEU B 413 -35.00 34.42 8.58
C LEU B 413 -34.09 33.68 7.64
N PHE B 414 -34.46 33.64 6.37
CA PHE B 414 -33.64 32.98 5.37
C PHE B 414 -33.53 33.92 4.20
N PHE B 415 -32.43 33.83 3.46
CA PHE B 415 -32.22 34.73 2.32
C PHE B 415 -31.36 34.02 1.32
N GLY B 416 -31.66 34.22 0.05
CA GLY B 416 -30.85 33.57 -0.95
C GLY B 416 -31.01 34.02 -2.39
N ARG B 417 -30.22 33.36 -3.22
CA ARG B 417 -30.24 33.64 -4.62
C ARG B 417 -30.29 32.30 -5.30
N PHE B 418 -31.19 32.12 -6.23
CA PHE B 418 -31.23 30.86 -6.95
C PHE B 418 -30.95 31.21 -8.40
N CYS B 419 -30.03 30.46 -9.01
CA CYS B 419 -29.65 30.69 -10.39
C CYS B 419 -28.87 29.53 -10.99
N CYS B 420 -28.70 28.44 -10.24
CA CYS B 420 -27.94 27.28 -10.73
C CYS B 420 -28.46 25.90 -10.31
N PRO B 421 -29.10 25.16 -11.23
CA PRO B 421 -29.62 23.83 -10.96
C PRO B 421 -28.42 22.93 -11.21
N VAL B 422 -27.34 23.58 -11.62
CA VAL B 422 -26.07 22.94 -11.93
C VAL B 422 -25.65 21.91 -10.90
N GLU B 423 -25.59 20.65 -11.31
CA GLU B 423 -25.20 19.62 -10.34
C GLU B 423 -23.71 19.26 -10.50
N MET C 42 4.80 -33.54 29.57
CA MET C 42 5.17 -32.17 29.13
C MET C 42 4.55 -31.09 30.03
N GLU C 43 3.29 -31.30 30.43
CA GLU C 43 2.57 -30.35 31.27
C GLU C 43 2.93 -30.40 32.76
N GLN C 44 3.87 -31.28 33.11
CA GLN C 44 4.31 -31.44 34.49
C GLN C 44 5.62 -30.70 34.72
N VAL C 45 6.48 -30.75 33.71
CA VAL C 45 7.79 -30.11 33.77
C VAL C 45 7.66 -28.60 33.62
N SER C 46 6.81 -28.19 32.68
CA SER C 46 6.58 -26.79 32.41
C SER C 46 6.16 -26.03 33.66
N ALA C 47 5.51 -26.74 34.58
CA ALA C 47 5.08 -26.12 35.81
C ALA C 47 6.31 -26.03 36.71
N SER C 48 7.13 -27.07 36.68
CA SER C 48 8.34 -27.09 37.47
C SER C 48 9.13 -25.83 37.14
N ILE C 49 9.49 -25.71 35.88
CA ILE C 49 10.23 -24.54 35.46
C ILE C 49 9.45 -23.34 35.98
N GLY C 50 8.20 -23.25 35.55
CA GLY C 50 7.34 -22.15 35.98
C GLY C 50 7.57 -21.69 37.41
N ASN C 51 7.70 -22.64 38.32
CA ASN C 51 7.92 -22.28 39.68
C ASN C 51 9.38 -21.93 39.89
N PHE C 52 10.28 -22.81 39.45
CA PHE C 52 11.68 -22.51 39.62
C PHE C 52 11.97 -21.11 39.19
N THR C 53 11.32 -20.68 38.12
CA THR C 53 11.49 -19.34 37.57
C THR C 53 11.14 -18.28 38.56
N VAL C 54 9.88 -18.23 38.98
CA VAL C 54 9.48 -17.21 39.94
C VAL C 54 10.40 -17.18 41.14
N ASP C 55 10.82 -18.35 41.60
CA ASP C 55 11.70 -18.41 42.75
C ASP C 55 13.07 -17.84 42.43
N LEU C 56 13.72 -18.42 41.45
CA LEU C 56 15.03 -17.94 41.05
C LEU C 56 14.94 -16.42 40.99
N PHE C 57 13.89 -15.93 40.33
CA PHE C 57 13.69 -14.51 40.21
C PHE C 57 13.75 -13.82 41.54
N ASN C 58 12.76 -14.09 42.39
CA ASN C 58 12.77 -13.46 43.71
C ASN C 58 14.18 -13.43 44.29
N LYS C 59 14.81 -14.59 44.47
CA LYS C 59 16.17 -14.59 45.01
C LYS C 59 17.02 -13.51 44.36
N LEU C 60 17.38 -13.71 43.11
CA LEU C 60 18.20 -12.73 42.39
C LEU C 60 17.80 -11.31 42.76
N ASN C 61 16.50 -11.11 42.90
CA ASN C 61 15.94 -9.82 43.22
C ASN C 61 16.47 -9.33 44.55
N GLU C 62 16.26 -10.12 45.59
CA GLU C 62 16.68 -9.76 46.94
C GLU C 62 18.02 -9.06 46.96
N THR C 63 19.02 -9.60 46.26
CA THR C 63 20.35 -8.98 46.23
C THR C 63 20.27 -7.63 45.53
N ASN C 64 19.74 -7.66 44.31
CA ASN C 64 19.63 -6.48 43.48
C ASN C 64 18.23 -5.91 43.45
N ARG C 65 17.73 -5.44 44.58
CA ARG C 65 16.39 -4.87 44.64
C ARG C 65 16.34 -3.67 43.68
N ASP C 66 17.50 -3.32 43.12
CA ASP C 66 17.63 -2.16 42.23
C ASP C 66 18.28 -2.41 40.84
N LYS C 67 18.15 -3.63 40.32
CA LYS C 67 18.72 -3.95 39.02
C LYS C 67 17.64 -4.52 38.09
N ASN C 68 17.99 -4.72 36.82
CA ASN C 68 17.08 -5.29 35.82
C ASN C 68 17.35 -6.78 35.79
N ILE C 69 16.42 -7.57 36.32
CA ILE C 69 16.60 -9.00 36.35
C ILE C 69 16.24 -9.67 35.04
N PHE C 70 17.12 -10.57 34.60
CA PHE C 70 16.91 -11.32 33.36
C PHE C 70 17.64 -12.67 33.35
N PHE C 71 16.99 -13.70 32.82
CA PHE C 71 17.59 -15.03 32.74
C PHE C 71 16.69 -16.01 31.99
N SER C 72 17.21 -17.18 31.61
CA SER C 72 16.42 -18.17 30.90
C SER C 72 16.10 -19.28 31.87
N PRO C 73 15.00 -19.15 32.60
CA PRO C 73 14.69 -20.21 33.55
C PRO C 73 14.74 -21.58 32.88
N TRP C 74 14.37 -21.63 31.60
CA TRP C 74 14.40 -22.89 30.86
C TRP C 74 15.81 -23.37 30.60
N SER C 75 16.74 -22.45 30.41
CA SER C 75 18.09 -22.84 30.11
C SER C 75 18.86 -23.19 31.35
N ILE C 76 18.20 -23.13 32.50
CA ILE C 76 18.89 -23.48 33.74
C ILE C 76 18.39 -24.77 34.33
N SER C 77 17.06 -24.95 34.38
CA SER C 77 16.51 -26.19 34.92
C SER C 77 17.06 -27.26 34.00
N SER C 78 16.96 -26.99 32.71
CA SER C 78 17.44 -27.88 31.67
C SER C 78 18.89 -28.28 31.90
N ALA C 79 19.75 -27.29 32.12
CA ALA C 79 21.17 -27.53 32.35
C ALA C 79 21.39 -28.18 33.70
N LEU C 80 20.56 -27.82 34.68
CA LEU C 80 20.71 -28.39 36.02
C LEU C 80 20.15 -29.80 36.04
N ALA C 81 19.24 -30.09 35.11
CA ALA C 81 18.66 -31.41 35.02
C ALA C 81 19.80 -32.43 34.82
N LEU C 82 20.77 -32.09 33.96
CA LEU C 82 21.93 -32.95 33.69
C LEU C 82 22.59 -33.46 34.96
N THR C 83 23.23 -32.57 35.71
CA THR C 83 23.87 -32.98 36.94
C THR C 83 22.85 -33.81 37.71
N TYR C 84 21.63 -33.28 37.79
CA TYR C 84 20.54 -33.94 38.48
C TYR C 84 20.39 -35.39 38.09
N LEU C 85 20.50 -35.65 36.79
CA LEU C 85 20.42 -37.01 36.25
C LEU C 85 21.73 -37.73 36.60
N ALA C 86 22.34 -37.32 37.71
CA ALA C 86 23.59 -37.89 38.18
C ALA C 86 23.73 -37.54 39.63
N ALA C 87 22.64 -37.05 40.21
CA ALA C 87 22.57 -36.64 41.62
C ALA C 87 21.70 -37.62 42.40
N LYS C 88 22.34 -38.50 43.17
CA LYS C 88 21.62 -39.50 43.95
C LYS C 88 21.56 -39.15 45.45
N GLY C 89 20.72 -39.86 46.19
CA GLY C 89 20.60 -39.64 47.62
C GLY C 89 20.01 -38.32 48.10
N SER C 90 20.82 -37.56 48.83
CA SER C 90 20.38 -36.28 49.38
C SER C 90 20.71 -35.10 48.49
N THR C 91 21.74 -35.24 47.67
CA THR C 91 22.09 -34.16 46.78
C THR C 91 20.88 -33.97 45.87
N ALA C 92 20.23 -35.07 45.52
CA ALA C 92 19.06 -35.02 44.66
C ALA C 92 17.86 -34.46 45.39
N ARG C 93 17.49 -35.09 46.50
CA ARG C 93 16.33 -34.65 47.28
C ARG C 93 16.27 -33.12 47.42
N GLU C 94 17.44 -32.48 47.40
CA GLU C 94 17.52 -31.03 47.52
C GLU C 94 17.37 -30.37 46.14
N MET C 95 18.13 -30.85 45.16
CA MET C 95 18.06 -30.33 43.80
C MET C 95 16.60 -30.37 43.33
N ALA C 96 15.93 -31.47 43.62
CA ALA C 96 14.53 -31.65 43.25
C ALA C 96 13.71 -30.53 43.87
N GLU C 97 13.89 -30.29 45.16
CA GLU C 97 13.17 -29.24 45.84
C GLU C 97 13.38 -27.90 45.15
N VAL C 98 14.63 -27.58 44.83
CA VAL C 98 14.99 -26.31 44.18
C VAL C 98 14.40 -26.11 42.79
N LEU C 99 14.70 -27.03 41.89
CA LEU C 99 14.17 -26.95 40.54
C LEU C 99 12.66 -27.27 40.54
N HIS C 100 12.15 -27.70 41.70
CA HIS C 100 10.74 -28.07 41.85
C HIS C 100 10.40 -29.36 41.17
N PHE C 101 11.02 -30.45 41.56
CA PHE C 101 10.71 -31.72 40.92
C PHE C 101 9.76 -32.54 41.76
N ILE C 107 8.98 -39.45 34.15
CA ILE C 107 9.10 -38.06 34.62
C ILE C 107 10.14 -37.27 33.82
N HIS C 108 11.36 -37.81 33.77
CA HIS C 108 12.52 -37.22 33.09
C HIS C 108 12.47 -36.93 31.58
N SER C 109 11.49 -37.50 30.88
CA SER C 109 11.35 -37.31 29.43
C SER C 109 10.69 -35.97 29.10
N GLY C 110 10.34 -35.23 30.15
CA GLY C 110 9.73 -33.93 29.95
C GLY C 110 10.69 -33.01 29.24
N PHE C 111 11.98 -33.30 29.35
CA PHE C 111 12.99 -32.49 28.69
C PHE C 111 13.21 -33.00 27.28
N LYS C 112 13.28 -34.31 27.10
CA LYS C 112 13.44 -34.85 25.76
C LYS C 112 12.26 -34.32 24.93
N GLU C 113 11.05 -34.49 25.47
CA GLU C 113 9.82 -34.06 24.80
C GLU C 113 9.85 -32.57 24.46
N LEU C 114 10.26 -31.72 25.41
CA LEU C 114 10.31 -30.28 25.15
C LEU C 114 11.55 -29.92 24.36
N LEU C 115 12.64 -30.62 24.64
CA LEU C 115 13.90 -30.36 23.97
C LEU C 115 13.80 -30.47 22.46
N THR C 116 13.13 -31.51 21.97
CA THR C 116 12.97 -31.66 20.53
C THR C 116 11.95 -30.61 20.09
N ALA C 117 10.77 -30.63 20.70
CA ALA C 117 9.72 -29.69 20.36
C ALA C 117 10.34 -28.39 19.86
N PHE C 118 11.15 -27.77 20.70
CA PHE C 118 11.82 -26.51 20.40
C PHE C 118 12.88 -26.59 19.33
N ASN C 119 13.93 -27.33 19.63
CA ASN C 119 15.06 -27.51 18.72
C ASN C 119 14.70 -28.22 17.42
N LYS C 120 13.78 -29.18 17.49
CA LYS C 120 13.36 -29.90 16.29
C LYS C 120 12.86 -28.80 15.35
N PRO C 121 11.55 -28.74 15.05
CA PRO C 121 11.52 -27.58 14.16
C PRO C 121 10.96 -26.37 14.92
N ARG C 122 9.63 -26.38 15.07
CA ARG C 122 8.96 -25.27 15.72
C ARG C 122 9.72 -24.14 15.04
N ASN C 123 9.78 -24.23 13.72
CA ASN C 123 10.49 -23.24 12.91
C ASN C 123 9.92 -21.89 13.25
N ASN C 124 10.53 -20.82 12.75
CA ASN C 124 10.05 -19.47 13.00
C ASN C 124 10.66 -18.82 14.24
N TYR C 125 11.62 -19.51 14.84
CA TYR C 125 12.33 -19.02 16.01
C TYR C 125 13.50 -19.96 16.19
N SER C 126 14.65 -19.42 16.52
CA SER C 126 15.83 -20.24 16.71
C SER C 126 16.15 -20.30 18.20
N LEU C 127 16.16 -21.49 18.78
CA LEU C 127 16.46 -21.62 20.20
C LEU C 127 17.71 -22.44 20.47
N ARG C 128 18.83 -22.01 19.89
CA ARG C 128 20.11 -22.68 20.05
C ARG C 128 20.52 -22.45 21.49
N SER C 129 20.93 -23.54 22.12
CA SER C 129 21.34 -23.53 23.51
C SER C 129 22.62 -24.32 23.66
N ALA C 130 23.32 -24.16 24.77
CA ALA C 130 24.56 -24.92 24.97
C ALA C 130 24.70 -25.31 26.43
N ASN C 131 24.30 -26.53 26.79
CA ASN C 131 24.40 -27.02 28.16
C ASN C 131 25.27 -28.27 28.12
N ARG C 132 26.30 -28.31 28.97
CA ARG C 132 27.24 -29.43 28.98
C ARG C 132 27.89 -29.64 30.36
N ILE C 133 28.59 -30.75 30.55
CA ILE C 133 29.24 -30.99 31.83
C ILE C 133 30.71 -31.24 31.58
N TYR C 134 31.57 -30.41 32.12
CA TYR C 134 33.00 -30.62 31.94
C TYR C 134 33.67 -31.09 33.22
N VAL C 135 34.26 -32.29 33.18
CA VAL C 135 34.93 -32.88 34.34
C VAL C 135 36.42 -33.06 34.07
N GLU C 136 37.23 -33.33 35.10
CA GLU C 136 38.66 -33.52 34.79
C GLU C 136 38.88 -34.89 34.16
N LYS C 137 39.95 -34.99 33.38
CA LYS C 137 40.31 -36.22 32.67
C LYS C 137 40.40 -37.39 33.62
N THR C 138 40.72 -37.08 34.87
CA THR C 138 40.88 -38.07 35.95
C THR C 138 39.61 -38.82 36.39
N TYR C 139 38.56 -38.08 36.73
CA TYR C 139 37.32 -38.70 37.19
C TYR C 139 36.74 -39.78 36.27
N ALA C 140 35.90 -40.65 36.84
CA ALA C 140 35.32 -41.78 36.10
C ALA C 140 33.83 -41.70 35.75
N LEU C 141 33.52 -41.82 34.45
CA LEU C 141 32.12 -41.78 34.00
C LEU C 141 31.45 -43.15 33.86
N LEU C 142 30.35 -43.32 34.61
CA LEU C 142 29.58 -44.56 34.62
C LEU C 142 28.55 -44.60 33.49
N PRO C 143 28.93 -45.19 32.33
CA PRO C 143 28.11 -45.32 31.13
C PRO C 143 26.62 -45.04 31.21
N THR C 144 25.91 -45.68 32.13
CA THR C 144 24.47 -45.45 32.22
C THR C 144 24.18 -43.97 32.08
N TYR C 145 24.95 -43.14 32.80
CA TYR C 145 24.73 -41.70 32.72
C TYR C 145 24.86 -41.25 31.27
N LEU C 146 25.92 -41.70 30.60
CA LEU C 146 26.16 -41.35 29.21
C LEU C 146 25.02 -41.82 28.33
N GLN C 147 24.52 -43.01 28.61
CA GLN C 147 23.44 -43.55 27.83
C GLN C 147 22.23 -42.63 27.96
N LEU C 148 22.00 -42.16 29.17
CA LEU C 148 20.87 -41.32 29.46
C LEU C 148 20.99 -39.87 29.01
N SER C 149 22.14 -39.26 29.24
CA SER C 149 22.31 -37.88 28.82
C SER C 149 22.15 -37.84 27.32
N LYS C 150 22.86 -38.74 26.64
CA LYS C 150 22.79 -38.80 25.19
C LYS C 150 21.34 -39.03 24.79
N LYS C 151 20.68 -39.92 25.52
CA LYS C 151 19.28 -40.25 25.25
C LYS C 151 18.32 -39.06 25.31
N TYR C 152 18.26 -38.38 26.45
CA TYR C 152 17.34 -37.25 26.58
C TYR C 152 17.89 -35.91 26.12
N TYR C 153 19.14 -35.66 26.49
CA TYR C 153 19.76 -34.40 26.22
C TYR C 153 20.70 -34.22 25.06
N LYS C 154 20.62 -35.08 24.06
CA LYS C 154 21.51 -34.95 22.90
C LYS C 154 22.75 -34.17 23.32
N ALA C 155 23.36 -34.61 24.43
CA ALA C 155 24.55 -33.97 24.95
C ALA C 155 25.36 -34.98 25.78
N GLU C 156 26.68 -34.92 25.61
CA GLU C 156 27.60 -35.82 26.30
C GLU C 156 28.59 -35.05 27.16
N PRO C 157 28.81 -35.50 28.40
CA PRO C 157 29.76 -34.84 29.31
C PRO C 157 31.14 -35.03 28.72
N GLN C 158 31.91 -33.95 28.61
CA GLN C 158 33.24 -34.07 28.04
C GLN C 158 34.25 -34.04 29.17
N LYS C 159 35.12 -35.05 29.19
CA LYS C 159 36.14 -35.13 30.23
C LYS C 159 37.30 -34.25 29.78
N VAL C 160 37.66 -33.25 30.57
CA VAL C 160 38.77 -32.37 30.20
C VAL C 160 39.88 -32.33 31.24
N ASN C 161 41.03 -31.76 30.86
CA ASN C 161 42.16 -31.69 31.78
C ASN C 161 42.29 -30.38 32.55
N PHE C 162 41.66 -30.32 33.71
CA PHE C 162 41.73 -29.13 34.54
C PHE C 162 43.02 -29.20 35.36
N LYS C 163 43.45 -30.42 35.64
CA LYS C 163 44.64 -30.73 36.43
C LYS C 163 45.91 -29.96 36.10
N THR C 164 46.21 -29.81 34.82
CA THR C 164 47.41 -29.06 34.43
C THR C 164 47.25 -28.24 33.15
N ALA C 165 46.01 -28.03 32.71
CA ALA C 165 45.70 -27.24 31.52
C ALA C 165 44.43 -26.47 31.84
N PRO C 166 44.41 -25.80 33.00
CA PRO C 166 43.25 -25.03 33.42
C PRO C 166 42.95 -23.92 32.42
N GLU C 167 43.92 -23.04 32.21
CA GLU C 167 43.78 -21.92 31.29
C GLU C 167 43.46 -22.37 29.86
N GLN C 168 43.81 -23.61 29.53
CA GLN C 168 43.52 -24.15 28.20
C GLN C 168 42.12 -24.73 28.15
N SER C 169 41.88 -25.69 29.05
CA SER C 169 40.57 -26.30 29.12
C SER C 169 39.57 -25.19 28.93
N ARG C 170 39.71 -24.13 29.72
CA ARG C 170 38.82 -22.98 29.63
C ARG C 170 38.62 -22.54 28.17
N LYS C 171 39.69 -22.17 27.50
CA LYS C 171 39.57 -21.73 26.12
C LYS C 171 38.69 -22.73 25.36
N GLU C 172 38.95 -24.02 25.58
CA GLU C 172 38.18 -25.08 24.91
C GLU C 172 36.69 -24.88 25.17
N ILE C 173 36.36 -24.64 26.44
CA ILE C 173 34.97 -24.43 26.86
C ILE C 173 34.41 -23.18 26.21
N ASN C 174 35.03 -22.04 26.51
CA ASN C 174 34.59 -20.78 25.95
C ASN C 174 34.43 -20.83 24.45
N THR C 175 35.02 -21.85 23.83
CA THR C 175 34.90 -21.97 22.38
C THR C 175 33.65 -22.75 22.03
N TRP C 176 33.41 -23.86 22.71
CA TRP C 176 32.23 -24.68 22.48
C TRP C 176 31.01 -23.77 22.60
N VAL C 177 31.04 -22.93 23.62
CA VAL C 177 29.96 -22.00 23.88
C VAL C 177 29.81 -21.16 22.62
N GLU C 178 30.89 -20.50 22.22
CA GLU C 178 30.89 -19.65 21.06
C GLU C 178 30.29 -20.34 19.84
N LYS C 179 30.67 -21.60 19.61
CA LYS C 179 30.18 -22.37 18.45
C LYS C 179 28.70 -22.68 18.55
N GLN C 180 28.27 -23.11 19.73
CA GLN C 180 26.87 -23.47 19.97
C GLN C 180 25.88 -22.31 20.06
N THR C 181 26.37 -21.09 20.22
CA THR C 181 25.49 -19.93 20.35
C THR C 181 25.45 -19.04 19.12
N GLU C 182 26.07 -19.49 18.03
CA GLU C 182 26.12 -18.71 16.81
C GLU C 182 27.09 -17.56 16.95
N SER C 183 28.11 -17.78 17.77
CA SER C 183 29.16 -16.80 18.01
C SER C 183 28.76 -15.51 18.71
N LYS C 184 27.63 -15.53 19.42
CA LYS C 184 27.16 -14.34 20.12
C LYS C 184 27.59 -14.25 21.60
N ILE C 185 28.04 -15.36 22.17
CA ILE C 185 28.49 -15.38 23.57
C ILE C 185 30.02 -15.57 23.55
N LYS C 186 30.78 -14.52 23.86
CA LYS C 186 32.23 -14.64 23.83
C LYS C 186 32.87 -15.48 24.93
N ASN C 187 33.79 -14.87 25.65
CA ASN C 187 34.52 -15.55 26.70
C ASN C 187 33.71 -15.78 27.97
N LEU C 188 32.92 -16.86 27.96
CA LEU C 188 32.06 -17.22 29.06
C LEU C 188 32.81 -17.39 30.38
N LEU C 189 33.97 -18.03 30.31
CA LEU C 189 34.75 -18.26 31.52
C LEU C 189 36.00 -17.40 31.61
N SER C 190 36.23 -16.85 32.79
CA SER C 190 37.37 -15.99 33.03
C SER C 190 38.47 -16.76 33.73
N SER C 191 39.71 -16.31 33.55
CA SER C 191 40.89 -16.93 34.13
C SER C 191 40.65 -17.35 35.57
N ASP C 192 39.72 -16.68 36.21
CA ASP C 192 39.39 -16.93 37.60
C ASP C 192 38.32 -18.01 37.76
N ASP C 193 37.70 -18.37 36.64
CA ASP C 193 36.63 -19.36 36.63
C ASP C 193 37.13 -20.78 36.39
N VAL C 194 38.37 -20.90 35.94
CA VAL C 194 38.95 -22.20 35.68
C VAL C 194 40.32 -22.31 36.37
N LYS C 195 40.45 -23.31 37.23
CA LYS C 195 41.70 -23.55 37.97
C LYS C 195 42.02 -25.03 38.06
N ALA C 196 43.18 -25.34 38.64
CA ALA C 196 43.59 -26.73 38.83
C ALA C 196 42.74 -27.28 39.97
N THR C 197 42.14 -26.36 40.73
CA THR C 197 41.29 -26.75 41.85
C THR C 197 39.93 -27.12 41.31
N THR C 198 39.66 -26.73 40.06
CA THR C 198 38.39 -27.00 39.39
C THR C 198 38.13 -28.49 39.20
N ARG C 199 36.88 -28.87 39.37
CA ARG C 199 36.51 -30.27 39.27
C ARG C 199 35.40 -30.45 38.21
N LEU C 200 34.19 -30.04 38.55
CA LEU C 200 33.08 -30.19 37.60
C LEU C 200 32.51 -28.84 37.23
N ILE C 201 32.61 -28.47 35.96
CA ILE C 201 32.04 -27.19 35.53
C ILE C 201 30.83 -27.38 34.62
N LEU C 202 29.68 -26.93 35.10
CA LEU C 202 28.45 -27.00 34.30
C LEU C 202 28.20 -25.60 33.70
N VAL C 203 28.34 -25.45 32.38
CA VAL C 203 28.11 -24.14 31.77
C VAL C 203 26.74 -24.13 31.08
N ASN C 204 26.03 -23.00 31.08
CA ASN C 204 24.75 -23.06 30.40
C ASN C 204 24.38 -21.73 29.82
N ALA C 205 24.43 -21.68 28.52
CA ALA C 205 24.10 -20.48 27.82
C ALA C 205 22.93 -20.76 26.90
N ILE C 206 22.59 -19.79 26.05
CA ILE C 206 21.48 -19.98 25.14
C ILE C 206 21.33 -18.81 24.19
N TYR C 207 21.26 -19.09 22.89
CA TYR C 207 21.07 -18.05 21.89
C TYR C 207 19.55 -17.98 21.70
N PHE C 208 19.07 -17.13 20.80
CA PHE C 208 17.64 -17.01 20.54
C PHE C 208 17.25 -15.90 19.57
N LYS C 209 16.67 -16.29 18.44
CA LYS C 209 16.25 -15.35 17.41
C LYS C 209 14.78 -15.59 17.10
N ALA C 210 14.04 -14.50 16.91
CA ALA C 210 12.62 -14.58 16.57
C ALA C 210 12.15 -13.24 16.04
N GLU C 211 11.56 -13.24 14.85
CA GLU C 211 11.06 -12.01 14.25
C GLU C 211 9.69 -11.86 14.86
N TRP C 212 9.25 -10.64 15.10
CA TRP C 212 7.93 -10.47 15.70
C TRP C 212 6.95 -10.90 14.65
N GLU C 213 5.70 -11.02 15.06
CA GLU C 213 4.64 -11.29 14.10
C GLU C 213 4.16 -9.83 14.07
N VAL C 214 4.29 -9.19 12.92
CA VAL C 214 3.89 -7.79 12.76
C VAL C 214 4.98 -6.86 13.32
N LYS C 215 6.02 -6.64 12.53
CA LYS C 215 7.16 -5.78 12.88
C LYS C 215 6.78 -4.29 12.96
N PHE C 216 7.47 -3.53 13.81
CA PHE C 216 7.22 -2.09 13.97
C PHE C 216 7.89 -1.34 12.83
N GLN C 217 7.49 -0.08 12.62
CA GLN C 217 8.09 0.73 11.57
C GLN C 217 9.12 1.62 12.25
N ALA C 218 10.36 1.57 11.80
CA ALA C 218 11.42 2.39 12.41
C ALA C 218 11.20 3.88 12.25
N GLU C 219 10.47 4.23 11.22
CA GLU C 219 10.18 5.62 10.94
C GLU C 219 9.37 6.17 12.07
N LYS C 220 8.77 5.27 12.84
CA LYS C 220 7.92 5.68 13.96
C LYS C 220 8.58 5.69 15.33
N THR C 221 9.79 5.16 15.42
CA THR C 221 10.44 5.15 16.71
C THR C 221 11.00 6.52 17.04
N SER C 222 10.48 7.13 18.10
CA SER C 222 10.93 8.46 18.55
C SER C 222 11.59 8.35 19.92
N ILE C 223 12.51 9.26 20.23
CA ILE C 223 13.18 9.22 21.51
C ILE C 223 12.28 9.79 22.58
N GLN C 224 11.70 8.93 23.40
CA GLN C 224 10.81 9.40 24.46
C GLN C 224 11.42 9.22 25.84
N PRO C 225 10.71 9.65 26.88
CA PRO C 225 11.28 9.49 28.21
C PRO C 225 10.72 8.25 28.92
N PHE C 226 11.60 7.44 29.49
CA PHE C 226 11.16 6.27 30.22
C PHE C 226 11.06 6.68 31.67
N ARG C 227 9.89 7.12 32.10
CA ARG C 227 9.73 7.55 33.48
C ARG C 227 10.17 6.47 34.47
N LEU C 228 10.96 6.85 35.47
CA LEU C 228 11.38 5.90 36.51
C LEU C 228 10.56 6.17 37.72
N LYS C 230 8.55 9.71 40.14
CA LYS C 230 8.18 11.09 40.42
C LYS C 230 9.42 11.98 40.47
N ASN C 231 10.61 11.38 40.41
CA ASN C 231 11.82 12.20 40.49
C ASN C 231 12.88 11.86 39.45
N LYS C 232 12.79 10.67 38.87
CA LYS C 232 13.76 10.25 37.88
C LYS C 232 13.09 10.00 36.53
N SER C 233 13.92 9.95 35.50
CA SER C 233 13.50 9.73 34.13
C SER C 233 14.68 9.84 33.17
N LYS C 234 14.71 8.98 32.16
CA LYS C 234 15.76 9.00 31.17
C LYS C 234 15.07 8.64 29.86
N PRO C 235 15.69 8.98 28.73
CA PRO C 235 15.15 8.71 27.39
C PRO C 235 15.41 7.32 26.80
N VAL C 236 14.58 6.94 25.82
CA VAL C 236 14.67 5.65 25.15
C VAL C 236 14.02 5.69 23.77
N LYS C 237 14.63 4.99 22.79
CA LYS C 237 14.03 4.93 21.46
C LYS C 237 12.75 4.15 21.71
N MET C 238 11.60 4.80 21.61
CA MET C 238 10.32 4.17 21.89
C MET C 238 9.55 3.71 20.65
N MET C 239 9.58 2.42 20.35
CA MET C 239 8.87 1.93 19.17
C MET C 239 7.37 2.19 19.29
N TYR C 240 6.66 2.00 18.17
CA TYR C 240 5.23 2.26 18.16
C TYR C 240 4.45 1.66 16.99
N MET C 241 3.20 1.35 17.26
CA MET C 241 2.29 0.80 16.27
C MET C 241 0.92 0.68 16.87
N ARG C 242 -0.08 0.62 15.99
CA ARG C 242 -1.46 0.47 16.38
C ARG C 242 -1.89 -0.88 15.79
N ASP C 243 -2.34 -1.79 16.63
CA ASP C 243 -2.78 -3.06 16.10
C ASP C 243 -3.60 -3.78 17.17
N THR C 244 -3.84 -5.06 16.93
CA THR C 244 -4.64 -5.85 17.84
C THR C 244 -3.80 -6.88 18.57
N PHE C 245 -3.94 -6.93 19.89
CA PHE C 245 -3.18 -7.88 20.68
C PHE C 245 -4.02 -8.39 21.84
N PRO C 246 -3.72 -9.60 22.29
CA PRO C 246 -4.53 -10.03 23.40
C PRO C 246 -4.08 -9.15 24.54
N VAL C 247 -5.03 -8.57 25.25
CA VAL C 247 -4.71 -7.71 26.37
C VAL C 247 -5.50 -8.22 27.54
N LEU C 248 -5.03 -7.90 28.74
CA LEU C 248 -5.73 -8.31 29.92
C LEU C 248 -5.68 -7.16 30.88
N ILE C 249 -6.86 -6.63 31.17
CA ILE C 249 -6.95 -5.51 32.05
C ILE C 249 -7.56 -5.97 33.34
N MET C 250 -7.28 -5.23 34.40
CA MET C 250 -7.81 -5.52 35.72
C MET C 250 -7.34 -4.55 36.78
N GLU C 251 -8.31 -3.81 37.31
CA GLU C 251 -8.07 -2.81 38.34
C GLU C 251 -7.85 -3.55 39.65
N LYS C 252 -8.31 -4.80 39.67
CA LYS C 252 -8.17 -5.64 40.85
C LYS C 252 -6.72 -5.50 41.34
N MET C 253 -5.77 -6.06 40.60
CA MET C 253 -4.36 -5.98 40.97
C MET C 253 -3.66 -4.81 40.29
N ASN C 254 -4.46 -3.87 39.80
CA ASN C 254 -3.97 -2.66 39.13
C ASN C 254 -2.79 -2.90 38.18
N PHE C 255 -3.04 -3.61 37.07
CA PHE C 255 -2.03 -3.90 36.06
C PHE C 255 -2.67 -4.52 34.81
N LYS C 256 -2.17 -4.11 33.63
CA LYS C 256 -2.70 -4.59 32.36
C LYS C 256 -1.66 -5.51 31.72
N MET C 257 -2.12 -6.52 31.00
CA MET C 257 -1.19 -7.45 30.38
C MET C 257 -1.37 -7.52 28.88
N ILE C 258 -0.27 -7.60 28.16
CA ILE C 258 -0.36 -7.68 26.72
C ILE C 258 0.51 -8.77 26.24
N GLU C 259 0.07 -9.42 25.18
CA GLU C 259 0.78 -10.51 24.57
C GLU C 259 1.23 -10.07 23.19
N LEU C 260 2.53 -9.93 23.02
CA LEU C 260 3.05 -9.54 21.74
C LEU C 260 3.63 -10.84 21.22
N PRO C 261 2.92 -11.50 20.31
CA PRO C 261 3.27 -12.78 19.68
C PRO C 261 4.37 -12.75 18.66
N TYR C 262 5.23 -13.78 18.68
CA TYR C 262 6.29 -13.89 17.69
C TYR C 262 5.64 -14.56 16.49
N VAL C 263 6.39 -14.72 15.41
CA VAL C 263 5.85 -15.32 14.20
C VAL C 263 4.91 -16.46 14.48
N LYS C 264 3.92 -16.64 13.62
CA LYS C 264 2.90 -17.71 13.77
C LYS C 264 2.47 -17.94 15.23
N ARG C 265 2.73 -16.97 16.09
CA ARG C 265 2.35 -17.02 17.50
C ARG C 265 2.82 -18.27 18.29
N GLU C 266 3.90 -18.91 17.85
CA GLU C 266 4.42 -20.11 18.52
C GLU C 266 4.93 -19.71 19.89
N LEU C 267 5.80 -18.69 19.89
CA LEU C 267 6.37 -18.12 21.09
C LEU C 267 5.88 -16.66 21.16
N SER C 268 5.59 -16.17 22.36
CA SER C 268 5.10 -14.80 22.53
C SER C 268 5.76 -14.12 23.72
N MET C 269 5.80 -12.79 23.70
CA MET C 269 6.37 -12.05 24.81
C MET C 269 5.23 -11.41 25.56
N PHE C 270 5.22 -11.51 26.89
CA PHE C 270 4.16 -10.90 27.66
C PHE C 270 4.65 -9.78 28.54
N ILE C 271 3.95 -8.67 28.51
CA ILE C 271 4.39 -7.58 29.31
C ILE C 271 3.42 -7.16 30.37
N LEU C 272 3.72 -7.53 31.60
CA LEU C 272 2.86 -7.12 32.68
C LEU C 272 3.34 -5.71 33.00
N LEU C 273 2.45 -4.75 32.77
CA LEU C 273 2.75 -3.36 33.00
C LEU C 273 1.82 -2.81 34.09
N PRO C 274 2.40 -2.31 35.18
CA PRO C 274 1.56 -1.77 36.27
C PRO C 274 0.85 -0.52 35.75
N ASP C 275 -0.46 -0.46 35.96
CA ASP C 275 -1.24 0.68 35.51
C ASP C 275 -0.50 2.02 35.66
N ASP C 276 0.23 2.20 36.76
CA ASP C 276 1.00 3.45 37.00
C ASP C 276 1.89 3.44 38.24
N THR C 282 9.72 1.92 41.83
CA THR C 282 9.54 1.48 40.46
C THR C 282 8.05 1.29 40.23
N GLY C 283 7.32 1.07 41.32
CA GLY C 283 5.89 0.84 41.25
C GLY C 283 5.56 -0.62 40.95
N LEU C 284 6.63 -1.40 40.79
CA LEU C 284 6.56 -2.81 40.51
C LEU C 284 6.52 -3.70 41.78
N GLU C 285 7.17 -3.20 42.84
CA GLU C 285 7.28 -3.92 44.11
C GLU C 285 6.02 -4.67 44.56
N GLN C 286 4.87 -4.02 44.48
CA GLN C 286 3.61 -4.62 44.89
C GLN C 286 3.17 -5.71 43.91
N LEU C 287 3.35 -5.46 42.60
CA LEU C 287 2.97 -6.43 41.60
C LEU C 287 3.87 -7.66 41.66
N GLU C 288 5.12 -7.51 42.07
CA GLU C 288 6.04 -8.65 42.12
C GLU C 288 5.82 -9.54 43.33
N ARG C 289 5.20 -8.98 44.35
CA ARG C 289 4.91 -9.67 45.58
C ARG C 289 3.84 -10.72 45.21
N GLU C 290 2.73 -10.23 44.65
CA GLU C 290 1.58 -11.05 44.23
C GLU C 290 1.94 -12.10 43.16
N LEU C 291 3.09 -11.91 42.54
CA LEU C 291 3.60 -12.78 41.48
C LEU C 291 3.71 -14.25 41.90
N THR C 292 3.11 -15.13 41.11
CA THR C 292 3.10 -16.58 41.34
C THR C 292 3.13 -17.25 39.98
N TYR C 293 3.41 -18.55 39.92
CA TYR C 293 3.36 -19.18 38.60
C TYR C 293 1.92 -19.51 38.35
N GLU C 294 1.16 -19.61 39.44
CA GLU C 294 -0.27 -19.91 39.36
C GLU C 294 -0.94 -18.74 38.66
N ARG C 295 -0.86 -17.57 39.29
CA ARG C 295 -1.46 -16.38 38.74
C ARG C 295 -1.01 -16.08 37.32
N LEU C 296 0.26 -16.26 37.01
CA LEU C 296 0.73 -16.02 35.65
C LEU C 296 0.03 -16.95 34.67
N SER C 297 -0.02 -18.24 35.01
CA SER C 297 -0.65 -19.21 34.14
C SER C 297 -2.15 -18.98 34.02
N GLU C 298 -2.83 -18.66 35.12
CA GLU C 298 -4.26 -18.39 35.03
C GLU C 298 -4.51 -17.20 34.11
N TRP C 299 -3.58 -16.24 34.10
CA TRP C 299 -3.70 -15.04 33.29
C TRP C 299 -3.42 -15.21 31.82
N ALA C 300 -2.17 -15.47 31.46
CA ALA C 300 -1.85 -15.64 30.08
C ALA C 300 -2.82 -16.62 29.44
N ASP C 301 -3.19 -17.67 30.17
CA ASP C 301 -4.13 -18.66 29.65
C ASP C 301 -5.58 -18.23 29.85
N SER C 302 -5.77 -17.18 30.63
CA SER C 302 -7.12 -16.69 30.92
C SER C 302 -7.97 -16.32 29.75
N LYS C 303 -9.20 -16.83 29.80
CA LYS C 303 -10.20 -16.58 28.79
C LYS C 303 -10.73 -15.16 28.99
N MET C 304 -10.05 -14.39 29.84
CA MET C 304 -10.43 -12.99 30.11
C MET C 304 -9.46 -12.04 29.43
N MET C 305 -8.38 -12.60 28.86
CA MET C 305 -7.36 -11.81 28.15
C MET C 305 -7.68 -11.85 26.67
N THR C 306 -8.26 -10.77 26.15
CA THR C 306 -8.65 -10.77 24.74
C THR C 306 -8.22 -9.63 23.80
N GLU C 307 -8.19 -9.98 22.51
CA GLU C 307 -7.80 -9.09 21.43
C GLU C 307 -8.39 -7.71 21.58
N THR C 308 -7.56 -6.69 21.37
CA THR C 308 -8.03 -5.33 21.52
C THR C 308 -7.19 -4.41 20.67
N LEU C 309 -7.83 -3.43 20.04
CA LEU C 309 -7.06 -2.49 19.24
C LEU C 309 -6.24 -1.72 20.28
N VAL C 310 -4.94 -1.55 20.03
CA VAL C 310 -4.07 -0.88 20.99
C VAL C 310 -3.00 0.01 20.35
N ASP C 311 -2.76 1.18 20.97
CA ASP C 311 -1.73 2.13 20.52
C ASP C 311 -0.52 1.75 21.34
N LEU C 312 0.35 0.94 20.73
CA LEU C 312 1.49 0.42 21.44
C LEU C 312 2.79 1.16 21.44
N HIS C 313 3.31 1.45 22.63
CA HIS C 313 4.59 2.11 22.79
C HIS C 313 5.53 1.14 23.53
N LEU C 314 6.48 0.53 22.81
CA LEU C 314 7.38 -0.43 23.44
C LEU C 314 8.82 -0.01 23.34
N PRO C 315 9.44 0.35 24.48
CA PRO C 315 10.83 0.79 24.47
C PRO C 315 11.72 -0.20 23.79
N LYS C 316 12.36 0.23 22.71
CA LYS C 316 13.30 -0.60 21.97
C LYS C 316 14.40 -0.87 22.99
N PHE C 317 14.35 -2.02 23.66
CA PHE C 317 15.32 -2.29 24.71
C PHE C 317 16.26 -3.45 24.53
N SER C 318 17.14 -3.64 25.51
CA SER C 318 18.10 -4.71 25.38
C SER C 318 18.81 -5.09 26.70
N LEU C 319 18.74 -6.38 27.05
CA LEU C 319 19.33 -6.94 28.27
C LEU C 319 20.17 -8.16 27.97
N GLU C 320 21.27 -8.32 28.71
CA GLU C 320 22.20 -9.46 28.58
C GLU C 320 22.64 -9.76 29.99
N ASP C 321 22.73 -11.02 30.36
CA ASP C 321 23.13 -11.30 31.72
C ASP C 321 23.95 -12.56 31.83
N ARG C 322 24.90 -12.53 32.76
CA ARG C 322 25.77 -13.67 33.00
C ARG C 322 25.59 -13.88 34.46
N ILE C 323 25.46 -15.13 34.88
CA ILE C 323 25.23 -15.41 36.27
C ILE C 323 25.99 -16.59 36.79
N ASP C 324 26.79 -16.38 37.83
CA ASP C 324 27.50 -17.49 38.43
C ASP C 324 26.54 -17.94 39.52
N LEU C 325 25.75 -18.95 39.20
CA LEU C 325 24.72 -19.45 40.11
C LEU C 325 25.10 -20.11 41.42
N ARG C 326 26.38 -20.40 41.63
CA ARG C 326 26.76 -21.08 42.85
C ARG C 326 26.11 -20.55 44.14
N ASP C 327 26.41 -19.31 44.49
CA ASP C 327 25.85 -18.75 45.71
C ASP C 327 24.35 -18.77 45.68
N THR C 328 23.80 -18.44 44.52
CA THR C 328 22.34 -18.38 44.32
C THR C 328 21.67 -19.71 44.62
N LEU C 329 22.13 -20.76 43.96
CA LEU C 329 21.56 -22.08 44.15
C LEU C 329 21.79 -22.63 45.55
N ARG C 330 22.95 -22.33 46.14
CA ARG C 330 23.27 -22.81 47.48
C ARG C 330 22.20 -22.35 48.41
N ASN C 331 21.94 -21.06 48.28
CA ASN C 331 21.00 -20.31 49.05
C ASN C 331 19.56 -20.69 48.86
N MET C 332 19.23 -21.20 47.67
CA MET C 332 17.86 -21.62 47.35
C MET C 332 17.57 -23.02 47.88
N GLY C 333 18.60 -23.71 48.33
CA GLY C 333 18.37 -25.03 48.85
C GLY C 333 19.27 -26.08 48.26
N MET C 334 20.14 -25.65 47.34
CA MET C 334 21.08 -26.58 46.71
C MET C 334 22.43 -26.24 47.33
N THR C 335 22.90 -27.12 48.22
CA THR C 335 24.12 -26.90 48.94
C THR C 335 25.11 -28.04 48.86
N THR C 336 24.60 -29.23 49.09
CA THR C 336 25.41 -30.43 49.10
C THR C 336 26.11 -30.76 47.78
N ALA C 337 25.51 -30.36 46.65
CA ALA C 337 26.10 -30.66 45.34
C ALA C 337 27.41 -29.91 45.14
N PHE C 338 27.76 -29.05 46.09
CA PHE C 338 28.99 -28.30 45.96
C PHE C 338 30.04 -28.73 46.98
N THR C 339 29.63 -29.47 48.00
CA THR C 339 30.58 -29.94 49.00
C THR C 339 31.33 -31.08 48.33
N THR C 340 32.53 -31.39 48.80
CA THR C 340 33.31 -32.51 48.22
C THR C 340 32.56 -33.82 48.45
N ASN C 341 31.55 -33.74 49.31
CA ASN C 341 30.71 -34.86 49.70
C ASN C 341 29.39 -34.81 48.93
N ALA C 342 29.54 -34.75 47.60
CA ALA C 342 28.45 -34.72 46.65
C ALA C 342 28.17 -36.14 46.25
N ASP C 343 26.88 -36.45 46.15
CA ASP C 343 26.41 -37.78 45.79
C ASP C 343 26.23 -37.92 44.28
N PHE C 344 27.15 -37.37 43.51
CA PHE C 344 27.05 -37.46 42.06
C PHE C 344 27.45 -38.82 41.56
N ARG C 345 27.29 -39.83 42.42
CA ARG C 345 27.64 -41.19 42.05
C ARG C 345 26.80 -41.67 40.88
N GLY C 346 25.90 -40.79 40.44
CA GLY C 346 25.06 -41.12 39.31
C GLY C 346 25.89 -41.15 38.05
N MET C 347 26.97 -40.37 38.02
CA MET C 347 27.82 -40.34 36.84
C MET C 347 29.25 -40.79 37.09
N THR C 348 29.73 -40.61 38.33
CA THR C 348 31.08 -41.01 38.68
C THR C 348 31.09 -41.85 39.94
N ASP C 349 32.28 -42.27 40.38
CA ASP C 349 32.41 -43.09 41.57
C ASP C 349 33.40 -42.48 42.55
N LEU C 353 34.07 -35.56 44.06
CA LEU C 353 33.59 -34.71 42.97
C LEU C 353 32.31 -33.96 43.34
N ALA C 354 32.29 -32.68 43.01
CA ALA C 354 31.14 -31.84 43.31
C ALA C 354 31.11 -30.75 42.26
N ILE C 355 29.99 -30.08 42.10
CA ILE C 355 29.95 -29.02 41.12
C ILE C 355 30.79 -27.91 41.71
N SER C 356 31.74 -27.40 40.95
CA SER C 356 32.58 -26.33 41.45
C SER C 356 32.08 -24.98 40.96
N LYS C 357 31.34 -24.97 39.85
CA LYS C 357 30.79 -23.73 39.30
C LYS C 357 29.58 -24.04 38.41
N VAL C 358 28.90 -22.99 37.98
CA VAL C 358 27.72 -23.08 37.10
C VAL C 358 27.60 -21.69 36.50
N ILE C 359 28.05 -21.54 35.28
CA ILE C 359 27.99 -20.25 34.60
C ILE C 359 26.88 -20.24 33.56
N HIS C 360 25.88 -19.40 33.76
CA HIS C 360 24.80 -19.30 32.79
C HIS C 360 24.88 -17.95 32.12
N GLN C 361 24.33 -17.82 30.91
CA GLN C 361 24.36 -16.54 30.24
C GLN C 361 23.36 -16.35 29.09
N SER C 362 22.31 -15.59 29.33
CA SER C 362 21.32 -15.31 28.30
C SER C 362 21.26 -13.81 28.01
N PHE C 363 20.53 -13.44 26.95
CA PHE C 363 20.42 -12.04 26.58
C PHE C 363 19.18 -11.85 25.74
N VAL C 364 18.80 -10.61 25.51
CA VAL C 364 17.63 -10.33 24.68
C VAL C 364 17.77 -8.94 24.13
N ALA C 365 17.18 -8.69 22.98
CA ALA C 365 17.27 -7.36 22.42
C ALA C 365 16.03 -7.02 21.63
N VAL C 366 14.97 -6.61 22.32
CA VAL C 366 13.73 -6.21 21.67
C VAL C 366 14.01 -5.08 20.71
N ASP C 367 13.46 -5.17 19.51
CA ASP C 367 13.64 -4.17 18.47
C ASP C 367 12.41 -4.19 17.56
N GLU C 368 12.44 -3.46 16.44
CA GLU C 368 11.30 -3.48 15.53
C GLU C 368 11.19 -4.85 14.88
N LYS C 369 11.93 -5.83 15.37
CA LYS C 369 11.84 -7.15 14.76
C LYS C 369 11.73 -8.25 15.80
N GLY C 370 11.79 -7.90 17.08
CA GLY C 370 11.67 -8.93 18.11
C GLY C 370 12.95 -9.08 18.88
N THR C 371 13.88 -9.89 18.38
CA THR C 371 15.16 -10.07 19.07
C THR C 371 16.18 -10.43 18.01
N GLU C 372 17.46 -10.26 18.33
CA GLU C 372 18.56 -10.57 17.43
C GLU C 372 18.10 -11.21 16.12
N ALA C 373 17.37 -10.48 15.29
CA ALA C 373 16.86 -11.05 14.04
C ALA C 373 17.56 -10.65 12.76
N ALA C 374 17.69 -11.64 11.88
CA ALA C 374 18.27 -11.45 10.56
C ALA C 374 17.07 -10.79 9.86
N ALA C 375 17.16 -9.47 9.61
CA ALA C 375 16.04 -8.76 8.98
C ALA C 375 16.17 -8.38 7.51
N ALA C 376 15.06 -7.90 6.96
CA ALA C 376 14.95 -7.49 5.58
C ALA C 376 13.46 -7.42 5.36
N THR C 377 12.88 -6.33 5.84
CA THR C 377 11.45 -6.15 5.71
C THR C 377 11.10 -5.41 4.39
N ALA C 378 11.85 -5.74 3.33
CA ALA C 378 11.70 -5.18 1.99
C ALA C 378 10.49 -4.29 1.71
N VAL C 379 9.32 -4.91 1.57
CA VAL C 379 8.09 -4.20 1.30
C VAL C 379 7.26 -3.81 2.54
N ILE C 380 7.23 -2.53 2.87
CA ILE C 380 6.45 -2.07 4.01
C ILE C 380 5.29 -1.28 3.43
N ILE C 381 4.07 -1.72 3.68
CA ILE C 381 2.93 -1.03 3.14
C ILE C 381 1.81 -0.97 4.16
N SER C 382 1.83 0.07 4.99
CA SER C 382 0.79 0.23 6.01
C SER C 382 -0.45 0.97 5.46
N PHE C 383 -1.64 0.64 5.98
CA PHE C 383 -2.84 1.32 5.53
C PHE C 383 -3.55 1.97 6.68
N THR C 384 -3.04 3.12 7.10
CA THR C 384 -3.65 3.88 8.16
C THR C 384 -5.05 4.22 7.67
N THR C 385 -6.07 3.66 8.30
CA THR C 385 -7.44 3.96 7.86
C THR C 385 -8.33 4.37 9.06
N SER C 386 -9.64 4.61 8.90
CA SER C 386 -10.29 5.21 10.05
C SER C 386 -11.50 4.93 10.96
N VAL C 387 -11.19 5.19 12.22
CA VAL C 387 -12.07 5.21 13.38
C VAL C 387 -12.69 3.97 14.04
N HIS C 390 -11.87 3.05 19.08
CA HIS C 390 -11.28 3.85 20.18
C HIS C 390 -10.15 2.87 20.50
N VAL C 391 -9.14 3.44 21.17
CA VAL C 391 -7.90 2.78 21.56
C VAL C 391 -7.55 2.53 23.04
N LEU C 392 -6.88 1.41 23.32
CA LEU C 392 -6.45 1.11 24.68
C LEU C 392 -5.00 1.51 24.56
N LYS C 393 -4.69 2.66 25.14
CA LYS C 393 -3.36 3.18 25.12
C LYS C 393 -2.57 2.27 26.02
N PHE C 394 -1.66 1.53 25.43
CA PHE C 394 -0.81 0.65 26.20
C PHE C 394 0.64 1.14 26.08
N LYS C 395 0.92 2.26 26.73
CA LYS C 395 2.25 2.83 26.70
C LYS C 395 3.09 2.09 27.70
N VAL C 396 4.23 1.59 27.26
CA VAL C 396 5.14 0.90 28.14
C VAL C 396 6.27 1.86 28.39
N ASP C 397 6.02 2.87 29.23
CA ASP C 397 7.04 3.85 29.51
C ASP C 397 7.52 3.86 30.98
N HIS C 398 7.28 2.77 31.70
CA HIS C 398 7.73 2.67 33.07
C HIS C 398 8.05 1.23 33.46
N PRO C 399 8.80 1.05 34.56
CA PRO C 399 9.17 -0.31 34.99
C PRO C 399 8.09 -1.34 34.67
N PHE C 400 8.50 -2.45 34.07
CA PHE C 400 7.56 -3.53 33.72
C PHE C 400 8.21 -4.90 33.87
N HIS C 401 7.38 -5.93 33.71
CA HIS C 401 7.83 -7.30 33.77
C HIS C 401 7.67 -7.81 32.37
N PHE C 402 8.52 -8.74 31.97
CA PHE C 402 8.35 -9.27 30.64
C PHE C 402 8.99 -10.63 30.54
N PHE C 403 8.26 -11.57 29.95
CA PHE C 403 8.78 -12.92 29.74
C PHE C 403 8.41 -13.44 28.35
N ILE C 404 9.11 -14.46 27.90
CA ILE C 404 8.84 -15.03 26.61
C ILE C 404 8.48 -16.48 26.81
N ARG C 405 7.41 -16.92 26.15
CA ARG C 405 6.93 -18.27 26.34
C ARG C 405 6.59 -19.09 25.11
N HIS C 406 6.76 -20.41 25.20
CA HIS C 406 6.42 -21.29 24.08
C HIS C 406 4.96 -21.68 24.31
N ASN C 407 4.08 -20.73 24.00
CA ASN C 407 2.64 -20.83 24.16
C ASN C 407 2.06 -22.23 24.02
N LYS C 408 2.53 -22.98 23.04
CA LYS C 408 2.06 -24.34 22.86
C LYS C 408 2.15 -25.11 24.19
N SER C 409 3.33 -25.10 24.79
CA SER C 409 3.60 -25.80 26.03
C SER C 409 3.66 -24.94 27.30
N LYS C 410 3.48 -23.64 27.18
CA LYS C 410 3.55 -22.72 28.35
C LYS C 410 4.89 -22.63 29.08
N THR C 411 5.92 -23.23 28.47
CA THR C 411 7.23 -23.20 29.07
C THR C 411 7.76 -21.78 28.98
N ILE C 412 8.09 -21.19 30.12
CA ILE C 412 8.64 -19.84 30.12
C ILE C 412 10.11 -20.03 29.76
N LEU C 413 10.58 -19.41 28.70
CA LEU C 413 11.97 -19.58 28.29
C LEU C 413 12.84 -18.46 28.81
N PHE C 414 12.31 -17.25 28.81
CA PHE C 414 13.05 -16.10 29.30
C PHE C 414 12.12 -15.36 30.22
N PHE C 415 12.68 -14.66 31.21
CA PHE C 415 11.86 -13.93 32.16
C PHE C 415 12.66 -12.77 32.67
N GLY C 416 11.99 -11.64 32.88
CA GLY C 416 12.71 -10.49 33.36
C GLY C 416 11.91 -9.31 33.87
N ARG C 417 12.67 -8.33 34.31
CA ARG C 417 12.08 -7.12 34.79
C ARG C 417 12.86 -6.00 34.15
N PHE C 418 12.17 -5.04 33.58
CA PHE C 418 12.89 -3.91 32.99
C PHE C 418 12.44 -2.69 33.77
N CYS C 419 13.41 -1.90 34.20
CA CYS C 419 13.12 -0.69 34.98
C CYS C 419 14.29 0.26 35.06
N CYS C 420 15.39 -0.05 34.37
CA CYS C 420 16.58 0.80 34.41
C CYS C 420 17.38 0.91 33.10
N PRO C 421 17.28 2.05 32.41
CA PRO C 421 18.00 2.30 31.16
C PRO C 421 19.36 2.81 31.62
N VAL C 422 19.45 2.93 32.95
CA VAL C 422 20.63 3.43 33.63
C VAL C 422 21.92 2.81 33.12
N GLU C 423 22.77 3.64 32.54
CA GLU C 423 24.03 3.11 32.00
C GLU C 423 25.18 3.33 33.00
N MET D 42 9.11 15.13 -24.48
CA MET D 42 8.21 14.92 -23.33
C MET D 42 7.32 13.69 -23.51
N GLU D 43 6.83 13.47 -24.72
CA GLU D 43 5.95 12.35 -25.04
C GLU D 43 6.68 11.01 -25.23
N GLN D 44 7.99 11.03 -25.07
CA GLN D 44 8.82 9.83 -25.24
C GLN D 44 9.14 9.23 -23.87
N VAL D 45 9.41 10.12 -22.91
CA VAL D 45 9.75 9.71 -21.56
C VAL D 45 8.53 9.21 -20.81
N SER D 46 7.43 9.93 -20.98
CA SER D 46 6.18 9.58 -20.32
C SER D 46 5.76 8.15 -20.62
N ALA D 47 6.16 7.66 -21.79
CA ALA D 47 5.83 6.30 -22.16
C ALA D 47 6.79 5.39 -21.42
N SER D 48 8.05 5.82 -21.32
CA SER D 48 9.06 5.05 -20.61
C SER D 48 8.52 4.76 -19.23
N ILE D 49 8.26 5.84 -18.50
CA ILE D 49 7.73 5.67 -17.16
C ILE D 49 6.55 4.73 -17.28
N GLY D 50 5.58 5.14 -18.09
CA GLY D 50 4.39 4.33 -18.31
C GLY D 50 4.64 2.83 -18.31
N ASN D 51 5.68 2.41 -18.99
CA ASN D 51 6.00 1.01 -19.03
C ASN D 51 6.70 0.60 -17.76
N PHE D 52 7.75 1.33 -17.39
CA PHE D 52 8.45 0.98 -16.18
C PHE D 52 7.47 0.74 -15.07
N THR D 53 6.42 1.57 -15.02
CA THR D 53 5.38 1.48 -14.00
C THR D 53 4.71 0.13 -14.01
N VAL D 54 4.03 -0.19 -15.10
CA VAL D 54 3.34 -1.47 -15.17
C VAL D 54 4.26 -2.62 -14.79
N ASP D 55 5.51 -2.55 -15.23
CA ASP D 55 6.45 -3.61 -14.90
C ASP D 55 6.77 -3.64 -13.42
N LEU D 56 7.30 -2.53 -12.92
CA LEU D 56 7.62 -2.45 -11.52
C LEU D 56 6.44 -3.05 -10.76
N PHE D 57 5.24 -2.60 -11.13
CA PHE D 57 4.04 -3.09 -10.48
C PHE D 57 4.00 -4.60 -10.47
N ASN D 58 3.85 -5.20 -11.65
CA ASN D 58 3.80 -6.66 -11.70
C ASN D 58 4.83 -7.26 -10.74
N LYS D 59 6.11 -6.96 -10.92
CA LYS D 59 7.12 -7.52 -10.01
C LYS D 59 6.65 -7.45 -8.57
N LEU D 60 6.63 -6.25 -8.01
CA LEU D 60 6.20 -6.07 -6.63
C LEU D 60 5.04 -6.99 -6.29
N ASN D 61 4.13 -7.13 -7.25
CA ASN D 61 2.95 -7.95 -7.10
C ASN D 61 3.33 -9.40 -6.81
N GLU D 62 4.11 -9.97 -7.72
CA GLU D 62 4.52 -11.36 -7.60
C GLU D 62 4.85 -11.75 -6.17
N THR D 63 5.63 -10.94 -5.47
CA THR D 63 5.98 -11.26 -4.09
C THR D 63 4.74 -11.19 -3.19
N ASN D 64 4.07 -10.06 -3.27
CA ASN D 64 2.88 -9.80 -2.47
C ASN D 64 1.58 -9.95 -3.26
N ARG D 65 1.29 -11.16 -3.74
CA ARG D 65 0.07 -11.37 -4.51
C ARG D 65 -1.13 -11.03 -3.62
N ASP D 66 -0.84 -10.74 -2.35
CA ASP D 66 -1.87 -10.43 -1.35
C ASP D 66 -1.72 -9.12 -0.56
N LYS D 67 -1.08 -8.11 -1.16
CA LYS D 67 -0.90 -6.82 -0.49
C LYS D 67 -1.45 -5.69 -1.37
N ASN D 68 -1.47 -4.48 -0.81
CA ASN D 68 -1.93 -3.29 -1.53
C ASN D 68 -0.69 -2.63 -2.11
N ILE D 69 -0.53 -2.72 -3.42
CA ILE D 69 0.64 -2.15 -4.06
C ILE D 69 0.49 -0.66 -4.32
N PHE D 70 1.54 0.08 -3.98
CA PHE D 70 1.58 1.53 -4.16
C PHE D 70 3.01 2.08 -4.30
N PHE D 71 3.19 3.04 -5.22
CA PHE D 71 4.50 3.65 -5.43
C PHE D 71 4.42 4.80 -6.45
N SER D 72 5.48 5.61 -6.54
CA SER D 72 5.49 6.71 -7.48
C SER D 72 6.40 6.35 -8.62
N PRO D 73 5.85 5.70 -9.64
CA PRO D 73 6.73 5.30 -10.75
C PRO D 73 7.54 6.49 -11.22
N TRP D 74 6.96 7.69 -11.17
CA TRP D 74 7.67 8.89 -11.60
C TRP D 74 8.80 9.26 -10.66
N SER D 75 8.63 8.98 -9.38
CA SER D 75 9.66 9.35 -8.43
C SER D 75 10.77 8.35 -8.40
N ILE D 76 10.68 7.31 -9.23
CA ILE D 76 11.73 6.32 -9.23
C ILE D 76 12.56 6.36 -10.52
N SER D 77 11.89 6.47 -11.67
CA SER D 77 12.61 6.54 -12.93
C SER D 77 13.45 7.80 -12.79
N SER D 78 12.78 8.85 -12.34
CA SER D 78 13.41 10.15 -12.13
C SER D 78 14.66 10.03 -11.26
N ALA D 79 14.54 9.36 -10.12
CA ALA D 79 15.66 9.18 -9.21
C ALA D 79 16.68 8.23 -9.79
N LEU D 80 16.22 7.25 -10.54
CA LEU D 80 17.13 6.27 -11.13
C LEU D 80 17.81 6.89 -12.34
N ALA D 81 17.19 7.90 -12.92
CA ALA D 81 17.76 8.59 -14.07
C ALA D 81 19.13 9.14 -13.66
N LEU D 82 19.21 9.70 -12.46
CA LEU D 82 20.47 10.26 -11.91
C LEU D 82 21.64 9.30 -12.06
N THR D 83 21.61 8.21 -11.30
CA THR D 83 22.69 7.25 -11.39
C THR D 83 22.90 6.97 -12.87
N TYR D 84 21.80 6.73 -13.56
CA TYR D 84 21.82 6.45 -14.99
C TYR D 84 22.65 7.43 -15.77
N LEU D 85 22.52 8.71 -15.43
CA LEU D 85 23.28 9.78 -16.05
C LEU D 85 24.73 9.71 -15.51
N ALA D 86 25.13 8.50 -15.14
CA ALA D 86 26.47 8.26 -14.62
C ALA D 86 26.75 6.79 -14.76
N ALA D 87 25.90 6.11 -15.53
CA ALA D 87 26.00 4.67 -15.78
C ALA D 87 26.42 4.43 -17.23
N LYS D 88 27.69 4.08 -17.43
CA LYS D 88 28.22 3.84 -18.76
C LYS D 88 28.40 2.35 -19.08
N GLY D 89 28.62 2.04 -20.35
CA GLY D 89 28.84 0.66 -20.76
C GLY D 89 27.67 -0.31 -20.66
N SER D 90 27.83 -1.34 -19.83
CA SER D 90 26.81 -2.36 -19.66
C SER D 90 25.87 -2.08 -18.50
N THR D 91 26.35 -1.34 -17.51
CA THR D 91 25.51 -1.02 -16.39
C THR D 91 24.35 -0.23 -16.96
N ALA D 92 24.64 0.60 -17.95
CA ALA D 92 23.62 1.42 -18.59
C ALA D 92 22.71 0.58 -19.45
N ARG D 93 23.27 -0.13 -20.42
CA ARG D 93 22.48 -0.96 -21.34
C ARG D 93 21.38 -1.74 -20.61
N GLU D 94 21.62 -2.06 -19.34
CA GLU D 94 20.65 -2.79 -18.53
C GLU D 94 19.66 -1.84 -17.88
N MET D 95 20.17 -0.78 -17.24
CA MET D 95 19.33 0.24 -16.61
C MET D 95 18.31 0.75 -17.64
N ALA D 96 18.80 1.00 -18.84
CA ALA D 96 17.96 1.48 -19.93
C ALA D 96 16.83 0.47 -20.16
N GLU D 97 17.18 -0.79 -20.28
CA GLU D 97 16.18 -1.82 -20.50
C GLU D 97 15.11 -1.78 -19.40
N VAL D 98 15.54 -1.70 -18.14
CA VAL D 98 14.65 -1.68 -16.98
C VAL D 98 13.71 -0.49 -16.93
N LEU D 99 14.28 0.71 -16.92
CA LEU D 99 13.48 1.92 -16.88
C LEU D 99 12.79 2.14 -18.24
N HIS D 100 13.14 1.31 -19.22
CA HIS D 100 12.60 1.41 -20.57
C HIS D 100 13.10 2.59 -21.33
N PHE D 101 14.40 2.67 -21.54
CA PHE D 101 14.94 3.80 -22.27
C PHE D 101 15.20 3.45 -23.72
N ILE D 107 17.38 13.32 -25.75
CA ILE D 107 16.60 12.30 -25.06
C ILE D 107 16.42 12.62 -23.56
N HIS D 108 17.54 12.83 -22.88
CA HIS D 108 17.61 13.13 -21.44
C HIS D 108 16.92 14.38 -20.87
N SER D 109 16.49 15.30 -21.74
CA SER D 109 15.82 16.53 -21.30
C SER D 109 14.34 16.29 -21.00
N GLY D 110 13.91 15.05 -21.20
CA GLY D 110 12.53 14.70 -20.93
C GLY D 110 12.23 14.89 -19.46
N PHE D 111 13.27 14.86 -18.63
CA PHE D 111 13.10 15.05 -17.20
C PHE D 111 13.16 16.52 -16.88
N LYS D 112 14.10 17.25 -17.47
CA LYS D 112 14.17 18.68 -17.22
C LYS D 112 12.81 19.26 -17.63
N GLU D 113 12.36 18.91 -18.84
CA GLU D 113 11.09 19.39 -19.37
C GLU D 113 9.92 19.05 -18.45
N LEU D 114 9.84 17.82 -17.95
CA LEU D 114 8.75 17.43 -17.06
C LEU D 114 9.02 17.93 -15.66
N LEU D 115 10.27 17.91 -15.26
CA LEU D 115 10.64 18.34 -13.92
C LEU D 115 10.19 19.76 -13.60
N THR D 116 10.38 20.66 -14.54
CA THR D 116 9.96 22.04 -14.31
C THR D 116 8.43 22.06 -14.42
N ALA D 117 7.91 21.57 -15.54
CA ALA D 117 6.47 21.52 -15.76
C ALA D 117 5.75 21.39 -14.43
N PHE D 118 6.07 20.32 -13.71
CA PHE D 118 5.47 20.01 -12.41
C PHE D 118 5.84 20.96 -11.29
N ASN D 119 7.12 20.95 -10.96
CA ASN D 119 7.65 21.78 -9.90
C ASN D 119 7.55 23.27 -10.17
N LYS D 120 7.70 23.67 -11.43
CA LYS D 120 7.59 25.09 -11.78
C LYS D 120 6.19 25.50 -11.30
N PRO D 121 5.26 25.80 -12.20
CA PRO D 121 4.11 26.10 -11.34
C PRO D 121 3.13 24.94 -11.37
N ARG D 122 2.37 24.87 -12.46
CA ARG D 122 1.36 23.85 -12.59
C ARG D 122 0.79 23.93 -11.19
N ASN D 123 0.49 25.16 -10.78
CA ASN D 123 -0.04 25.43 -9.45
C ASN D 123 -1.28 24.57 -9.28
N ASN D 124 -1.83 24.53 -8.07
CA ASN D 124 -3.04 23.75 -7.79
C ASN D 124 -2.74 22.32 -7.34
N TYR D 125 -1.47 22.02 -7.14
CA TYR D 125 -1.02 20.73 -6.66
C TYR D 125 0.43 20.91 -6.31
N SER D 126 0.85 20.31 -5.21
CA SER D 126 2.23 20.43 -4.78
C SER D 126 2.93 19.10 -5.02
N LEU D 127 3.99 19.09 -5.82
CA LEU D 127 4.69 17.84 -6.08
C LEU D 127 6.14 17.89 -5.61
N ARG D 128 6.34 18.18 -4.34
CA ARG D 128 7.66 18.25 -3.73
C ARG D 128 8.20 16.83 -3.70
N SER D 129 9.43 16.70 -4.16
CA SER D 129 10.10 15.42 -4.25
C SER D 129 11.51 15.57 -3.72
N ALA D 130 12.18 14.46 -3.41
CA ALA D 130 13.54 14.54 -2.91
C ALA D 130 14.37 13.38 -3.44
N ASN D 131 15.11 13.60 -4.52
CA ASN D 131 15.97 12.57 -5.12
C ASN D 131 17.39 13.10 -5.09
N ARG D 132 18.32 12.29 -4.56
CA ARG D 132 19.70 12.72 -4.42
C ARG D 132 20.69 11.54 -4.42
N ILE D 133 21.98 11.80 -4.53
CA ILE D 133 22.95 10.72 -4.54
C ILE D 133 23.96 10.98 -3.45
N TYR D 134 24.05 10.08 -2.47
CA TYR D 134 25.02 10.26 -1.41
C TYR D 134 26.18 9.28 -1.53
N VAL D 135 27.39 9.79 -1.69
CA VAL D 135 28.59 8.97 -1.84
C VAL D 135 29.56 9.21 -0.67
N GLU D 136 30.57 8.36 -0.48
CA GLU D 136 31.49 8.64 0.62
C GLU D 136 32.42 9.79 0.26
N LYS D 137 32.91 10.48 1.29
CA LYS D 137 33.80 11.62 1.13
C LYS D 137 35.00 11.26 0.28
N THR D 138 35.37 9.99 0.32
CA THR D 138 36.51 9.43 -0.41
C THR D 138 36.42 9.42 -1.94
N TYR D 139 35.34 8.86 -2.48
CA TYR D 139 35.17 8.78 -3.93
C TYR D 139 35.31 10.10 -4.69
N ALA D 140 35.61 10.00 -5.98
CA ALA D 140 35.84 11.18 -6.83
C ALA D 140 34.77 11.55 -7.85
N LEU D 141 34.25 12.78 -7.78
CA LEU D 141 33.23 13.25 -8.71
C LEU D 141 33.76 14.00 -9.94
N LEU D 142 33.45 13.46 -11.12
CA LEU D 142 33.89 14.00 -12.40
C LEU D 142 32.93 15.11 -12.89
N PRO D 143 33.23 16.38 -12.56
CA PRO D 143 32.45 17.56 -12.90
C PRO D 143 31.36 17.46 -13.96
N THR D 144 31.67 16.93 -15.14
CA THR D 144 30.65 16.83 -16.17
C THR D 144 29.36 16.32 -15.57
N TYR D 145 29.44 15.30 -14.74
CA TYR D 145 28.24 14.76 -14.10
C TYR D 145 27.54 15.86 -13.33
N LEU D 146 28.31 16.60 -12.54
CA LEU D 146 27.77 17.69 -11.73
C LEU D 146 27.14 18.74 -12.62
N GLN D 147 27.78 19.03 -13.73
CA GLN D 147 27.27 20.03 -14.65
C GLN D 147 25.90 19.58 -15.15
N LEU D 148 25.80 18.29 -15.45
CA LEU D 148 24.58 17.72 -15.97
C LEU D 148 23.46 17.51 -14.96
N SER D 149 23.80 16.97 -13.80
CA SER D 149 22.77 16.76 -12.79
C SER D 149 22.19 18.11 -12.44
N LYS D 150 23.05 19.06 -12.16
CA LYS D 150 22.61 20.40 -11.81
C LYS D 150 21.76 20.93 -12.95
N LYS D 151 22.23 20.70 -14.18
CA LYS D 151 21.52 21.16 -15.38
C LYS D 151 20.09 20.63 -15.50
N TYR D 152 19.91 19.32 -15.54
CA TYR D 152 18.57 18.76 -15.69
C TYR D 152 17.80 18.58 -14.41
N TYR D 153 18.50 18.07 -13.40
CA TYR D 153 17.87 17.74 -12.15
C TYR D 153 17.97 18.65 -10.97
N LYS D 154 18.23 19.94 -11.19
CA LYS D 154 18.32 20.87 -10.07
C LYS D 154 18.66 20.09 -8.80
N ALA D 155 19.68 19.26 -8.88
CA ALA D 155 20.11 18.45 -7.75
C ALA D 155 21.59 18.09 -7.90
N GLU D 156 22.31 18.14 -6.79
CA GLU D 156 23.73 17.86 -6.76
C GLU D 156 24.05 16.70 -5.82
N PRO D 157 24.90 15.76 -6.26
CA PRO D 157 25.29 14.62 -5.45
C PRO D 157 26.09 15.15 -4.27
N GLN D 158 25.74 14.75 -3.06
CA GLN D 158 26.46 15.24 -1.90
C GLN D 158 27.43 14.17 -1.43
N LYS D 159 28.69 14.53 -1.29
CA LYS D 159 29.69 13.57 -0.84
C LYS D 159 29.63 13.55 0.68
N VAL D 160 29.36 12.39 1.26
CA VAL D 160 29.29 12.28 2.72
C VAL D 160 30.28 11.27 3.30
N ASN D 161 30.45 11.30 4.62
CA ASN D 161 31.37 10.38 5.28
C ASN D 161 30.73 9.12 5.86
N PHE D 162 30.67 8.08 5.05
CA PHE D 162 30.10 6.82 5.48
C PHE D 162 31.20 6.04 6.22
N LYS D 163 32.45 6.30 5.81
CA LYS D 163 33.64 5.64 6.34
C LYS D 163 33.75 5.54 7.86
N THR D 164 33.43 6.63 8.57
CA THR D 164 33.51 6.59 10.02
C THR D 164 32.41 7.40 10.74
N ALA D 165 31.37 7.77 10.00
CA ALA D 165 30.23 8.52 10.53
C ALA D 165 28.99 7.97 9.86
N PRO D 166 28.86 6.64 9.84
CA PRO D 166 27.71 5.99 9.22
C PRO D 166 26.41 6.43 9.88
N GLU D 167 26.30 6.18 11.18
CA GLU D 167 25.12 6.54 11.95
C GLU D 167 24.80 8.04 11.89
N GLN D 168 25.82 8.86 11.59
CA GLN D 168 25.62 10.30 11.49
C GLN D 168 25.17 10.67 10.08
N SER D 169 25.99 10.28 9.10
CA SER D 169 25.66 10.55 7.72
C SER D 169 24.17 10.30 7.59
N ARG D 170 23.74 9.13 8.03
CA ARG D 170 22.34 8.77 7.98
C ARG D 170 21.44 9.89 8.49
N LYS D 171 21.61 10.28 9.74
CA LYS D 171 20.79 11.35 10.29
C LYS D 171 20.75 12.50 9.29
N GLU D 172 21.90 12.85 8.73
CA GLU D 172 21.99 13.94 7.76
C GLU D 172 21.02 13.70 6.62
N ILE D 173 21.04 12.48 6.10
CA ILE D 173 20.16 12.08 5.00
C ILE D 173 18.72 12.16 5.42
N ASN D 174 18.36 11.37 6.43
CA ASN D 174 17.00 11.35 6.93
C ASN D 174 16.47 12.73 7.23
N THR D 175 17.38 13.71 7.34
CA THR D 175 16.95 15.06 7.62
C THR D 175 16.63 15.79 6.31
N TRP D 176 17.51 15.65 5.33
CA TRP D 176 17.29 16.27 4.02
C TRP D 176 15.92 15.85 3.52
N VAL D 177 15.66 14.56 3.68
CA VAL D 177 14.39 13.99 3.25
C VAL D 177 13.30 14.77 3.96
N GLU D 178 13.37 14.79 5.28
CA GLU D 178 12.38 15.47 6.09
C GLU D 178 12.14 16.90 5.62
N LYS D 179 13.22 17.63 5.32
CA LYS D 179 13.11 19.02 4.87
C LYS D 179 12.46 19.15 3.49
N GLN D 180 12.88 18.28 2.57
CA GLN D 180 12.36 18.30 1.21
C GLN D 180 10.93 17.78 1.02
N THR D 181 10.40 17.08 2.02
CA THR D 181 9.05 16.51 1.90
C THR D 181 8.00 17.24 2.72
N GLU D 182 8.37 18.38 3.29
CA GLU D 182 7.46 19.15 4.13
C GLU D 182 7.26 18.47 5.47
N SER D 183 8.30 17.77 5.90
CA SER D 183 8.31 17.09 7.18
C SER D 183 7.34 15.91 7.34
N LYS D 184 6.89 15.34 6.22
CA LYS D 184 5.95 14.23 6.29
C LYS D 184 6.61 12.84 6.23
N ILE D 185 7.88 12.77 5.81
CA ILE D 185 8.59 11.50 5.75
C ILE D 185 9.66 11.52 6.85
N LYS D 186 9.46 10.74 7.91
CA LYS D 186 10.42 10.75 9.01
C LYS D 186 11.77 10.09 8.72
N ASN D 187 12.12 9.13 9.56
CA ASN D 187 13.39 8.43 9.46
C ASN D 187 13.45 7.43 8.30
N LEU D 188 13.74 7.95 7.11
CA LEU D 188 13.82 7.15 5.90
C LEU D 188 14.82 6.00 6.01
N LEU D 189 15.97 6.28 6.59
CA LEU D 189 16.99 5.23 6.72
C LEU D 189 17.17 4.72 8.15
N SER D 190 17.26 3.40 8.27
CA SER D 190 17.43 2.76 9.55
C SER D 190 18.87 2.40 9.80
N SER D 191 19.24 2.31 11.07
CA SER D 191 20.60 1.99 11.49
C SER D 191 21.21 0.89 10.64
N ASP D 192 20.34 0.06 10.07
CA ASP D 192 20.76 -1.06 9.26
C ASP D 192 20.94 -0.68 7.80
N ASP D 193 20.46 0.52 7.45
CA ASP D 193 20.54 1.01 6.07
C ASP D 193 21.79 1.80 5.78
N VAL D 194 22.50 2.20 6.83
CA VAL D 194 23.72 2.97 6.66
C VAL D 194 24.85 2.32 7.47
N LYS D 195 25.93 1.96 6.78
CA LYS D 195 27.10 1.33 7.42
C LYS D 195 28.39 1.87 6.85
N ALA D 196 29.51 1.41 7.41
CA ALA D 196 30.83 1.82 6.94
C ALA D 196 31.06 1.08 5.63
N THR D 197 30.27 0.03 5.42
CA THR D 197 30.38 -0.77 4.21
C THR D 197 29.64 -0.06 3.10
N THR D 198 28.81 0.92 3.47
CA THR D 198 28.02 1.70 2.53
C THR D 198 28.89 2.53 1.58
N ARG D 199 28.45 2.60 0.35
CA ARG D 199 29.19 3.32 -0.67
C ARG D 199 28.33 4.41 -1.31
N LEU D 200 27.39 4.00 -2.16
CA LEU D 200 26.52 4.97 -2.82
C LEU D 200 25.07 4.75 -2.44
N ILE D 201 24.47 5.72 -1.79
CA ILE D 201 23.06 5.60 -1.41
C ILE D 201 22.18 6.56 -2.19
N LEU D 202 21.28 6.01 -3.00
CA LEU D 202 20.34 6.82 -3.76
C LEU D 202 18.99 6.77 -3.04
N VAL D 203 18.55 7.89 -2.45
CA VAL D 203 17.26 7.89 -1.73
C VAL D 203 16.20 8.58 -2.60
N ASN D 204 14.95 8.13 -2.56
CA ASN D 204 13.99 8.83 -3.39
C ASN D 204 12.63 8.79 -2.80
N ALA D 205 12.21 9.95 -2.34
CA ALA D 205 10.92 10.09 -1.73
C ALA D 205 10.12 11.10 -2.53
N ILE D 206 8.94 11.46 -2.02
CA ILE D 206 8.12 12.41 -2.73
C ILE D 206 6.88 12.78 -1.94
N TYR D 207 6.64 14.08 -1.74
CA TYR D 207 5.46 14.55 -1.03
C TYR D 207 4.42 14.77 -2.14
N PHE D 208 3.23 15.23 -1.79
CA PHE D 208 2.17 15.50 -2.78
C PHE D 208 0.84 15.91 -2.19
N LYS D 209 0.41 17.13 -2.52
CA LYS D 209 -0.85 17.68 -2.04
C LYS D 209 -1.68 18.13 -3.22
N ALA D 210 -2.98 17.87 -3.17
CA ALA D 210 -3.89 18.30 -4.23
C ALA D 210 -5.33 18.22 -3.72
N GLU D 211 -6.05 19.32 -3.82
CA GLU D 211 -7.43 19.37 -3.38
C GLU D 211 -8.20 18.82 -4.56
N TRP D 212 -9.28 18.10 -4.32
CA TRP D 212 -10.02 17.56 -5.45
C TRP D 212 -10.63 18.75 -6.14
N GLU D 213 -11.20 18.49 -7.31
CA GLU D 213 -11.94 19.52 -8.00
C GLU D 213 -13.31 18.96 -7.60
N VAL D 214 -14.05 19.71 -6.81
CA VAL D 214 -15.36 19.26 -6.31
C VAL D 214 -15.20 18.31 -5.12
N LYS D 215 -14.96 18.88 -3.94
CA LYS D 215 -14.78 18.13 -2.70
C LYS D 215 -16.07 17.43 -2.22
N PHE D 216 -15.94 16.30 -1.52
CA PHE D 216 -17.09 15.56 -1.00
C PHE D 216 -17.57 16.23 0.28
N GLN D 217 -18.79 15.90 0.70
CA GLN D 217 -19.34 16.46 1.93
C GLN D 217 -19.15 15.41 3.01
N ALA D 218 -18.49 15.77 4.10
CA ALA D 218 -18.23 14.81 5.19
C ALA D 218 -19.51 14.33 5.87
N GLU D 219 -20.54 15.15 5.78
CA GLU D 219 -21.81 14.82 6.40
C GLU D 219 -22.36 13.61 5.70
N LYS D 220 -21.83 13.32 4.52
CA LYS D 220 -22.30 12.19 3.74
C LYS D 220 -21.48 10.93 3.84
N THR D 221 -20.33 10.99 4.48
CA THR D 221 -19.51 9.80 4.60
C THR D 221 -20.06 8.89 5.68
N SER D 222 -20.51 7.70 5.28
CA SER D 222 -21.05 6.70 6.19
C SER D 222 -20.14 5.48 6.24
N ILE D 223 -20.15 4.76 7.37
CA ILE D 223 -19.30 3.59 7.50
C ILE D 223 -19.94 2.42 6.77
N GLN D 224 -19.42 2.08 5.60
CA GLN D 224 -19.97 0.98 4.83
C GLN D 224 -19.04 -0.23 4.81
N PRO D 225 -19.46 -1.31 4.16
CA PRO D 225 -18.58 -2.47 4.11
C PRO D 225 -17.81 -2.55 2.80
N PHE D 226 -16.50 -2.76 2.89
CA PHE D 226 -15.69 -2.88 1.69
C PHE D 226 -15.60 -4.37 1.40
N ARG D 227 -16.52 -4.88 0.58
CA ARG D 227 -16.49 -6.30 0.27
C ARG D 227 -15.13 -6.75 -0.26
N LEU D 228 -14.61 -7.87 0.26
CA LEU D 228 -13.34 -8.41 -0.23
C LEU D 228 -13.66 -9.59 -1.10
N LYS D 230 -16.71 -13.17 -1.50
CA LYS D 230 -17.85 -14.00 -1.15
C LYS D 230 -17.71 -14.49 0.29
N ASN D 231 -16.58 -14.24 0.93
CA ASN D 231 -16.41 -14.73 2.30
C ASN D 231 -15.84 -13.70 3.27
N LYS D 232 -15.20 -12.67 2.73
CA LYS D 232 -14.62 -11.64 3.56
C LYS D 232 -15.25 -10.29 3.31
N SER D 233 -15.03 -9.38 4.25
CA SER D 233 -15.57 -8.02 4.20
C SER D 233 -15.23 -7.26 5.50
N LYS D 234 -14.89 -5.99 5.35
CA LYS D 234 -14.57 -5.17 6.49
C LYS D 234 -15.13 -3.80 6.15
N PRO D 235 -15.35 -2.94 7.17
CA PRO D 235 -15.90 -1.59 7.00
C PRO D 235 -14.92 -0.48 6.64
N VAL D 236 -15.46 0.60 6.08
CA VAL D 236 -14.67 1.76 5.65
C VAL D 236 -15.52 3.03 5.59
N LYS D 237 -14.95 4.17 5.98
CA LYS D 237 -15.68 5.43 5.88
C LYS D 237 -15.82 5.62 4.37
N MET D 238 -17.04 5.48 3.85
CA MET D 238 -17.27 5.57 2.41
C MET D 238 -17.80 6.92 1.94
N MET D 239 -16.93 7.75 1.36
CA MET D 239 -17.38 9.07 0.89
C MET D 239 -18.45 8.92 -0.18
N TYR D 240 -19.10 10.04 -0.51
CA TYR D 240 -20.16 10.02 -1.49
C TYR D 240 -20.57 11.38 -2.07
N MET D 241 -21.04 11.32 -3.32
CA MET D 241 -21.49 12.50 -4.02
C MET D 241 -22.07 12.08 -5.35
N ARG D 242 -22.90 12.96 -5.89
CA ARG D 242 -23.52 12.74 -7.19
C ARG D 242 -22.99 13.88 -8.07
N ASP D 243 -22.33 13.54 -9.17
CA ASP D 243 -21.85 14.57 -10.03
C ASP D 243 -21.50 13.97 -11.39
N THR D 244 -20.79 14.75 -12.20
CA THR D 244 -20.43 14.31 -13.52
C THR D 244 -18.93 14.04 -13.64
N PHE D 245 -18.58 12.89 -14.17
CA PHE D 245 -17.18 12.55 -14.32
C PHE D 245 -16.96 11.77 -15.60
N PRO D 246 -15.76 11.86 -16.16
CA PRO D 246 -15.60 11.09 -17.37
C PRO D 246 -15.61 9.65 -16.87
N VAL D 247 -16.40 8.82 -17.54
CA VAL D 247 -16.48 7.42 -17.16
C VAL D 247 -16.23 6.63 -18.40
N LEU D 248 -15.80 5.38 -18.22
CA LEU D 248 -15.56 4.53 -19.35
C LEU D 248 -16.07 3.18 -18.99
N ILE D 249 -17.08 2.75 -19.72
CA ILE D 249 -17.68 1.47 -19.46
C ILE D 249 -17.31 0.54 -20.57
N MET D 250 -17.36 -0.76 -20.27
CA MET D 250 -17.05 -1.78 -21.25
C MET D 250 -17.16 -3.18 -20.67
N GLU D 251 -18.12 -3.93 -21.20
CA GLU D 251 -18.38 -5.30 -20.77
C GLU D 251 -17.30 -6.17 -21.41
N LYS D 252 -16.67 -5.64 -22.44
CA LYS D 252 -15.60 -6.34 -23.14
C LYS D 252 -14.67 -6.92 -22.07
N MET D 253 -13.91 -6.06 -21.40
CA MET D 253 -12.99 -6.50 -20.35
C MET D 253 -13.61 -6.43 -18.96
N ASN D 254 -14.94 -6.35 -18.94
CA ASN D 254 -15.72 -6.28 -17.71
C ASN D 254 -15.12 -5.40 -16.62
N PHE D 255 -15.11 -4.08 -16.87
CA PHE D 255 -14.59 -3.09 -15.92
C PHE D 255 -14.93 -1.67 -16.38
N LYS D 256 -15.27 -0.81 -15.41
CA LYS D 256 -15.65 0.58 -15.70
C LYS D 256 -14.54 1.50 -15.19
N MET D 257 -14.31 2.60 -15.87
CA MET D 257 -13.26 3.50 -15.45
C MET D 257 -13.77 4.90 -15.19
N ILE D 258 -13.27 5.53 -14.13
CA ILE D 258 -13.71 6.86 -13.82
C ILE D 258 -12.53 7.73 -13.56
N GLU D 259 -12.67 8.98 -13.95
CA GLU D 259 -11.63 9.96 -13.78
C GLU D 259 -12.10 10.99 -12.78
N LEU D 260 -11.46 11.02 -11.63
CA LEU D 260 -11.82 11.98 -10.62
C LEU D 260 -10.68 12.97 -10.70
N PRO D 261 -10.92 14.12 -11.35
CA PRO D 261 -9.98 15.20 -11.57
C PRO D 261 -9.64 16.06 -10.38
N TYR D 262 -8.37 16.44 -10.26
CA TYR D 262 -7.94 17.31 -9.19
C TYR D 262 -8.22 18.72 -9.69
N VAL D 263 -7.98 19.72 -8.85
CA VAL D 263 -8.25 21.11 -9.24
C VAL D 263 -7.91 21.39 -10.68
N LYS D 264 -8.66 22.30 -11.30
CA LYS D 264 -8.45 22.67 -12.72
C LYS D 264 -8.10 21.49 -13.63
N ARG D 265 -8.38 20.28 -13.16
CA ARG D 265 -8.13 19.05 -13.91
C ARG D 265 -6.70 18.85 -14.45
N GLU D 266 -5.70 19.47 -13.80
CA GLU D 266 -4.31 19.35 -14.24
C GLU D 266 -3.85 17.91 -14.03
N LEU D 267 -4.07 17.42 -12.82
CA LEU D 267 -3.75 16.06 -12.41
C LEU D 267 -5.10 15.41 -12.03
N SER D 268 -5.26 14.13 -12.36
CA SER D 268 -6.50 13.41 -12.07
C SER D 268 -6.22 12.01 -11.54
N MET D 269 -7.16 11.46 -10.79
CA MET D 269 -7.00 10.11 -10.29
C MET D 269 -7.95 9.22 -11.07
N PHE D 270 -7.47 8.07 -11.51
CA PHE D 270 -8.32 7.15 -12.27
C PHE D 270 -8.55 5.85 -11.54
N ILE D 271 -9.80 5.45 -11.50
CA ILE D 271 -10.08 4.24 -10.80
C ILE D 271 -10.64 3.16 -11.66
N LEU D 272 -9.81 2.19 -11.99
CA LEU D 272 -10.30 1.07 -12.77
C LEU D 272 -10.94 0.16 -11.74
N LEU D 273 -12.25 0.00 -11.85
CA LEU D 273 -13.00 -0.82 -10.93
C LEU D 273 -13.63 -1.98 -11.71
N PRO D 274 -13.31 -3.23 -11.32
CA PRO D 274 -13.88 -4.37 -12.01
C PRO D 274 -15.37 -4.42 -11.75
N ASP D 275 -16.15 -4.56 -12.81
CA ASP D 275 -17.60 -4.61 -12.67
C ASP D 275 -18.07 -5.36 -11.42
N ASP D 276 -17.42 -6.47 -11.07
CA ASP D 276 -17.78 -7.25 -9.87
C ASP D 276 -16.84 -8.42 -9.55
N THR D 282 -9.82 -11.41 -5.27
CA THR D 282 -10.04 -9.98 -5.24
C THR D 282 -10.89 -9.62 -6.46
N GLY D 283 -10.83 -10.47 -7.48
CA GLY D 283 -11.56 -10.22 -8.70
C GLY D 283 -10.80 -9.32 -9.66
N LEU D 284 -9.64 -8.89 -9.18
CA LEU D 284 -8.72 -8.02 -9.92
C LEU D 284 -7.72 -8.78 -10.80
N GLU D 285 -7.35 -9.99 -10.35
CA GLU D 285 -6.37 -10.84 -11.03
C GLU D 285 -6.45 -10.84 -12.56
N GLN D 286 -7.66 -10.99 -13.09
CA GLN D 286 -7.87 -11.03 -14.54
C GLN D 286 -7.65 -9.65 -15.16
N LEU D 287 -8.13 -8.61 -14.49
CA LEU D 287 -7.96 -7.26 -15.02
C LEU D 287 -6.50 -6.83 -14.98
N GLU D 288 -5.73 -7.34 -14.03
CA GLU D 288 -4.32 -6.94 -13.95
C GLU D 288 -3.42 -7.63 -14.96
N ARG D 289 -3.89 -8.77 -15.44
CA ARG D 289 -3.19 -9.56 -16.42
C ARG D 289 -3.20 -8.72 -17.71
N GLU D 290 -4.41 -8.36 -18.15
CA GLU D 290 -4.64 -7.57 -19.38
C GLU D 290 -4.00 -6.18 -19.34
N LEU D 291 -3.63 -5.76 -18.14
CA LEU D 291 -3.00 -4.47 -17.89
C LEU D 291 -1.74 -4.21 -18.72
N THR D 292 -1.72 -3.08 -19.42
CA THR D 292 -0.59 -2.68 -20.26
C THR D 292 -0.51 -1.16 -20.21
N TYR D 293 0.59 -0.55 -20.66
CA TYR D 293 0.61 0.89 -20.64
C TYR D 293 -0.12 1.34 -21.89
N GLU D 294 -0.18 0.45 -22.86
CA GLU D 294 -0.87 0.72 -24.12
C GLU D 294 -2.34 0.88 -23.81
N ARG D 295 -2.94 -0.19 -23.31
CA ARG D 295 -4.35 -0.18 -22.97
C ARG D 295 -4.73 0.96 -22.03
N LEU D 296 -3.91 1.24 -21.02
CA LEU D 296 -4.22 2.34 -20.13
C LEU D 296 -4.27 3.66 -20.88
N SER D 297 -3.26 3.91 -21.71
CA SER D 297 -3.22 5.14 -22.47
C SER D 297 -4.35 5.24 -23.49
N GLU D 298 -4.65 4.14 -24.18
CA GLU D 298 -5.76 4.18 -25.15
C GLU D 298 -7.06 4.52 -24.43
N TRP D 299 -7.18 4.05 -23.18
CA TRP D 299 -8.37 4.28 -22.38
C TRP D 299 -8.55 5.66 -21.81
N ALA D 300 -7.70 6.03 -20.86
CA ALA D 300 -7.81 7.34 -20.27
C ALA D 300 -7.89 8.38 -21.38
N ASP D 301 -7.13 8.19 -22.44
CA ASP D 301 -7.15 9.14 -23.56
C ASP D 301 -8.28 8.85 -24.54
N SER D 302 -8.93 7.70 -24.36
CA SER D 302 -10.01 7.30 -25.24
C SER D 302 -11.17 8.24 -25.36
N LYS D 303 -11.54 8.48 -26.62
CA LYS D 303 -12.64 9.33 -26.98
C LYS D 303 -13.95 8.58 -26.69
N MET D 304 -13.83 7.45 -25.98
CA MET D 304 -14.99 6.62 -25.63
C MET D 304 -15.29 6.77 -24.14
N MET D 305 -14.40 7.47 -23.42
CA MET D 305 -14.56 7.71 -21.98
C MET D 305 -15.19 9.08 -21.81
N THR D 306 -16.50 9.12 -21.52
CA THR D 306 -17.18 10.41 -21.40
C THR D 306 -18.03 10.74 -20.18
N GLU D 307 -18.15 12.06 -19.95
CA GLU D 307 -18.90 12.63 -18.84
C GLU D 307 -20.22 11.93 -18.62
N THR D 308 -20.52 11.64 -17.35
CA THR D 308 -21.74 10.94 -17.03
C THR D 308 -22.16 11.28 -15.62
N LEU D 309 -23.46 11.44 -15.41
CA LEU D 309 -23.92 11.74 -14.05
C LEU D 309 -23.66 10.42 -13.31
N VAL D 310 -23.05 10.51 -12.12
CA VAL D 310 -22.71 9.30 -11.36
C VAL D 310 -22.90 9.44 -9.84
N ASP D 311 -23.41 8.37 -9.21
CA ASP D 311 -23.61 8.30 -7.76
C ASP D 311 -22.33 7.67 -7.25
N LEU D 312 -21.40 8.52 -6.82
CA LEU D 312 -20.10 8.04 -6.43
C LEU D 312 -19.84 7.66 -4.99
N HIS D 313 -19.37 6.43 -4.80
CA HIS D 313 -19.00 5.94 -3.48
C HIS D 313 -17.50 5.64 -3.48
N LEU D 314 -16.70 6.50 -2.84
CA LEU D 314 -15.25 6.31 -2.83
C LEU D 314 -14.71 6.13 -1.44
N PRO D 315 -14.23 4.92 -1.11
CA PRO D 315 -13.70 4.67 0.23
C PRO D 315 -12.64 5.66 0.61
N LYS D 316 -12.91 6.41 1.66
CA LYS D 316 -11.95 7.39 2.19
C LYS D 316 -10.77 6.52 2.60
N PHE D 317 -9.76 6.42 1.74
CA PHE D 317 -8.64 5.54 2.05
C PHE D 317 -7.27 6.15 2.21
N SER D 318 -6.29 5.30 2.50
CA SER D 318 -4.97 5.82 2.72
C SER D 318 -3.85 4.76 2.69
N LEU D 319 -2.84 5.00 1.84
CA LEU D 319 -1.69 4.11 1.63
C LEU D 319 -0.39 4.86 1.73
N GLU D 320 0.63 4.21 2.29
CA GLU D 320 2.00 4.75 2.44
C GLU D 320 2.92 3.59 2.20
N ASP D 321 4.00 3.80 1.49
CA ASP D 321 4.88 2.67 1.24
C ASP D 321 6.32 3.07 1.19
N ARG D 322 7.18 2.18 1.67
CA ARG D 322 8.61 2.39 1.67
C ARG D 322 9.11 1.18 0.98
N ILE D 323 10.06 1.36 0.07
CA ILE D 323 10.56 0.23 -0.68
C ILE D 323 12.04 0.24 -0.87
N ASP D 324 12.71 -0.85 -0.44
CA ASP D 324 14.12 -0.94 -0.66
C ASP D 324 14.21 -1.68 -1.99
N LEU D 325 14.36 -0.92 -3.07
CA LEU D 325 14.36 -1.46 -4.41
C LEU D 325 15.48 -2.38 -4.85
N ARG D 326 16.55 -2.50 -4.07
CA ARG D 326 17.66 -3.34 -4.51
C ARG D 326 17.27 -4.70 -5.12
N ASP D 327 16.67 -5.57 -4.33
CA ASP D 327 16.30 -6.88 -4.83
C ASP D 327 15.36 -6.77 -6.02
N THR D 328 14.43 -5.83 -5.93
CA THR D 328 13.44 -5.60 -6.97
C THR D 328 14.09 -5.26 -8.32
N LEU D 329 14.93 -4.24 -8.31
CA LEU D 329 15.60 -3.81 -9.53
C LEU D 329 16.57 -4.85 -10.06
N ARG D 330 17.25 -5.56 -9.17
CA ARG D 330 18.20 -6.59 -9.58
C ARG D 330 17.51 -7.58 -10.46
N ASN D 331 16.37 -7.99 -9.93
CA ASN D 331 15.49 -8.97 -10.50
C ASN D 331 14.83 -8.55 -11.79
N MET D 332 14.61 -7.24 -11.96
CA MET D 332 13.98 -6.70 -13.17
C MET D 332 14.99 -6.56 -14.31
N GLY D 333 16.26 -6.73 -13.99
CA GLY D 333 17.24 -6.61 -15.05
C GLY D 333 18.37 -5.68 -14.72
N MET D 334 18.32 -5.08 -13.53
CA MET D 334 19.37 -4.16 -13.09
C MET D 334 20.14 -4.94 -12.04
N THR D 335 21.33 -5.38 -12.41
CA THR D 335 22.15 -6.21 -11.54
C THR D 335 23.57 -5.68 -11.35
N THR D 336 24.19 -5.36 -12.46
CA THR D 336 25.56 -4.89 -12.47
C THR D 336 25.81 -3.59 -11.69
N ALA D 337 24.81 -2.72 -11.62
CA ALA D 337 24.99 -1.45 -10.92
C ALA D 337 25.18 -1.65 -9.43
N PHE D 338 25.06 -2.89 -8.97
CA PHE D 338 25.23 -3.16 -7.56
C PHE D 338 26.51 -3.95 -7.26
N THR D 339 27.12 -4.54 -8.30
CA THR D 339 28.34 -5.28 -8.10
C THR D 339 29.42 -4.23 -7.92
N THR D 340 30.53 -4.58 -7.28
CA THR D 340 31.63 -3.62 -7.09
C THR D 340 32.20 -3.23 -8.46
N ASN D 341 31.79 -3.98 -9.47
CA ASN D 341 32.21 -3.81 -10.85
C ASN D 341 31.13 -3.06 -11.63
N ALA D 342 30.76 -1.90 -11.08
CA ALA D 342 29.77 -1.00 -11.64
C ALA D 342 30.50 -0.01 -12.50
N ASP D 343 29.91 0.28 -13.65
CA ASP D 343 30.48 1.19 -14.62
C ASP D 343 30.00 2.63 -14.40
N PHE D 344 29.94 3.04 -13.13
CA PHE D 344 29.49 4.39 -12.83
C PHE D 344 30.56 5.41 -13.09
N ARG D 345 31.46 5.08 -14.01
CA ARG D 345 32.56 5.97 -14.36
C ARG D 345 32.02 7.28 -14.93
N GLY D 346 30.70 7.34 -15.03
CA GLY D 346 30.07 8.54 -15.53
C GLY D 346 30.20 9.65 -14.50
N MET D 347 30.30 9.29 -13.23
CA MET D 347 30.43 10.30 -12.18
C MET D 347 31.71 10.18 -11.38
N THR D 348 32.25 8.98 -11.28
CA THR D 348 33.49 8.75 -10.53
C THR D 348 34.49 7.98 -11.36
N ASP D 349 35.66 7.70 -10.77
CA ASP D 349 36.71 6.97 -11.48
C ASP D 349 37.18 5.77 -10.66
N LEU D 353 33.03 1.40 -6.88
CA LEU D 353 31.78 2.04 -6.48
C LEU D 353 30.57 1.45 -7.19
N ALA D 354 29.52 1.21 -6.42
CA ALA D 354 28.30 0.64 -6.96
C ALA D 354 27.17 1.10 -6.08
N ILE D 355 25.94 1.03 -6.57
CA ILE D 355 24.84 1.46 -5.73
C ILE D 355 24.73 0.40 -4.65
N SER D 356 24.72 0.83 -3.40
CA SER D 356 24.60 -0.13 -2.32
C SER D 356 23.16 -0.24 -1.83
N LYS D 357 22.36 0.79 -2.07
CA LYS D 357 20.95 0.78 -1.67
C LYS D 357 20.16 1.77 -2.53
N VAL D 358 18.84 1.75 -2.38
CA VAL D 358 17.91 2.64 -3.08
C VAL D 358 16.63 2.60 -2.25
N ILE D 359 16.43 3.61 -1.44
CA ILE D 359 15.25 3.68 -0.60
C ILE D 359 14.24 4.66 -1.16
N HIS D 360 13.07 4.17 -1.55
CA HIS D 360 12.03 5.06 -2.06
C HIS D 360 10.90 5.09 -1.07
N GLN D 361 10.10 6.16 -1.07
CA GLN D 361 8.97 6.19 -0.16
C GLN D 361 7.86 7.21 -0.50
N SER D 362 6.73 6.72 -0.99
CA SER D 362 5.61 7.58 -1.30
C SER D 362 4.39 7.20 -0.46
N PHE D 363 3.35 8.02 -0.51
CA PHE D 363 2.15 7.76 0.26
C PHE D 363 1.00 8.51 -0.37
N VAL D 364 -0.21 8.22 0.07
CA VAL D 364 -1.39 8.89 -0.45
C VAL D 364 -2.49 8.78 0.57
N ALA D 365 -3.39 9.76 0.59
CA ALA D 365 -4.47 9.67 1.55
C ALA D 365 -5.74 10.31 0.99
N VAL D 366 -6.46 9.56 0.17
CA VAL D 366 -7.71 10.04 -0.41
C VAL D 366 -8.66 10.40 0.72
N ASP D 367 -9.30 11.57 0.59
CA ASP D 367 -10.25 12.05 1.59
C ASP D 367 -11.26 12.95 0.88
N GLU D 368 -12.12 13.64 1.63
CA GLU D 368 -13.09 14.53 1.01
C GLU D 368 -12.37 15.71 0.37
N LYS D 369 -11.05 15.66 0.28
CA LYS D 369 -10.33 16.77 -0.31
C LYS D 369 -9.27 16.31 -1.30
N GLY D 370 -9.10 15.00 -1.45
CA GLY D 370 -8.10 14.53 -2.40
C GLY D 370 -6.96 13.83 -1.71
N THR D 371 -5.97 14.58 -1.26
CA THR D 371 -4.85 13.97 -0.56
C THR D 371 -4.27 15.03 0.36
N GLU D 372 -3.52 14.60 1.38
CA GLU D 372 -2.90 15.49 2.36
C GLU D 372 -3.11 16.97 2.03
N ALA D 373 -4.36 17.44 2.11
CA ALA D 373 -4.64 18.83 1.77
C ALA D 373 -4.89 19.79 2.92
N ALA D 374 -4.39 21.00 2.76
CA ALA D 374 -4.58 22.06 3.72
C ALA D 374 -6.00 22.48 3.36
N ALA D 375 -6.98 22.15 4.19
CA ALA D 375 -8.38 22.45 3.89
C ALA D 375 -9.03 23.60 4.63
N ALA D 376 -10.23 23.96 4.17
CA ALA D 376 -11.03 25.03 4.73
C ALA D 376 -12.07 25.28 3.66
N THR D 377 -13.07 24.41 3.64
CA THR D 377 -14.11 24.53 2.65
C THR D 377 -15.26 25.42 3.17
N ALA D 378 -14.89 26.47 3.90
CA ALA D 378 -15.82 27.45 4.49
C ALA D 378 -17.28 27.38 4.10
N VAL D 379 -17.59 27.83 2.89
CA VAL D 379 -18.95 27.84 2.37
C VAL D 379 -19.35 26.60 1.56
N ILE D 380 -20.20 25.75 2.12
CA ILE D 380 -20.67 24.57 1.41
C ILE D 380 -22.13 24.81 1.09
N ILE D 381 -22.48 24.84 -0.17
CA ILE D 381 -23.86 25.10 -0.54
C ILE D 381 -24.27 24.20 -1.70
N SER D 382 -24.75 23.01 -1.38
CA SER D 382 -25.18 22.08 -2.42
C SER D 382 -26.65 22.32 -2.83
N PHE D 383 -26.98 22.05 -4.10
CA PHE D 383 -28.36 22.23 -4.55
C PHE D 383 -28.90 20.95 -5.10
N THR D 384 -29.30 20.06 -4.21
CA THR D 384 -29.90 18.80 -4.61
C THR D 384 -31.16 19.17 -5.38
N THR D 385 -31.18 18.89 -6.68
CA THR D 385 -32.37 19.23 -7.46
C THR D 385 -32.85 18.02 -8.30
N SER D 386 -33.86 18.13 -9.15
CA SER D 386 -34.35 16.87 -9.69
C SER D 386 -34.60 16.24 -11.07
N VAL D 387 -34.21 14.97 -11.07
CA VAL D 387 -34.40 13.96 -12.11
C VAL D 387 -33.68 13.94 -13.46
N HIS D 390 -30.94 9.74 -14.82
CA HIS D 390 -30.81 8.38 -14.26
C HIS D 390 -29.32 8.45 -13.99
N VAL D 391 -28.90 7.54 -13.09
CA VAL D 391 -27.55 7.41 -12.58
C VAL D 391 -26.69 6.17 -12.89
N LEU D 392 -25.38 6.36 -13.05
CA LEU D 392 -24.46 5.25 -13.29
C LEU D 392 -23.91 5.11 -11.88
N LYS D 393 -24.37 4.07 -11.21
CA LYS D 393 -23.94 3.80 -9.87
C LYS D 393 -22.52 3.33 -10.01
N PHE D 394 -21.60 4.13 -9.50
CA PHE D 394 -20.20 3.78 -9.54
C PHE D 394 -19.71 3.60 -8.11
N LYS D 395 -20.15 2.52 -7.48
CA LYS D 395 -19.76 2.22 -6.11
C LYS D 395 -18.39 1.60 -6.15
N VAL D 396 -17.47 2.16 -5.38
CA VAL D 396 -16.13 1.61 -5.31
C VAL D 396 -16.06 0.92 -3.97
N ASP D 397 -16.68 -0.27 -3.88
CA ASP D 397 -16.69 -1.00 -2.63
C ASP D 397 -15.95 -2.35 -2.69
N HIS D 398 -15.09 -2.51 -3.69
CA HIS D 398 -14.30 -3.73 -3.80
C HIS D 398 -12.94 -3.48 -4.44
N PRO D 399 -12.00 -4.43 -4.28
CA PRO D 399 -10.66 -4.26 -4.85
C PRO D 399 -10.68 -3.47 -6.14
N PHE D 400 -9.79 -2.47 -6.25
CA PHE D 400 -9.70 -1.65 -7.45
C PHE D 400 -8.26 -1.22 -7.73
N HIS D 401 -8.08 -0.60 -8.89
CA HIS D 401 -6.78 -0.09 -9.28
C HIS D 401 -6.93 1.40 -9.26
N PHE D 402 -5.87 2.12 -8.97
CA PHE D 402 -6.01 3.55 -8.99
C PHE D 402 -4.66 4.20 -9.18
N PHE D 403 -4.60 5.17 -10.08
CA PHE D 403 -3.37 5.92 -10.34
C PHE D 403 -3.65 7.41 -10.49
N ILE D 404 -2.62 8.21 -10.35
CA ILE D 404 -2.77 9.65 -10.48
C ILE D 404 -1.88 10.09 -11.59
N ARG D 405 -2.42 10.94 -12.48
CA ARG D 405 -1.67 11.37 -13.64
C ARG D 405 -1.66 12.86 -13.97
N HIS D 406 -0.58 13.33 -14.58
CA HIS D 406 -0.49 14.74 -14.99
C HIS D 406 -1.04 14.79 -16.41
N ASN D 407 -2.37 14.68 -16.50
CA ASN D 407 -3.12 14.67 -17.74
C ASN D 407 -2.51 15.42 -18.90
N LYS D 408 -1.98 16.60 -18.63
CA LYS D 408 -1.33 17.38 -19.69
C LYS D 408 -0.31 16.51 -20.43
N SER D 409 0.60 15.89 -19.66
CA SER D 409 1.65 15.06 -20.22
C SER D 409 1.46 13.55 -20.08
N LYS D 410 0.36 13.10 -19.49
CA LYS D 410 0.10 11.65 -19.31
C LYS D 410 1.09 10.89 -18.41
N THR D 411 1.96 11.63 -17.74
CA THR D 411 2.93 11.02 -16.87
C THR D 411 2.20 10.45 -15.66
N ILE D 412 2.33 9.16 -15.43
CA ILE D 412 1.69 8.55 -14.27
C ILE D 412 2.63 8.88 -13.11
N LEU D 413 2.12 9.55 -12.08
CA LEU D 413 2.97 9.91 -10.95
C LEU D 413 2.85 8.92 -9.82
N PHE D 414 1.64 8.43 -9.60
CA PHE D 414 1.42 7.45 -8.55
C PHE D 414 0.59 6.35 -9.16
N PHE D 415 0.74 5.13 -8.64
CA PHE D 415 0.00 4.00 -9.18
C PHE D 415 -0.19 3.00 -8.09
N GLY D 416 -1.36 2.37 -8.07
CA GLY D 416 -1.60 1.39 -7.03
C GLY D 416 -2.79 0.47 -7.18
N ARG D 417 -2.90 -0.38 -6.19
CA ARG D 417 -3.99 -1.31 -6.15
C ARG D 417 -4.51 -1.25 -4.74
N PHE D 418 -5.82 -1.11 -4.59
CA PHE D 418 -6.38 -1.11 -3.25
C PHE D 418 -7.30 -2.31 -3.17
N CYS D 419 -7.16 -3.09 -2.11
CA CYS D 419 -7.96 -4.29 -1.95
C CYS D 419 -7.91 -4.84 -0.53
N CYS D 420 -7.22 -4.14 0.38
CA CYS D 420 -7.09 -4.61 1.76
C CYS D 420 -7.09 -3.52 2.85
N PRO D 421 -8.20 -3.38 3.59
CA PRO D 421 -8.33 -2.39 4.67
C PRO D 421 -7.73 -3.11 5.87
N VAL D 422 -7.34 -4.35 5.61
CA VAL D 422 -6.76 -5.25 6.60
C VAL D 422 -5.69 -4.58 7.44
N GLU D 423 -5.95 -4.46 8.73
CA GLU D 423 -4.96 -3.82 9.60
C GLU D 423 -4.10 -4.87 10.33
#